data_1GWL
# 
_entry.id   1GWL 
# 
_audit_conform.dict_name       mmcif_pdbx.dic 
_audit_conform.dict_version    5.391 
_audit_conform.dict_location   http://mmcif.pdb.org/dictionaries/ascii/mmcif_pdbx.dic 
# 
loop_
_database_2.database_id 
_database_2.database_code 
_database_2.pdbx_database_accession 
_database_2.pdbx_DOI 
PDB   1GWL         pdb_00001gwl 10.2210/pdb1gwl/pdb 
PDBE  EBI-9581     ?            ?                   
WWPDB D_1290009581 ?            ?                   
# 
loop_
_pdbx_audit_revision_history.ordinal 
_pdbx_audit_revision_history.data_content_type 
_pdbx_audit_revision_history.major_revision 
_pdbx_audit_revision_history.minor_revision 
_pdbx_audit_revision_history.revision_date 
1 'Structure model' 1 0 2003-03-20 
2 'Structure model' 1 1 2011-07-13 
3 'Structure model' 2 0 2020-07-29 
4 'Structure model' 2 1 2024-05-01 
# 
loop_
_pdbx_audit_revision_details.ordinal 
_pdbx_audit_revision_details.revision_ordinal 
_pdbx_audit_revision_details.data_content_type 
_pdbx_audit_revision_details.provider 
_pdbx_audit_revision_details.type 
_pdbx_audit_revision_details.description 
_pdbx_audit_revision_details.details 
1 1 'Structure model' repository 'Initial release' ?                          ? 
2 3 'Structure model' repository Remediation       'Carbohydrate remediation' ? 
# 
loop_
_pdbx_audit_revision_group.ordinal 
_pdbx_audit_revision_group.revision_ordinal 
_pdbx_audit_revision_group.data_content_type 
_pdbx_audit_revision_group.group 
1  2 'Structure model' Advisory                    
2  2 'Structure model' 'Atomic model'              
3  2 'Structure model' 'Version format compliance' 
4  3 'Structure model' 'Atomic model'              
5  3 'Structure model' 'Data collection'           
6  3 'Structure model' 'Derived calculations'      
7  3 'Structure model' Other                       
8  3 'Structure model' 'Structure summary'         
9  4 'Structure model' 'Data collection'           
10 4 'Structure model' 'Database references'       
11 4 'Structure model' 'Refinement description'    
12 4 'Structure model' 'Structure summary'         
# 
loop_
_pdbx_audit_revision_category.ordinal 
_pdbx_audit_revision_category.revision_ordinal 
_pdbx_audit_revision_category.data_content_type 
_pdbx_audit_revision_category.category 
1  3 'Structure model' atom_site                     
2  3 'Structure model' chem_comp                     
3  3 'Structure model' entity                        
4  3 'Structure model' pdbx_branch_scheme            
5  3 'Structure model' pdbx_chem_comp_identifier     
6  3 'Structure model' pdbx_database_status          
7  3 'Structure model' pdbx_entity_branch            
8  3 'Structure model' pdbx_entity_branch_descriptor 
9  3 'Structure model' pdbx_entity_branch_link       
10 3 'Structure model' pdbx_entity_branch_list       
11 3 'Structure model' pdbx_entity_nonpoly           
12 3 'Structure model' pdbx_nonpoly_scheme           
13 3 'Structure model' pdbx_struct_assembly_gen      
14 3 'Structure model' struct_asym                   
15 3 'Structure model' struct_conn                   
16 3 'Structure model' struct_site                   
17 3 'Structure model' struct_site_gen               
18 4 'Structure model' chem_comp                     
19 4 'Structure model' chem_comp_atom                
20 4 'Structure model' chem_comp_bond                
21 4 'Structure model' database_2                    
22 4 'Structure model' pdbx_initial_refinement_model 
# 
loop_
_pdbx_audit_revision_item.ordinal 
_pdbx_audit_revision_item.revision_ordinal 
_pdbx_audit_revision_item.data_content_type 
_pdbx_audit_revision_item.item 
1  3 'Structure model' '_atom_site.auth_asym_id'                
2  3 'Structure model' '_atom_site.auth_seq_id'                 
3  3 'Structure model' '_atom_site.label_asym_id'               
4  3 'Structure model' '_chem_comp.name'                        
5  3 'Structure model' '_chem_comp.type'                        
6  3 'Structure model' '_entity.formula_weight'                 
7  3 'Structure model' '_entity.pdbx_description'               
8  3 'Structure model' '_entity.pdbx_number_of_molecules'       
9  3 'Structure model' '_entity.type'                           
10 3 'Structure model' '_pdbx_database_status.status_code_sf'   
11 3 'Structure model' '_pdbx_struct_assembly_gen.asym_id_list' 
12 3 'Structure model' '_struct_conn.pdbx_leaving_atom_flag'    
13 3 'Structure model' '_struct_conn.ptnr1_auth_asym_id'        
14 3 'Structure model' '_struct_conn.ptnr1_auth_seq_id'         
15 3 'Structure model' '_struct_conn.ptnr1_label_asym_id'       
16 3 'Structure model' '_struct_conn.ptnr2_auth_asym_id'        
17 3 'Structure model' '_struct_conn.ptnr2_auth_seq_id'         
18 3 'Structure model' '_struct_conn.ptnr2_label_asym_id'       
19 4 'Structure model' '_chem_comp.pdbx_synonyms'               
20 4 'Structure model' '_database_2.pdbx_DOI'                   
21 4 'Structure model' '_database_2.pdbx_database_accession'    
# 
_pdbx_database_status.status_code                     REL 
_pdbx_database_status.entry_id                        1GWL 
_pdbx_database_status.deposit_site                    PDBE 
_pdbx_database_status.process_site                    PDBE 
_pdbx_database_status.SG_entry                        . 
_pdbx_database_status.recvd_initial_deposition_date   2002-03-19 
_pdbx_database_status.pdb_format_compatible           Y 
_pdbx_database_status.status_code_sf                  REL 
_pdbx_database_status.status_code_mr                  ? 
_pdbx_database_status.status_code_cs                  ? 
_pdbx_database_status.methods_development_category    ? 
_pdbx_database_status.status_code_nmr_data            ? 
# 
loop_
_pdbx_database_related.db_name 
_pdbx_database_related.db_id 
_pdbx_database_related.content_type 
_pdbx_database_related.details 
PDB 1GWK unspecified 'CARBOHYDRATE BINDING MODULE FAMILY29'                             
PDB 1GWM unspecified 'CARBOHYDRATE BINDING MODULE FAMILY29 COMPLEXED WITH GLUCOHEXAOSE' 
# 
loop_
_audit_author.name 
_audit_author.pdbx_ordinal 
'Charnock, S.J.' 1 
'Nurizzo, D.'    2 
'Davies, G.J.'   3 
# 
_citation.id                        primary 
_citation.title                     
;Promiscuity in Ligand-Binding: The Three-Dimensional Structure of a Piromyces Carbohydrate-Binding Module,Cbm29-2,in Complex with Cello- and Mannohexaose
;
_citation.journal_abbrev            Proc.Natl.Acad.Sci.USA 
_citation.journal_volume            99 
_citation.page_first                14077 
_citation.page_last                 ? 
_citation.year                      2002 
_citation.journal_id_ASTM           PNASA6 
_citation.country                   US 
_citation.journal_id_ISSN           0027-8424 
_citation.journal_id_CSD            0040 
_citation.book_publisher            ? 
_citation.pdbx_database_id_PubMed   12391332 
_citation.pdbx_database_id_DOI      10.1073/PNAS.212516199 
# 
loop_
_citation_author.citation_id 
_citation_author.name 
_citation_author.ordinal 
_citation_author.identifier_ORCID 
primary 'Charnock, S.J.' 1 ? 
primary 'Bolam, D.'      2 ? 
primary 'Nurizzo, D.'    3 ? 
primary 'Szabo, L.'      4 ? 
primary 'Mckie, V.'      5 ? 
primary 'Gilbert, H.'    6 ? 
primary 'Davies, G.J.'   7 ? 
# 
loop_
_entity.id 
_entity.type 
_entity.src_method 
_entity.pdbx_description 
_entity.formula_weight 
_entity.pdbx_number_of_molecules 
_entity.pdbx_ec 
_entity.pdbx_mutation 
_entity.pdbx_fragment 
_entity.details 
1 polymer  man 'NON-CATALYTIC PROTEIN 1' 17263.053 1   ? ? 'CARBOHYDRATE BINDING MODULE FAMILY 29 RESIDUES 335-478' ? 
2 branched man 
;beta-D-mannopyranose-(1-4)-beta-D-mannopyranose-(1-4)-beta-D-mannopyranose-(1-4)-beta-D-mannopyranose-(1-4)-beta-D-mannopyranose-(1-4)-beta-D-mannopyranose
;
990.860   1   ? ? ?                                                        ? 
3 water    nat water 18.015    200 ? ? ?                                                        ? 
# 
_entity_name_com.entity_id   1 
_entity_name_com.name        NCP1 
# 
_entity_poly.entity_id                      1 
_entity_poly.type                           'polypeptide(L)' 
_entity_poly.nstd_linkage                   no 
_entity_poly.nstd_monomer                   no 
_entity_poly.pdbx_seq_one_letter_code       
;MNVRATYTVIFKNASGLPNGYDNWGWGCTLSYYGGAMIINPQEGKYGAVSLKRNSGSFRGGSLRFDMKNEGKVKILVENS
EADEKFEVETISPSDEYVTYILDVDFDLPFDRIDFQDAPGNGDRIWIKNLVHSTGSADDFVDPINLEHHHHHH
;
_entity_poly.pdbx_seq_one_letter_code_can   
;MNVRATYTVIFKNASGLPNGYDNWGWGCTLSYYGGAMIINPQEGKYGAVSLKRNSGSFRGGSLRFDMKNEGKVKILVENS
EADEKFEVETISPSDEYVTYILDVDFDLPFDRIDFQDAPGNGDRIWIKNLVHSTGSADDFVDPINLEHHHHHH
;
_entity_poly.pdbx_strand_id                 A 
_entity_poly.pdbx_target_identifier         ? 
# 
_pdbx_entity_nonpoly.entity_id   3 
_pdbx_entity_nonpoly.name        water 
_pdbx_entity_nonpoly.comp_id     HOH 
# 
loop_
_entity_poly_seq.entity_id 
_entity_poly_seq.num 
_entity_poly_seq.mon_id 
_entity_poly_seq.hetero 
1 1   MET n 
1 2   ASN n 
1 3   VAL n 
1 4   ARG n 
1 5   ALA n 
1 6   THR n 
1 7   TYR n 
1 8   THR n 
1 9   VAL n 
1 10  ILE n 
1 11  PHE n 
1 12  LYS n 
1 13  ASN n 
1 14  ALA n 
1 15  SER n 
1 16  GLY n 
1 17  LEU n 
1 18  PRO n 
1 19  ASN n 
1 20  GLY n 
1 21  TYR n 
1 22  ASP n 
1 23  ASN n 
1 24  TRP n 
1 25  GLY n 
1 26  TRP n 
1 27  GLY n 
1 28  CYS n 
1 29  THR n 
1 30  LEU n 
1 31  SER n 
1 32  TYR n 
1 33  TYR n 
1 34  GLY n 
1 35  GLY n 
1 36  ALA n 
1 37  MET n 
1 38  ILE n 
1 39  ILE n 
1 40  ASN n 
1 41  PRO n 
1 42  GLN n 
1 43  GLU n 
1 44  GLY n 
1 45  LYS n 
1 46  TYR n 
1 47  GLY n 
1 48  ALA n 
1 49  VAL n 
1 50  SER n 
1 51  LEU n 
1 52  LYS n 
1 53  ARG n 
1 54  ASN n 
1 55  SER n 
1 56  GLY n 
1 57  SER n 
1 58  PHE n 
1 59  ARG n 
1 60  GLY n 
1 61  GLY n 
1 62  SER n 
1 63  LEU n 
1 64  ARG n 
1 65  PHE n 
1 66  ASP n 
1 67  MET n 
1 68  LYS n 
1 69  ASN n 
1 70  GLU n 
1 71  GLY n 
1 72  LYS n 
1 73  VAL n 
1 74  LYS n 
1 75  ILE n 
1 76  LEU n 
1 77  VAL n 
1 78  GLU n 
1 79  ASN n 
1 80  SER n 
1 81  GLU n 
1 82  ALA n 
1 83  ASP n 
1 84  GLU n 
1 85  LYS n 
1 86  PHE n 
1 87  GLU n 
1 88  VAL n 
1 89  GLU n 
1 90  THR n 
1 91  ILE n 
1 92  SER n 
1 93  PRO n 
1 94  SER n 
1 95  ASP n 
1 96  GLU n 
1 97  TYR n 
1 98  VAL n 
1 99  THR n 
1 100 TYR n 
1 101 ILE n 
1 102 LEU n 
1 103 ASP n 
1 104 VAL n 
1 105 ASP n 
1 106 PHE n 
1 107 ASP n 
1 108 LEU n 
1 109 PRO n 
1 110 PHE n 
1 111 ASP n 
1 112 ARG n 
1 113 ILE n 
1 114 ASP n 
1 115 PHE n 
1 116 GLN n 
1 117 ASP n 
1 118 ALA n 
1 119 PRO n 
1 120 GLY n 
1 121 ASN n 
1 122 GLY n 
1 123 ASP n 
1 124 ARG n 
1 125 ILE n 
1 126 TRP n 
1 127 ILE n 
1 128 LYS n 
1 129 ASN n 
1 130 LEU n 
1 131 VAL n 
1 132 HIS n 
1 133 SER n 
1 134 THR n 
1 135 GLY n 
1 136 SER n 
1 137 ALA n 
1 138 ASP n 
1 139 ASP n 
1 140 PHE n 
1 141 VAL n 
1 142 ASP n 
1 143 PRO n 
1 144 ILE n 
1 145 ASN n 
1 146 LEU n 
1 147 GLU n 
1 148 HIS n 
1 149 HIS n 
1 150 HIS n 
1 151 HIS n 
1 152 HIS n 
1 153 HIS n 
# 
_entity_src_gen.entity_id                          1 
_entity_src_gen.pdbx_src_id                        1 
_entity_src_gen.pdbx_alt_source_flag               sample 
_entity_src_gen.pdbx_seq_type                      ? 
_entity_src_gen.pdbx_beg_seq_num                   ? 
_entity_src_gen.pdbx_end_seq_num                   ? 
_entity_src_gen.gene_src_common_name               ? 
_entity_src_gen.gene_src_genus                     ? 
_entity_src_gen.pdbx_gene_src_gene                 ? 
_entity_src_gen.gene_src_species                   ? 
_entity_src_gen.gene_src_strain                    ? 
_entity_src_gen.gene_src_tissue                    ? 
_entity_src_gen.gene_src_tissue_fraction           ? 
_entity_src_gen.gene_src_details                   ? 
_entity_src_gen.pdbx_gene_src_fragment             ? 
_entity_src_gen.pdbx_gene_src_scientific_name      'PIROMYCES EQUI' 
_entity_src_gen.pdbx_gene_src_ncbi_taxonomy_id     99929 
_entity_src_gen.pdbx_gene_src_variant              ? 
_entity_src_gen.pdbx_gene_src_cell_line            ? 
_entity_src_gen.pdbx_gene_src_atcc                 ? 
_entity_src_gen.pdbx_gene_src_organ                ? 
_entity_src_gen.pdbx_gene_src_organelle            ? 
_entity_src_gen.pdbx_gene_src_cell                 ? 
_entity_src_gen.pdbx_gene_src_cellular_location    ? 
_entity_src_gen.host_org_common_name               ? 
_entity_src_gen.pdbx_host_org_scientific_name      'ESCHERICHIA COLI' 
_entity_src_gen.pdbx_host_org_ncbi_taxonomy_id     511693 
_entity_src_gen.host_org_genus                     ? 
_entity_src_gen.pdbx_host_org_gene                 ? 
_entity_src_gen.pdbx_host_org_organ                ? 
_entity_src_gen.host_org_species                   ? 
_entity_src_gen.pdbx_host_org_tissue               ? 
_entity_src_gen.pdbx_host_org_tissue_fraction      ? 
_entity_src_gen.pdbx_host_org_strain               BL21 
_entity_src_gen.pdbx_host_org_variant              ? 
_entity_src_gen.pdbx_host_org_cell_line            ? 
_entity_src_gen.pdbx_host_org_atcc                 ? 
_entity_src_gen.pdbx_host_org_culture_collection   ? 
_entity_src_gen.pdbx_host_org_cell                 ? 
_entity_src_gen.pdbx_host_org_organelle            ? 
_entity_src_gen.pdbx_host_org_cellular_location    ? 
_entity_src_gen.pdbx_host_org_vector_type          ? 
_entity_src_gen.pdbx_host_org_vector               ? 
_entity_src_gen.host_org_details                   ? 
_entity_src_gen.expression_system_id               ? 
_entity_src_gen.plasmid_name                       PET22B 
_entity_src_gen.plasmid_details                    ? 
_entity_src_gen.pdbx_description                   ? 
# 
_pdbx_entity_branch.entity_id   2 
_pdbx_entity_branch.type        oligosaccharide 
# 
loop_
_pdbx_entity_branch_descriptor.ordinal 
_pdbx_entity_branch_descriptor.entity_id 
_pdbx_entity_branch_descriptor.descriptor 
_pdbx_entity_branch_descriptor.type 
_pdbx_entity_branch_descriptor.program 
_pdbx_entity_branch_descriptor.program_version 
1 2 DManpb1-4DManpb1-4DManpb1-4DManpb1-4DManpb1-4DManpb1-ROH                                                        
'Glycam Condensed Sequence' GMML       1.0   
2 2 'WURCS=2.0/1,6,5/[a1122h-1b_1-5]/1-1-1-1-1-1/a4-b1_b4-c1_c4-d1_d4-e1_e4-f1'                                     WURCS 
PDB2Glycan 1.1.0 
3 2 '[][b-D-Manp]{[(4+1)][b-D-Manp]{[(4+1)][b-D-Manp]{[(4+1)][b-D-Manp]{[(4+1)][b-D-Manp]{[(4+1)][b-D-Manp]{}}}}}}' LINUCS 
PDB-CARE   ?     
# 
loop_
_pdbx_entity_branch_link.link_id 
_pdbx_entity_branch_link.entity_id 
_pdbx_entity_branch_link.entity_branch_list_num_1 
_pdbx_entity_branch_link.comp_id_1 
_pdbx_entity_branch_link.atom_id_1 
_pdbx_entity_branch_link.leaving_atom_id_1 
_pdbx_entity_branch_link.entity_branch_list_num_2 
_pdbx_entity_branch_link.comp_id_2 
_pdbx_entity_branch_link.atom_id_2 
_pdbx_entity_branch_link.leaving_atom_id_2 
_pdbx_entity_branch_link.value_order 
_pdbx_entity_branch_link.details 
1 2 2 BMA C1 O1 1 BMA O4 HO4 sing ? 
2 2 3 BMA C1 O1 2 BMA O4 HO4 sing ? 
3 2 4 BMA C1 O1 3 BMA O4 HO4 sing ? 
4 2 5 BMA C1 O1 4 BMA O4 HO4 sing ? 
5 2 6 BMA C1 O1 5 BMA O4 HO4 sing ? 
# 
loop_
_chem_comp.id 
_chem_comp.type 
_chem_comp.mon_nstd_flag 
_chem_comp.name 
_chem_comp.pdbx_synonyms 
_chem_comp.formula 
_chem_comp.formula_weight 
ALA 'L-peptide linking'          y ALANINE              ?                                    'C3 H7 N O2'     89.093  
ARG 'L-peptide linking'          y ARGININE             ?                                    'C6 H15 N4 O2 1' 175.209 
ASN 'L-peptide linking'          y ASPARAGINE           ?                                    'C4 H8 N2 O3'    132.118 
ASP 'L-peptide linking'          y 'ASPARTIC ACID'      ?                                    'C4 H7 N O4'     133.103 
BMA 'D-saccharide, beta linking' . beta-D-mannopyranose 'beta-D-mannose; D-mannose; mannose' 'C6 H12 O6'      180.156 
CYS 'L-peptide linking'          y CYSTEINE             ?                                    'C3 H7 N O2 S'   121.158 
GLN 'L-peptide linking'          y GLUTAMINE            ?                                    'C5 H10 N2 O3'   146.144 
GLU 'L-peptide linking'          y 'GLUTAMIC ACID'      ?                                    'C5 H9 N O4'     147.129 
GLY 'peptide linking'            y GLYCINE              ?                                    'C2 H5 N O2'     75.067  
HIS 'L-peptide linking'          y HISTIDINE            ?                                    'C6 H10 N3 O2 1' 156.162 
HOH non-polymer                  . WATER                ?                                    'H2 O'           18.015  
ILE 'L-peptide linking'          y ISOLEUCINE           ?                                    'C6 H13 N O2'    131.173 
LEU 'L-peptide linking'          y LEUCINE              ?                                    'C6 H13 N O2'    131.173 
LYS 'L-peptide linking'          y LYSINE               ?                                    'C6 H15 N2 O2 1' 147.195 
MET 'L-peptide linking'          y METHIONINE           ?                                    'C5 H11 N O2 S'  149.211 
PHE 'L-peptide linking'          y PHENYLALANINE        ?                                    'C9 H11 N O2'    165.189 
PRO 'L-peptide linking'          y PROLINE              ?                                    'C5 H9 N O2'     115.130 
SER 'L-peptide linking'          y SERINE               ?                                    'C3 H7 N O3'     105.093 
THR 'L-peptide linking'          y THREONINE            ?                                    'C4 H9 N O3'     119.119 
TRP 'L-peptide linking'          y TRYPTOPHAN           ?                                    'C11 H12 N2 O2'  204.225 
TYR 'L-peptide linking'          y TYROSINE             ?                                    'C9 H11 N O3'    181.189 
VAL 'L-peptide linking'          y VALINE               ?                                    'C5 H11 N O2'    117.146 
# 
loop_
_pdbx_chem_comp_identifier.comp_id 
_pdbx_chem_comp_identifier.type 
_pdbx_chem_comp_identifier.program 
_pdbx_chem_comp_identifier.program_version 
_pdbx_chem_comp_identifier.identifier 
BMA 'CONDENSED IUPAC CARBOHYDRATE SYMBOL' GMML     1.0 DManpb            
BMA 'COMMON NAME'                         GMML     1.0 b-D-mannopyranose 
BMA 'IUPAC CARBOHYDRATE SYMBOL'           PDB-CARE 1.0 b-D-Manp          
BMA 'SNFG CARBOHYDRATE SYMBOL'            GMML     1.0 Man               
# 
loop_
_pdbx_poly_seq_scheme.asym_id 
_pdbx_poly_seq_scheme.entity_id 
_pdbx_poly_seq_scheme.seq_id 
_pdbx_poly_seq_scheme.mon_id 
_pdbx_poly_seq_scheme.ndb_seq_num 
_pdbx_poly_seq_scheme.pdb_seq_num 
_pdbx_poly_seq_scheme.auth_seq_num 
_pdbx_poly_seq_scheme.pdb_mon_id 
_pdbx_poly_seq_scheme.auth_mon_id 
_pdbx_poly_seq_scheme.pdb_strand_id 
_pdbx_poly_seq_scheme.pdb_ins_code 
_pdbx_poly_seq_scheme.hetero 
A 1 1   MET 1   1   ?   ?   ?   A . n 
A 1 2   ASN 2   2   2   ASN ASN A . n 
A 1 3   VAL 3   3   3   VAL VAL A . n 
A 1 4   ARG 4   4   4   ARG ARG A . n 
A 1 5   ALA 5   5   5   ALA ALA A . n 
A 1 6   THR 6   6   6   THR THR A . n 
A 1 7   TYR 7   7   7   TYR TYR A . n 
A 1 8   THR 8   8   8   THR THR A . n 
A 1 9   VAL 9   9   9   VAL VAL A . n 
A 1 10  ILE 10  10  10  ILE ILE A . n 
A 1 11  PHE 11  11  11  PHE PHE A . n 
A 1 12  LYS 12  12  12  LYS LYS A . n 
A 1 13  ASN 13  13  13  ASN ASN A . n 
A 1 14  ALA 14  14  14  ALA ALA A . n 
A 1 15  SER 15  15  15  SER SER A . n 
A 1 16  GLY 16  16  16  GLY GLY A . n 
A 1 17  LEU 17  17  17  LEU LEU A . n 
A 1 18  PRO 18  18  18  PRO PRO A . n 
A 1 19  ASN 19  19  19  ASN ASN A . n 
A 1 20  GLY 20  20  20  GLY GLY A . n 
A 1 21  TYR 21  21  21  TYR TYR A . n 
A 1 22  ASP 22  22  22  ASP ASP A . n 
A 1 23  ASN 23  23  23  ASN ASN A . n 
A 1 24  TRP 24  24  24  TRP TRP A . n 
A 1 25  GLY 25  25  25  GLY GLY A . n 
A 1 26  TRP 26  26  26  TRP TRP A . n 
A 1 27  GLY 27  27  27  GLY GLY A . n 
A 1 28  CYS 28  28  28  CYS CYS A . n 
A 1 29  THR 29  29  29  THR THR A . n 
A 1 30  LEU 30  30  30  LEU LEU A . n 
A 1 31  SER 31  31  31  SER SER A . n 
A 1 32  TYR 32  32  32  TYR TYR A . n 
A 1 33  TYR 33  33  33  TYR TYR A . n 
A 1 34  GLY 34  34  34  GLY GLY A . n 
A 1 35  GLY 35  35  35  GLY GLY A . n 
A 1 36  ALA 36  36  36  ALA ALA A . n 
A 1 37  MET 37  37  37  MET MET A . n 
A 1 38  ILE 38  38  38  ILE ILE A . n 
A 1 39  ILE 39  39  39  ILE ILE A . n 
A 1 40  ASN 40  40  40  ASN ASN A . n 
A 1 41  PRO 41  41  41  PRO PRO A . n 
A 1 42  GLN 42  42  42  GLN GLN A . n 
A 1 43  GLU 43  43  43  GLU GLU A . n 
A 1 44  GLY 44  44  44  GLY GLY A . n 
A 1 45  LYS 45  45  45  LYS LYS A . n 
A 1 46  TYR 46  46  46  TYR TYR A . n 
A 1 47  GLY 47  47  47  GLY GLY A . n 
A 1 48  ALA 48  48  48  ALA ALA A . n 
A 1 49  VAL 49  49  49  VAL VAL A . n 
A 1 50  SER 50  50  50  SER SER A . n 
A 1 51  LEU 51  51  51  LEU LEU A . n 
A 1 52  LYS 52  52  52  LYS LYS A . n 
A 1 53  ARG 53  53  53  ARG ARG A . n 
A 1 54  ASN 54  54  54  ASN ASN A . n 
A 1 55  SER 55  55  55  SER SER A . n 
A 1 56  GLY 56  56  56  GLY GLY A . n 
A 1 57  SER 57  57  57  SER SER A . n 
A 1 58  PHE 58  58  58  PHE PHE A . n 
A 1 59  ARG 59  59  59  ARG ARG A . n 
A 1 60  GLY 60  60  60  GLY GLY A . n 
A 1 61  GLY 61  61  61  GLY GLY A . n 
A 1 62  SER 62  62  62  SER SER A . n 
A 1 63  LEU 63  63  63  LEU LEU A . n 
A 1 64  ARG 64  64  64  ARG ARG A . n 
A 1 65  PHE 65  65  65  PHE PHE A . n 
A 1 66  ASP 66  66  66  ASP ASP A . n 
A 1 67  MET 67  67  67  MET MET A . n 
A 1 68  LYS 68  68  68  LYS LYS A . n 
A 1 69  ASN 69  69  69  ASN ASN A . n 
A 1 70  GLU 70  70  70  GLU GLU A . n 
A 1 71  GLY 71  71  71  GLY GLY A . n 
A 1 72  LYS 72  72  72  LYS LYS A . n 
A 1 73  VAL 73  73  73  VAL VAL A . n 
A 1 74  LYS 74  74  74  LYS LYS A . n 
A 1 75  ILE 75  75  75  ILE ILE A . n 
A 1 76  LEU 76  76  76  LEU LEU A . n 
A 1 77  VAL 77  77  77  VAL VAL A . n 
A 1 78  GLU 78  78  78  GLU GLU A . n 
A 1 79  ASN 79  79  79  ASN ASN A . n 
A 1 80  SER 80  80  80  SER SER A . n 
A 1 81  GLU 81  81  81  GLU GLU A . n 
A 1 82  ALA 82  82  82  ALA ALA A . n 
A 1 83  ASP 83  83  83  ASP ASP A . n 
A 1 84  GLU 84  84  84  GLU GLU A . n 
A 1 85  LYS 85  85  85  LYS LYS A . n 
A 1 86  PHE 86  86  86  PHE PHE A . n 
A 1 87  GLU 87  87  87  GLU GLU A . n 
A 1 88  VAL 88  88  88  VAL VAL A . n 
A 1 89  GLU 89  89  89  GLU GLU A . n 
A 1 90  THR 90  90  90  THR THR A . n 
A 1 91  ILE 91  91  91  ILE ILE A . n 
A 1 92  SER 92  92  92  SER SER A . n 
A 1 93  PRO 93  93  93  PRO PRO A . n 
A 1 94  SER 94  94  94  SER SER A . n 
A 1 95  ASP 95  95  95  ASP ASP A . n 
A 1 96  GLU 96  96  96  GLU GLU A . n 
A 1 97  TYR 97  97  97  TYR TYR A . n 
A 1 98  VAL 98  98  98  VAL VAL A . n 
A 1 99  THR 99  99  99  THR THR A . n 
A 1 100 TYR 100 100 100 TYR TYR A . n 
A 1 101 ILE 101 101 101 ILE ILE A . n 
A 1 102 LEU 102 102 102 LEU LEU A . n 
A 1 103 ASP 103 103 103 ASP ASP A . n 
A 1 104 VAL 104 104 104 VAL VAL A . n 
A 1 105 ASP 105 105 105 ASP ASP A . n 
A 1 106 PHE 106 106 106 PHE PHE A . n 
A 1 107 ASP 107 107 107 ASP ASP A . n 
A 1 108 LEU 108 108 108 LEU LEU A . n 
A 1 109 PRO 109 109 109 PRO PRO A . n 
A 1 110 PHE 110 110 110 PHE PHE A . n 
A 1 111 ASP 111 111 111 ASP ASP A . n 
A 1 112 ARG 112 112 112 ARG ARG A . n 
A 1 113 ILE 113 113 113 ILE ILE A . n 
A 1 114 ASP 114 114 114 ASP ASP A . n 
A 1 115 PHE 115 115 115 PHE PHE A . n 
A 1 116 GLN 116 116 116 GLN GLN A . n 
A 1 117 ASP 117 117 117 ASP ASP A . n 
A 1 118 ALA 118 118 118 ALA ALA A . n 
A 1 119 PRO 119 119 119 PRO PRO A . n 
A 1 120 GLY 120 120 120 GLY GLY A . n 
A 1 121 ASN 121 121 121 ASN ASN A . n 
A 1 122 GLY 122 122 122 GLY GLY A . n 
A 1 123 ASP 123 123 123 ASP ASP A . n 
A 1 124 ARG 124 124 124 ARG ARG A . n 
A 1 125 ILE 125 125 125 ILE ILE A . n 
A 1 126 TRP 126 126 126 TRP TRP A . n 
A 1 127 ILE 127 127 127 ILE ILE A . n 
A 1 128 LYS 128 128 128 LYS LYS A . n 
A 1 129 ASN 129 129 129 ASN ASN A . n 
A 1 130 LEU 130 130 130 LEU LEU A . n 
A 1 131 VAL 131 131 131 VAL VAL A . n 
A 1 132 HIS 132 132 132 HIS HIS A . n 
A 1 133 SER 133 133 133 SER SER A . n 
A 1 134 THR 134 134 134 THR THR A . n 
A 1 135 GLY 135 135 135 GLY GLY A . n 
A 1 136 SER 136 136 136 SER SER A . n 
A 1 137 ALA 137 137 137 ALA ALA A . n 
A 1 138 ASP 138 138 138 ASP ASP A . n 
A 1 139 ASP 139 139 139 ASP ASP A . n 
A 1 140 PHE 140 140 140 PHE PHE A . n 
A 1 141 VAL 141 141 141 VAL VAL A . n 
A 1 142 ASP 142 142 142 ASP ASP A . n 
A 1 143 PRO 143 143 ?   ?   ?   A . n 
A 1 144 ILE 144 144 ?   ?   ?   A . n 
A 1 145 ASN 145 145 ?   ?   ?   A . n 
A 1 146 LEU 146 146 ?   ?   ?   A . n 
A 1 147 GLU 147 147 ?   ?   ?   A . n 
A 1 148 HIS 148 148 ?   ?   ?   A . n 
A 1 149 HIS 149 149 ?   ?   ?   A . n 
A 1 150 HIS 150 150 ?   ?   ?   A . n 
A 1 151 HIS 151 151 ?   ?   ?   A . n 
A 1 152 HIS 152 152 ?   ?   ?   A . n 
A 1 153 HIS 153 153 ?   ?   ?   A . n 
# 
loop_
_pdbx_branch_scheme.asym_id 
_pdbx_branch_scheme.entity_id 
_pdbx_branch_scheme.mon_id 
_pdbx_branch_scheme.num 
_pdbx_branch_scheme.pdb_asym_id 
_pdbx_branch_scheme.pdb_mon_id 
_pdbx_branch_scheme.pdb_seq_num 
_pdbx_branch_scheme.auth_asym_id 
_pdbx_branch_scheme.auth_mon_id 
_pdbx_branch_scheme.auth_seq_num 
_pdbx_branch_scheme.hetero 
B 2 BMA 1 B BMA 1 A BMA 1143 n 
B 2 BMA 2 B BMA 2 A BMA 1144 n 
B 2 BMA 3 B BMA 3 A BMA 1145 n 
B 2 BMA 4 B BMA 4 A BMA 1146 n 
B 2 BMA 5 B BMA 5 A BMA 1147 n 
B 2 BMA 6 B BMA 6 A BMA 1148 n 
# 
loop_
_pdbx_nonpoly_scheme.asym_id 
_pdbx_nonpoly_scheme.entity_id 
_pdbx_nonpoly_scheme.mon_id 
_pdbx_nonpoly_scheme.ndb_seq_num 
_pdbx_nonpoly_scheme.pdb_seq_num 
_pdbx_nonpoly_scheme.auth_seq_num 
_pdbx_nonpoly_scheme.pdb_mon_id 
_pdbx_nonpoly_scheme.auth_mon_id 
_pdbx_nonpoly_scheme.pdb_strand_id 
_pdbx_nonpoly_scheme.pdb_ins_code 
C 3 HOH 1   2001 2001 HOH HOH A . 
C 3 HOH 2   2002 2002 HOH HOH A . 
C 3 HOH 3   2003 2003 HOH HOH A . 
C 3 HOH 4   2004 2004 HOH HOH A . 
C 3 HOH 5   2005 2005 HOH HOH A . 
C 3 HOH 6   2006 2006 HOH HOH A . 
C 3 HOH 7   2007 2007 HOH HOH A . 
C 3 HOH 8   2008 2008 HOH HOH A . 
C 3 HOH 9   2009 2009 HOH HOH A . 
C 3 HOH 10  2010 2010 HOH HOH A . 
C 3 HOH 11  2011 2011 HOH HOH A . 
C 3 HOH 12  2012 2012 HOH HOH A . 
C 3 HOH 13  2013 2013 HOH HOH A . 
C 3 HOH 14  2014 2014 HOH HOH A . 
C 3 HOH 15  2015 2015 HOH HOH A . 
C 3 HOH 16  2016 2016 HOH HOH A . 
C 3 HOH 17  2017 2017 HOH HOH A . 
C 3 HOH 18  2018 2018 HOH HOH A . 
C 3 HOH 19  2019 2019 HOH HOH A . 
C 3 HOH 20  2020 2020 HOH HOH A . 
C 3 HOH 21  2021 2021 HOH HOH A . 
C 3 HOH 22  2022 2022 HOH HOH A . 
C 3 HOH 23  2023 2023 HOH HOH A . 
C 3 HOH 24  2024 2024 HOH HOH A . 
C 3 HOH 25  2025 2025 HOH HOH A . 
C 3 HOH 26  2026 2026 HOH HOH A . 
C 3 HOH 27  2027 2027 HOH HOH A . 
C 3 HOH 28  2028 2028 HOH HOH A . 
C 3 HOH 29  2029 2029 HOH HOH A . 
C 3 HOH 30  2030 2030 HOH HOH A . 
C 3 HOH 31  2031 2031 HOH HOH A . 
C 3 HOH 32  2032 2032 HOH HOH A . 
C 3 HOH 33  2033 2033 HOH HOH A . 
C 3 HOH 34  2034 2034 HOH HOH A . 
C 3 HOH 35  2035 2035 HOH HOH A . 
C 3 HOH 36  2036 2036 HOH HOH A . 
C 3 HOH 37  2037 2037 HOH HOH A . 
C 3 HOH 38  2038 2038 HOH HOH A . 
C 3 HOH 39  2039 2039 HOH HOH A . 
C 3 HOH 40  2040 2040 HOH HOH A . 
C 3 HOH 41  2041 2041 HOH HOH A . 
C 3 HOH 42  2042 2042 HOH HOH A . 
C 3 HOH 43  2043 2043 HOH HOH A . 
C 3 HOH 44  2044 2044 HOH HOH A . 
C 3 HOH 45  2045 2045 HOH HOH A . 
C 3 HOH 46  2046 2046 HOH HOH A . 
C 3 HOH 47  2047 2047 HOH HOH A . 
C 3 HOH 48  2048 2048 HOH HOH A . 
C 3 HOH 49  2049 2049 HOH HOH A . 
C 3 HOH 50  2050 2050 HOH HOH A . 
C 3 HOH 51  2051 2051 HOH HOH A . 
C 3 HOH 52  2052 2052 HOH HOH A . 
C 3 HOH 53  2053 2053 HOH HOH A . 
C 3 HOH 54  2054 2054 HOH HOH A . 
C 3 HOH 55  2055 2055 HOH HOH A . 
C 3 HOH 56  2056 2056 HOH HOH A . 
C 3 HOH 57  2057 2057 HOH HOH A . 
C 3 HOH 58  2058 2058 HOH HOH A . 
C 3 HOH 59  2059 2059 HOH HOH A . 
C 3 HOH 60  2060 2060 HOH HOH A . 
C 3 HOH 61  2061 2061 HOH HOH A . 
C 3 HOH 62  2062 2062 HOH HOH A . 
C 3 HOH 63  2063 2063 HOH HOH A . 
C 3 HOH 64  2064 2064 HOH HOH A . 
C 3 HOH 65  2065 2065 HOH HOH A . 
C 3 HOH 66  2066 2066 HOH HOH A . 
C 3 HOH 67  2067 2067 HOH HOH A . 
C 3 HOH 68  2068 2068 HOH HOH A . 
C 3 HOH 69  2069 2069 HOH HOH A . 
C 3 HOH 70  2070 2070 HOH HOH A . 
C 3 HOH 71  2071 2071 HOH HOH A . 
C 3 HOH 72  2072 2072 HOH HOH A . 
C 3 HOH 73  2073 2073 HOH HOH A . 
C 3 HOH 74  2074 2074 HOH HOH A . 
C 3 HOH 75  2075 2075 HOH HOH A . 
C 3 HOH 76  2076 2076 HOH HOH A . 
C 3 HOH 77  2077 2077 HOH HOH A . 
C 3 HOH 78  2078 2078 HOH HOH A . 
C 3 HOH 79  2079 2079 HOH HOH A . 
C 3 HOH 80  2080 2080 HOH HOH A . 
C 3 HOH 81  2081 2081 HOH HOH A . 
C 3 HOH 82  2082 2082 HOH HOH A . 
C 3 HOH 83  2083 2083 HOH HOH A . 
C 3 HOH 84  2084 2084 HOH HOH A . 
C 3 HOH 85  2085 2085 HOH HOH A . 
C 3 HOH 86  2086 2086 HOH HOH A . 
C 3 HOH 87  2087 2087 HOH HOH A . 
C 3 HOH 88  2088 2088 HOH HOH A . 
C 3 HOH 89  2089 2089 HOH HOH A . 
C 3 HOH 90  2090 2090 HOH HOH A . 
C 3 HOH 91  2091 2091 HOH HOH A . 
C 3 HOH 92  2092 2092 HOH HOH A . 
C 3 HOH 93  2093 2093 HOH HOH A . 
C 3 HOH 94  2094 2094 HOH HOH A . 
C 3 HOH 95  2095 2095 HOH HOH A . 
C 3 HOH 96  2096 2096 HOH HOH A . 
C 3 HOH 97  2097 2097 HOH HOH A . 
C 3 HOH 98  2098 2098 HOH HOH A . 
C 3 HOH 99  2099 2099 HOH HOH A . 
C 3 HOH 100 2100 2100 HOH HOH A . 
C 3 HOH 101 2101 2101 HOH HOH A . 
C 3 HOH 102 2102 2102 HOH HOH A . 
C 3 HOH 103 2103 2103 HOH HOH A . 
C 3 HOH 104 2104 2104 HOH HOH A . 
C 3 HOH 105 2105 2105 HOH HOH A . 
C 3 HOH 106 2106 2106 HOH HOH A . 
C 3 HOH 107 2107 2107 HOH HOH A . 
C 3 HOH 108 2108 2108 HOH HOH A . 
C 3 HOH 109 2109 2109 HOH HOH A . 
C 3 HOH 110 2110 2110 HOH HOH A . 
C 3 HOH 111 2111 2111 HOH HOH A . 
C 3 HOH 112 2112 2112 HOH HOH A . 
C 3 HOH 113 2113 2113 HOH HOH A . 
C 3 HOH 114 2114 2114 HOH HOH A . 
C 3 HOH 115 2115 2115 HOH HOH A . 
C 3 HOH 116 2116 2116 HOH HOH A . 
C 3 HOH 117 2117 2117 HOH HOH A . 
C 3 HOH 118 2118 2118 HOH HOH A . 
C 3 HOH 119 2119 2119 HOH HOH A . 
C 3 HOH 120 2120 2120 HOH HOH A . 
C 3 HOH 121 2121 2121 HOH HOH A . 
C 3 HOH 122 2122 2122 HOH HOH A . 
C 3 HOH 123 2123 2123 HOH HOH A . 
C 3 HOH 124 2124 2124 HOH HOH A . 
C 3 HOH 125 2125 2125 HOH HOH A . 
C 3 HOH 126 2126 2126 HOH HOH A . 
C 3 HOH 127 2127 2127 HOH HOH A . 
C 3 HOH 128 2128 2128 HOH HOH A . 
C 3 HOH 129 2129 2129 HOH HOH A . 
C 3 HOH 130 2130 2130 HOH HOH A . 
C 3 HOH 131 2131 2131 HOH HOH A . 
C 3 HOH 132 2132 2132 HOH HOH A . 
C 3 HOH 133 2133 2133 HOH HOH A . 
C 3 HOH 134 2134 2134 HOH HOH A . 
C 3 HOH 135 2135 2135 HOH HOH A . 
C 3 HOH 136 2136 2136 HOH HOH A . 
C 3 HOH 137 2137 2137 HOH HOH A . 
C 3 HOH 138 2138 2138 HOH HOH A . 
C 3 HOH 139 2139 2139 HOH HOH A . 
C 3 HOH 140 2140 2140 HOH HOH A . 
C 3 HOH 141 2141 2141 HOH HOH A . 
C 3 HOH 142 2142 2142 HOH HOH A . 
C 3 HOH 143 2143 2143 HOH HOH A . 
C 3 HOH 144 2144 2144 HOH HOH A . 
C 3 HOH 145 2145 2145 HOH HOH A . 
C 3 HOH 146 2146 2146 HOH HOH A . 
C 3 HOH 147 2147 2147 HOH HOH A . 
C 3 HOH 148 2148 2148 HOH HOH A . 
C 3 HOH 149 2149 2149 HOH HOH A . 
C 3 HOH 150 2150 2150 HOH HOH A . 
C 3 HOH 151 2151 2151 HOH HOH A . 
C 3 HOH 152 2152 2152 HOH HOH A . 
C 3 HOH 153 2153 2153 HOH HOH A . 
C 3 HOH 154 2154 2154 HOH HOH A . 
C 3 HOH 155 2155 2155 HOH HOH A . 
C 3 HOH 156 2156 2156 HOH HOH A . 
C 3 HOH 157 2157 2157 HOH HOH A . 
C 3 HOH 158 2158 2158 HOH HOH A . 
C 3 HOH 159 2159 2159 HOH HOH A . 
C 3 HOH 160 2160 2160 HOH HOH A . 
C 3 HOH 161 2161 2161 HOH HOH A . 
C 3 HOH 162 2162 2162 HOH HOH A . 
C 3 HOH 163 2163 2163 HOH HOH A . 
C 3 HOH 164 2164 2164 HOH HOH A . 
C 3 HOH 165 2165 2165 HOH HOH A . 
C 3 HOH 166 2166 2166 HOH HOH A . 
C 3 HOH 167 2167 2167 HOH HOH A . 
C 3 HOH 168 2168 2168 HOH HOH A . 
C 3 HOH 169 2169 2169 HOH HOH A . 
C 3 HOH 170 2170 2170 HOH HOH A . 
C 3 HOH 171 2171 2171 HOH HOH A . 
C 3 HOH 172 2172 2172 HOH HOH A . 
C 3 HOH 173 2173 2173 HOH HOH A . 
C 3 HOH 174 2174 2174 HOH HOH A . 
C 3 HOH 175 2175 2175 HOH HOH A . 
C 3 HOH 176 2176 2176 HOH HOH A . 
C 3 HOH 177 2177 2177 HOH HOH A . 
C 3 HOH 178 2178 2178 HOH HOH A . 
C 3 HOH 179 2179 2179 HOH HOH A . 
C 3 HOH 180 2180 2180 HOH HOH A . 
C 3 HOH 181 2181 2181 HOH HOH A . 
C 3 HOH 182 2182 2182 HOH HOH A . 
C 3 HOH 183 2183 2183 HOH HOH A . 
C 3 HOH 184 2184 2184 HOH HOH A . 
C 3 HOH 185 2185 2185 HOH HOH A . 
C 3 HOH 186 2186 2186 HOH HOH A . 
C 3 HOH 187 2187 2187 HOH HOH A . 
C 3 HOH 188 2188 2188 HOH HOH A . 
C 3 HOH 189 2189 2189 HOH HOH A . 
C 3 HOH 190 2190 2190 HOH HOH A . 
C 3 HOH 191 2191 2191 HOH HOH A . 
C 3 HOH 192 2192 2192 HOH HOH A . 
C 3 HOH 193 2193 2193 HOH HOH A . 
C 3 HOH 194 2194 2194 HOH HOH A . 
C 3 HOH 195 2195 2195 HOH HOH A . 
C 3 HOH 196 2196 2196 HOH HOH A . 
C 3 HOH 197 2197 2197 HOH HOH A . 
C 3 HOH 198 2198 2198 HOH HOH A . 
C 3 HOH 199 2199 2199 HOH HOH A . 
C 3 HOH 200 2200 2200 HOH HOH A . 
# 
loop_
_software.name 
_software.classification 
_software.version 
_software.citation_id 
_software.pdbx_ordinal 
REFMAC    refinement       5.1.11 ? 1 
DENZO     'data reduction' .      ? 2 
SCALEPACK 'data scaling'   .      ? 3 
AMoRE     phasing          .      ? 4 
# 
_cell.entry_id           1GWL 
_cell.length_a           51.619 
_cell.length_b           43.176 
_cell.length_c           60.731 
_cell.angle_alpha        90.00 
_cell.angle_beta         93.85 
_cell.angle_gamma        90.00 
_cell.Z_PDB              4 
_cell.pdbx_unique_axis   ? 
# 
_symmetry.entry_id                         1GWL 
_symmetry.space_group_name_H-M             'C 1 2 1' 
_symmetry.pdbx_full_space_group_name_H-M   ? 
_symmetry.cell_setting                     ? 
_symmetry.Int_Tables_number                5 
# 
_exptl.entry_id          1GWL 
_exptl.method            'X-RAY DIFFRACTION' 
_exptl.crystals_number   1 
# 
_exptl_crystal.id                    1 
_exptl_crystal.density_meas          ? 
_exptl_crystal.density_Matthews      2.2 
_exptl_crystal.density_percent_sol   44.9 
_exptl_crystal.description           ? 
# 
_exptl_crystal_grow.crystal_id      1 
_exptl_crystal_grow.method          ? 
_exptl_crystal_grow.temp            ? 
_exptl_crystal_grow.temp_details    ? 
_exptl_crystal_grow.pH              7.50 
_exptl_crystal_grow.pdbx_pH_range   ? 
_exptl_crystal_grow.pdbx_details    '3.0M AMMONIUM SULFATE, 10MM MANNOHEXAOSE, 25% GLYCEROL, pH 7.50' 
# 
_diffrn.id                     1 
_diffrn.ambient_temp           110.0 
_diffrn.ambient_temp_details   ? 
_diffrn.crystal_id             1 
# 
_diffrn_detector.diffrn_id              1 
_diffrn_detector.detector               CCD 
_diffrn_detector.type                   'ADSC CCD' 
_diffrn_detector.pdbx_collection_date   ? 
_diffrn_detector.details                ? 
# 
_diffrn_radiation.diffrn_id                        1 
_diffrn_radiation.wavelength_id                    1 
_diffrn_radiation.pdbx_monochromatic_or_laue_m_l   M 
_diffrn_radiation.monochromator                    ? 
_diffrn_radiation.pdbx_diffrn_protocol             'SINGLE WAVELENGTH' 
_diffrn_radiation.pdbx_scattering_type             x-ray 
# 
_diffrn_radiation_wavelength.id           1 
_diffrn_radiation_wavelength.wavelength   0.87 
_diffrn_radiation_wavelength.wt           1.0 
# 
_diffrn_source.diffrn_id                   1 
_diffrn_source.source                      SYNCHROTRON 
_diffrn_source.type                        'SRS BEAMLINE PX9.6' 
_diffrn_source.pdbx_synchrotron_site       SRS 
_diffrn_source.pdbx_synchrotron_beamline   PX9.6 
_diffrn_source.pdbx_wavelength             0.87 
_diffrn_source.pdbx_wavelength_list        ? 
# 
_reflns.pdbx_diffrn_id               1 
_reflns.pdbx_ordinal                 1 
_reflns.entry_id                     1GWL 
_reflns.observed_criterion_sigma_I   ? 
_reflns.observed_criterion_sigma_F   ? 
_reflns.d_resolution_low             20.000 
_reflns.d_resolution_high            1.520 
_reflns.number_obs                   20412 
_reflns.number_all                   ? 
_reflns.percent_possible_obs         99.0 
_reflns.pdbx_Rmerge_I_obs            0.08500 
_reflns.pdbx_Rsym_value              ? 
_reflns.pdbx_netI_over_sigmaI        13.8000 
_reflns.B_iso_Wilson_estimate        ? 
_reflns.pdbx_redundancy              3.300 
# 
_reflns_shell.pdbx_diffrn_id         1 
_reflns_shell.pdbx_ordinal           1 
_reflns_shell.d_res_high             1.52 
_reflns_shell.d_res_low              1.57 
_reflns_shell.percent_possible_all   92.7 
_reflns_shell.Rmerge_I_obs           0.22900 
_reflns_shell.pdbx_Rsym_value        ? 
_reflns_shell.meanI_over_sigI_obs    3.860 
_reflns_shell.pdbx_redundancy        2.60 
# 
_refine.pdbx_refine_id                           'X-RAY DIFFRACTION' 
_refine.entry_id                                 1GWL 
_refine.pdbx_diffrn_id                           1 
_refine.pdbx_TLS_residual_ADP_flag               'LIKELY RESIDUAL' 
_refine.ls_number_reflns_obs                     19556 
_refine.ls_number_reflns_all                     ? 
_refine.pdbx_ls_sigma_I                          ? 
_refine.pdbx_ls_sigma_F                          ? 
_refine.pdbx_data_cutoff_high_absF               ? 
_refine.pdbx_data_cutoff_low_absF                ? 
_refine.pdbx_data_cutoff_high_rms_absF           ? 
_refine.ls_d_res_low                             20.00 
_refine.ls_d_res_high                            1.51 
_refine.ls_percent_reflns_obs                    98.1 
_refine.ls_R_factor_obs                          0.156 
_refine.ls_R_factor_all                          ? 
_refine.ls_R_factor_R_work                       0.154 
_refine.ls_R_factor_R_free                       0.179 
_refine.ls_R_factor_R_free_error                 ? 
_refine.ls_R_factor_R_free_error_details         ? 
_refine.ls_percent_reflns_R_free                 5.200 
_refine.ls_number_reflns_R_free                  1062 
_refine.ls_number_parameters                     ? 
_refine.ls_number_restraints                     ? 
_refine.occupancy_min                            ? 
_refine.occupancy_max                            ? 
_refine.correlation_coeff_Fo_to_Fc               0.967 
_refine.correlation_coeff_Fo_to_Fc_free          0.961 
_refine.B_iso_mean                               7.98 
_refine.aniso_B[1][1]                            0.51000 
_refine.aniso_B[2][2]                            -0.28000 
_refine.aniso_B[3][3]                            -0.29000 
_refine.aniso_B[1][2]                            0.00000 
_refine.aniso_B[1][3]                            -0.47000 
_refine.aniso_B[2][3]                            0.00000 
_refine.solvent_model_details                    'BABINET MODEL WITH MASK' 
_refine.solvent_model_param_ksol                 ? 
_refine.solvent_model_param_bsol                 ? 
_refine.pdbx_solvent_vdw_probe_radii             1.40 
_refine.pdbx_solvent_ion_probe_radii             0.80 
_refine.pdbx_solvent_shrinkage_radii             0.80 
_refine.pdbx_ls_cross_valid_method               THROUGHOUT 
_refine.details                                  'HYDROGENS HAVE BEEN ADDED IN THE RIDING POSITIONS' 
_refine.pdbx_starting_model                      'NATIVE CBM29 SOLVED BY MAD' 
_refine.pdbx_method_to_determine_struct          'MOLECULAR REPLACEMENT' 
_refine.pdbx_isotropic_thermal_model             ? 
_refine.pdbx_stereochemistry_target_values       'MAXIMUM LIKELIHOOD' 
_refine.pdbx_stereochem_target_val_spec_case     ? 
_refine.pdbx_R_Free_selection_details            RANDOM 
_refine.pdbx_overall_ESU_R                       0.076 
_refine.pdbx_overall_ESU_R_Free                  0.074 
_refine.overall_SU_ML                            0.046 
_refine.pdbx_overall_phase_error                 ? 
_refine.overall_SU_B                             1.239 
_refine.overall_SU_R_Cruickshank_DPI             ? 
_refine.pdbx_overall_SU_R_free_Cruickshank_DPI   ? 
_refine.pdbx_overall_SU_R_Blow_DPI               ? 
_refine.pdbx_overall_SU_R_free_Blow_DPI          ? 
# 
_refine_hist.pdbx_refine_id                   'X-RAY DIFFRACTION' 
_refine_hist.cycle_id                         LAST 
_refine_hist.pdbx_number_atoms_protein        1110 
_refine_hist.pdbx_number_atoms_nucleic_acid   0 
_refine_hist.pdbx_number_atoms_ligand         67 
_refine_hist.number_atoms_solvent             200 
_refine_hist.number_atoms_total               1377 
_refine_hist.d_res_high                       1.51 
_refine_hist.d_res_low                        20.00 
# 
loop_
_refine_ls_restr.type 
_refine_ls_restr.dev_ideal 
_refine_ls_restr.dev_ideal_target 
_refine_ls_restr.weight 
_refine_ls_restr.number 
_refine_ls_restr.pdbx_refine_id 
_refine_ls_restr.pdbx_restraint_function 
r_bond_refined_d             0.016 0.021 ? 1231 'X-RAY DIFFRACTION' ? 
r_bond_other_d               0.002 0.020 ? 1022 'X-RAY DIFFRACTION' ? 
r_angle_refined_deg          1.765 2.003 ? 1672 'X-RAY DIFFRACTION' ? 
r_angle_other_deg            3.124 3.000 ? 2397 'X-RAY DIFFRACTION' ? 
r_dihedral_angle_1_deg       7.329 5.000 ? 140  'X-RAY DIFFRACTION' ? 
r_dihedral_angle_2_deg       ?     ?     ? ?    'X-RAY DIFFRACTION' ? 
r_dihedral_angle_3_deg       ?     ?     ? ?    'X-RAY DIFFRACTION' ? 
r_dihedral_angle_4_deg       ?     ?     ? ?    'X-RAY DIFFRACTION' ? 
r_chiral_restr               0.107 0.200 ? 189  'X-RAY DIFFRACTION' ? 
r_gen_planes_refined         0.008 0.020 ? 1316 'X-RAY DIFFRACTION' ? 
r_gen_planes_other           0.002 0.020 ? 248  'X-RAY DIFFRACTION' ? 
r_nbd_refined                0.203 0.200 ? 147  'X-RAY DIFFRACTION' ? 
r_nbd_other                  0.252 0.200 ? 1033 'X-RAY DIFFRACTION' ? 
r_nbtor_refined              ?     ?     ? ?    'X-RAY DIFFRACTION' ? 
r_nbtor_other                0.090 0.200 ? 617  'X-RAY DIFFRACTION' ? 
r_xyhbond_nbd_refined        0.139 0.200 ? 74   'X-RAY DIFFRACTION' ? 
r_xyhbond_nbd_other          ?     ?     ? ?    'X-RAY DIFFRACTION' ? 
r_metal_ion_refined          ?     ?     ? ?    'X-RAY DIFFRACTION' ? 
r_metal_ion_other            ?     ?     ? ?    'X-RAY DIFFRACTION' ? 
r_symmetry_vdw_refined       0.153 0.200 ? 7    'X-RAY DIFFRACTION' ? 
r_symmetry_vdw_other         0.378 0.200 ? 51   'X-RAY DIFFRACTION' ? 
r_symmetry_hbond_refined     0.262 0.200 ? 25   'X-RAY DIFFRACTION' ? 
r_symmetry_hbond_other       ?     ?     ? ?    'X-RAY DIFFRACTION' ? 
r_symmetry_metal_ion_refined ?     ?     ? ?    'X-RAY DIFFRACTION' ? 
r_symmetry_metal_ion_other   ?     ?     ? ?    'X-RAY DIFFRACTION' ? 
r_mcbond_it                  0.859 1.500 ? 694  'X-RAY DIFFRACTION' ? 
r_mcbond_other               ?     ?     ? ?    'X-RAY DIFFRACTION' ? 
r_mcangle_it                 1.513 2.000 ? 1124 'X-RAY DIFFRACTION' ? 
r_mcangle_other              ?     ?     ? ?    'X-RAY DIFFRACTION' ? 
r_scbond_it                  2.417 3.000 ? 537  'X-RAY DIFFRACTION' ? 
r_scbond_other               ?     ?     ? ?    'X-RAY DIFFRACTION' ? 
r_scangle_it                 3.608 4.500 ? 548  'X-RAY DIFFRACTION' ? 
r_scangle_other              ?     ?     ? ?    'X-RAY DIFFRACTION' ? 
r_long_range_B_refined       ?     ?     ? ?    'X-RAY DIFFRACTION' ? 
r_long_range_B_other         ?     ?     ? ?    'X-RAY DIFFRACTION' ? 
r_rigid_bond_restr           ?     ?     ? ?    'X-RAY DIFFRACTION' ? 
r_sphericity_free            ?     ?     ? ?    'X-RAY DIFFRACTION' ? 
r_sphericity_bonded          ?     ?     ? ?    'X-RAY DIFFRACTION' ? 
# 
_refine_ls_shell.pdbx_refine_id                   'X-RAY DIFFRACTION' 
_refine_ls_shell.pdbx_total_number_of_bins_used   20 
_refine_ls_shell.d_res_high                       1.51 
_refine_ls_shell.d_res_low                        1.55 
_refine_ls_shell.number_reflns_R_work             1188 
_refine_ls_shell.R_factor_R_work                  0.1870 
_refine_ls_shell.percent_reflns_obs               ? 
_refine_ls_shell.R_factor_R_free                  0.1980 
_refine_ls_shell.R_factor_R_free_error            ? 
_refine_ls_shell.percent_reflns_R_free            ? 
_refine_ls_shell.number_reflns_R_free             59 
_refine_ls_shell.number_reflns_all                ? 
_refine_ls_shell.R_factor_all                     ? 
# 
_struct.entry_id                  1GWL 
_struct.title                     'Carbohydrate binding module family29 complexed with mannohexaose' 
_struct.pdbx_model_details        ? 
_struct.pdbx_CASP_flag            ? 
_struct.pdbx_model_type_details   ? 
# 
_struct_keywords.entry_id        1GWL 
_struct_keywords.pdbx_keywords   'CARBOHYDRATE BINDING DOMAIN' 
_struct_keywords.text            'CARBOHYDRATE BINDING DOMAIN, GLUCOMANNAN, CELLOHEXAOSE, MANNOHEXAOSE, CELLULOSOME' 
# 
loop_
_struct_asym.id 
_struct_asym.pdbx_blank_PDB_chainid_flag 
_struct_asym.pdbx_modified 
_struct_asym.entity_id 
_struct_asym.details 
A N N 1 ? 
B N N 2 ? 
C N N 3 ? 
# 
_struct_ref.id                         1 
_struct_ref.db_name                    UNP 
_struct_ref.db_code                    Q9C171_PIREQ 
_struct_ref.entity_id                  1 
_struct_ref.pdbx_seq_one_letter_code   ? 
_struct_ref.pdbx_align_begin           ? 
_struct_ref.pdbx_db_accession          Q9C171 
_struct_ref.pdbx_db_isoform            ? 
# 
_struct_ref_seq.align_id                      1 
_struct_ref_seq.ref_id                        1 
_struct_ref_seq.pdbx_PDB_id_code              1GWL 
_struct_ref_seq.pdbx_strand_id                A 
_struct_ref_seq.seq_align_beg                 2 
_struct_ref_seq.pdbx_seq_align_beg_ins_code   ? 
_struct_ref_seq.seq_align_end                 145 
_struct_ref_seq.pdbx_seq_align_end_ins_code   ? 
_struct_ref_seq.pdbx_db_accession             Q9C171 
_struct_ref_seq.db_align_beg                  335 
_struct_ref_seq.pdbx_db_align_beg_ins_code    ? 
_struct_ref_seq.db_align_end                  478 
_struct_ref_seq.pdbx_db_align_end_ins_code    ? 
_struct_ref_seq.pdbx_auth_seq_align_beg       2 
_struct_ref_seq.pdbx_auth_seq_align_end       145 
# 
loop_
_struct_ref_seq_dif.align_id 
_struct_ref_seq_dif.pdbx_pdb_id_code 
_struct_ref_seq_dif.mon_id 
_struct_ref_seq_dif.pdbx_pdb_strand_id 
_struct_ref_seq_dif.seq_num 
_struct_ref_seq_dif.pdbx_pdb_ins_code 
_struct_ref_seq_dif.pdbx_seq_db_name 
_struct_ref_seq_dif.pdbx_seq_db_accession_code 
_struct_ref_seq_dif.db_mon_id 
_struct_ref_seq_dif.pdbx_seq_db_seq_num 
_struct_ref_seq_dif.details 
_struct_ref_seq_dif.pdbx_auth_seq_num 
_struct_ref_seq_dif.pdbx_ordinal 
1 1GWL MET A 1   ? UNP Q9C171 ? ? 'expression tag' 1   1 
1 1GWL LEU A 146 ? UNP Q9C171 ? ? 'expression tag' 146 2 
1 1GWL GLU A 147 ? UNP Q9C171 ? ? 'expression tag' 147 3 
1 1GWL HIS A 148 ? UNP Q9C171 ? ? 'expression tag' 148 4 
1 1GWL HIS A 149 ? UNP Q9C171 ? ? 'expression tag' 149 5 
1 1GWL HIS A 150 ? UNP Q9C171 ? ? 'expression tag' 150 6 
1 1GWL HIS A 151 ? UNP Q9C171 ? ? 'expression tag' 151 7 
1 1GWL HIS A 152 ? UNP Q9C171 ? ? 'expression tag' 152 8 
1 1GWL HIS A 153 ? UNP Q9C171 ? ? 'expression tag' 153 9 
# 
_pdbx_struct_assembly.id                   1 
_pdbx_struct_assembly.details              author_and_software_defined_assembly 
_pdbx_struct_assembly.method_details       PQS 
_pdbx_struct_assembly.oligomeric_details   dimeric 
_pdbx_struct_assembly.oligomeric_count     2 
# 
_pdbx_struct_assembly_gen.assembly_id       1 
_pdbx_struct_assembly_gen.oper_expression   1,2 
_pdbx_struct_assembly_gen.asym_id_list      A,B,C 
# 
loop_
_pdbx_struct_oper_list.id 
_pdbx_struct_oper_list.type 
_pdbx_struct_oper_list.name 
_pdbx_struct_oper_list.symmetry_operation 
_pdbx_struct_oper_list.matrix[1][1] 
_pdbx_struct_oper_list.matrix[1][2] 
_pdbx_struct_oper_list.matrix[1][3] 
_pdbx_struct_oper_list.vector[1] 
_pdbx_struct_oper_list.matrix[2][1] 
_pdbx_struct_oper_list.matrix[2][2] 
_pdbx_struct_oper_list.matrix[2][3] 
_pdbx_struct_oper_list.vector[2] 
_pdbx_struct_oper_list.matrix[3][1] 
_pdbx_struct_oper_list.matrix[3][2] 
_pdbx_struct_oper_list.matrix[3][3] 
_pdbx_struct_oper_list.vector[3] 
1 'identity operation'         1_555 x,y,z   1.0000000000 0.0000000000 0.0000000000 0.0000000000 0.0000000000 1.0000000000  0.0000000000 0.0000000000  0.0000000000 0.0000000000 1.0000000000  0.0000000000   
2 'crystal symmetry operation' 2_555 -x,y,-z 0.4384072453 0.8631327260 0.2506012463 6.2654616835 0.8631327260 -0.4820673317 0.1503761452 -1.2722310709 0.2506012463 0.1503761452 -0.9563399136 -31.5807735471 
# 
_struct_biol.id   1 
# 
_struct_conf.conf_type_id            HELX_P 
_struct_conf.id                      HELX_P1 
_struct_conf.pdbx_PDB_helix_id       1 
_struct_conf.beg_label_comp_id       SER 
_struct_conf.beg_label_asym_id       A 
_struct_conf.beg_label_seq_id        136 
_struct_conf.pdbx_beg_PDB_ins_code   ? 
_struct_conf.end_label_comp_id       PHE 
_struct_conf.end_label_asym_id       A 
_struct_conf.end_label_seq_id        140 
_struct_conf.pdbx_end_PDB_ins_code   ? 
_struct_conf.beg_auth_comp_id        SER 
_struct_conf.beg_auth_asym_id        A 
_struct_conf.beg_auth_seq_id         136 
_struct_conf.end_auth_comp_id        PHE 
_struct_conf.end_auth_asym_id        A 
_struct_conf.end_auth_seq_id         140 
_struct_conf.pdbx_PDB_helix_class    5 
_struct_conf.details                 ? 
_struct_conf.pdbx_PDB_helix_length   5 
# 
_struct_conf_type.id          HELX_P 
_struct_conf_type.criteria    ? 
_struct_conf_type.reference   ? 
# 
loop_
_struct_conn.id 
_struct_conn.conn_type_id 
_struct_conn.pdbx_leaving_atom_flag 
_struct_conn.pdbx_PDB_id 
_struct_conn.ptnr1_label_asym_id 
_struct_conn.ptnr1_label_comp_id 
_struct_conn.ptnr1_label_seq_id 
_struct_conn.ptnr1_label_atom_id 
_struct_conn.pdbx_ptnr1_label_alt_id 
_struct_conn.pdbx_ptnr1_PDB_ins_code 
_struct_conn.pdbx_ptnr1_standard_comp_id 
_struct_conn.ptnr1_symmetry 
_struct_conn.ptnr2_label_asym_id 
_struct_conn.ptnr2_label_comp_id 
_struct_conn.ptnr2_label_seq_id 
_struct_conn.ptnr2_label_atom_id 
_struct_conn.pdbx_ptnr2_label_alt_id 
_struct_conn.pdbx_ptnr2_PDB_ins_code 
_struct_conn.ptnr1_auth_asym_id 
_struct_conn.ptnr1_auth_comp_id 
_struct_conn.ptnr1_auth_seq_id 
_struct_conn.ptnr2_auth_asym_id 
_struct_conn.ptnr2_auth_comp_id 
_struct_conn.ptnr2_auth_seq_id 
_struct_conn.ptnr2_symmetry 
_struct_conn.pdbx_ptnr3_label_atom_id 
_struct_conn.pdbx_ptnr3_label_seq_id 
_struct_conn.pdbx_ptnr3_label_comp_id 
_struct_conn.pdbx_ptnr3_label_asym_id 
_struct_conn.pdbx_ptnr3_label_alt_id 
_struct_conn.pdbx_ptnr3_PDB_ins_code 
_struct_conn.details 
_struct_conn.pdbx_dist_value 
_struct_conn.pdbx_value_order 
_struct_conn.pdbx_role 
covale1 covale both ? B BMA . O4 ? ? ? 1_555 B BMA . C1 ? ? B BMA 1 B BMA 2 1_555 ? ? ? ? ? ? ? 1.445 ? ? 
covale2 covale both ? B BMA . O4 ? ? ? 1_555 B BMA . C1 ? ? B BMA 2 B BMA 3 1_555 ? ? ? ? ? ? ? 1.436 ? ? 
covale3 covale both ? B BMA . O4 ? ? ? 1_555 B BMA . C1 ? ? B BMA 3 B BMA 4 1_555 ? ? ? ? ? ? ? 1.421 ? ? 
covale4 covale both ? B BMA . O4 ? ? ? 1_555 B BMA . C1 ? ? B BMA 4 B BMA 5 1_555 ? ? ? ? ? ? ? 1.435 ? ? 
covale5 covale both ? B BMA . O4 ? ? ? 1_555 B BMA . C1 ? ? B BMA 5 B BMA 6 1_555 ? ? ? ? ? ? ? 1.433 ? ? 
# 
_struct_conn_type.id          covale 
_struct_conn_type.criteria    ? 
_struct_conn_type.reference   ? 
# 
loop_
_struct_sheet.id 
_struct_sheet.type 
_struct_sheet.number_strands 
_struct_sheet.details 
AA ? 4 ? 
AB ? 4 ? 
AC ? 5 ? 
# 
loop_
_struct_sheet_order.sheet_id 
_struct_sheet_order.range_id_1 
_struct_sheet_order.range_id_2 
_struct_sheet_order.offset 
_struct_sheet_order.sense 
AA 1 2 ? anti-parallel 
AA 2 3 ? anti-parallel 
AA 3 4 ? anti-parallel 
AB 1 2 ? anti-parallel 
AB 2 3 ? anti-parallel 
AB 3 4 ? anti-parallel 
AC 1 2 ? anti-parallel 
AC 2 3 ? anti-parallel 
AC 3 4 ? anti-parallel 
AC 4 5 ? anti-parallel 
# 
loop_
_struct_sheet_range.sheet_id 
_struct_sheet_range.id 
_struct_sheet_range.beg_label_comp_id 
_struct_sheet_range.beg_label_asym_id 
_struct_sheet_range.beg_label_seq_id 
_struct_sheet_range.pdbx_beg_PDB_ins_code 
_struct_sheet_range.end_label_comp_id 
_struct_sheet_range.end_label_asym_id 
_struct_sheet_range.end_label_seq_id 
_struct_sheet_range.pdbx_end_PDB_ins_code 
_struct_sheet_range.beg_auth_comp_id 
_struct_sheet_range.beg_auth_asym_id 
_struct_sheet_range.beg_auth_seq_id 
_struct_sheet_range.end_auth_comp_id 
_struct_sheet_range.end_auth_asym_id 
_struct_sheet_range.end_auth_seq_id 
AA 1 TYR A 7   ? PHE A 11  ? TYR A 7   PHE A 11  
AA 2 ILE A 125 ? SER A 133 ? ILE A 125 SER A 133 
AA 3 ALA A 36  ? PRO A 41  ? ALA A 36  PRO A 41  
AA 4 CYS A 28  ? TYR A 33  ? CYS A 28  TYR A 33  
AB 1 TYR A 7   ? PHE A 11  ? TYR A 7   PHE A 11  
AB 2 ILE A 125 ? SER A 133 ? ILE A 125 SER A 133 
AB 3 SER A 62  ? ASN A 69  ? SER A 62  ASN A 69  
AB 4 SER A 94  ? ASP A 103 ? SER A 94  ASP A 103 
AC 1 TYR A 21  ? ASN A 23  ? TYR A 21  ASN A 23  
AC 2 ALA A 48  ? ARG A 53  ? ALA A 48  ARG A 53  
AC 3 ARG A 112 ? ASP A 117 ? ARG A 112 ASP A 117 
AC 4 VAL A 73  ? ASN A 79  ? VAL A 73  ASN A 79  
AC 5 GLU A 84  ? ILE A 91  ? GLU A 84  ILE A 91  
# 
loop_
_pdbx_struct_sheet_hbond.sheet_id 
_pdbx_struct_sheet_hbond.range_id_1 
_pdbx_struct_sheet_hbond.range_id_2 
_pdbx_struct_sheet_hbond.range_1_label_atom_id 
_pdbx_struct_sheet_hbond.range_1_label_comp_id 
_pdbx_struct_sheet_hbond.range_1_label_asym_id 
_pdbx_struct_sheet_hbond.range_1_label_seq_id 
_pdbx_struct_sheet_hbond.range_1_PDB_ins_code 
_pdbx_struct_sheet_hbond.range_1_auth_atom_id 
_pdbx_struct_sheet_hbond.range_1_auth_comp_id 
_pdbx_struct_sheet_hbond.range_1_auth_asym_id 
_pdbx_struct_sheet_hbond.range_1_auth_seq_id 
_pdbx_struct_sheet_hbond.range_2_label_atom_id 
_pdbx_struct_sheet_hbond.range_2_label_comp_id 
_pdbx_struct_sheet_hbond.range_2_label_asym_id 
_pdbx_struct_sheet_hbond.range_2_label_seq_id 
_pdbx_struct_sheet_hbond.range_2_PDB_ins_code 
_pdbx_struct_sheet_hbond.range_2_auth_atom_id 
_pdbx_struct_sheet_hbond.range_2_auth_comp_id 
_pdbx_struct_sheet_hbond.range_2_auth_asym_id 
_pdbx_struct_sheet_hbond.range_2_auth_seq_id 
AA 1 2 N ILE A 10  ? N ILE A 10  O LEU A 130 ? O LEU A 130 
AA 2 3 N ILE A 127 ? N ILE A 127 O MET A 37  ? O MET A 37  
AA 3 4 N ASN A 40  ? N ASN A 40  O THR A 29  ? O THR A 29  
AB 1 2 N ILE A 10  ? N ILE A 10  O LEU A 130 ? O LEU A 130 
AB 2 3 N SER A 133 ? N SER A 133 O SER A 62  ? O SER A 62  
AB 3 4 N ASN A 69  ? N ASN A 69  O SER A 94  ? O SER A 94  
AC 1 2 N ASP A 22  ? N ASP A 22  O LYS A 52  ? O LYS A 52  
AC 2 3 N LEU A 51  ? N LEU A 51  O ILE A 113 ? O ILE A 113 
AC 3 4 N GLN A 116 ? N GLN A 116 O LYS A 74  ? O LYS A 74  
AC 4 5 N ASN A 79  ? N ASN A 79  O GLU A 84  ? O GLU A 84  
# 
_pdbx_validate_symm_contact.id                1 
_pdbx_validate_symm_contact.PDB_model_num     1 
_pdbx_validate_symm_contact.auth_atom_id_1    OG 
_pdbx_validate_symm_contact.auth_asym_id_1    A 
_pdbx_validate_symm_contact.auth_comp_id_1    SER 
_pdbx_validate_symm_contact.auth_seq_id_1     15 
_pdbx_validate_symm_contact.PDB_ins_code_1    ? 
_pdbx_validate_symm_contact.label_alt_id_1    A 
_pdbx_validate_symm_contact.site_symmetry_1   1_555 
_pdbx_validate_symm_contact.auth_atom_id_2    OE1 
_pdbx_validate_symm_contact.auth_asym_id_2    A 
_pdbx_validate_symm_contact.auth_comp_id_2    GLU 
_pdbx_validate_symm_contact.auth_seq_id_2     84 
_pdbx_validate_symm_contact.PDB_ins_code_2    ? 
_pdbx_validate_symm_contact.label_alt_id_2    ? 
_pdbx_validate_symm_contact.site_symmetry_2   3_455 
_pdbx_validate_symm_contact.dist              1.89 
# 
loop_
_pdbx_validate_rmsd_angle.id 
_pdbx_validate_rmsd_angle.PDB_model_num 
_pdbx_validate_rmsd_angle.auth_atom_id_1 
_pdbx_validate_rmsd_angle.auth_asym_id_1 
_pdbx_validate_rmsd_angle.auth_comp_id_1 
_pdbx_validate_rmsd_angle.auth_seq_id_1 
_pdbx_validate_rmsd_angle.PDB_ins_code_1 
_pdbx_validate_rmsd_angle.label_alt_id_1 
_pdbx_validate_rmsd_angle.auth_atom_id_2 
_pdbx_validate_rmsd_angle.auth_asym_id_2 
_pdbx_validate_rmsd_angle.auth_comp_id_2 
_pdbx_validate_rmsd_angle.auth_seq_id_2 
_pdbx_validate_rmsd_angle.PDB_ins_code_2 
_pdbx_validate_rmsd_angle.label_alt_id_2 
_pdbx_validate_rmsd_angle.auth_atom_id_3 
_pdbx_validate_rmsd_angle.auth_asym_id_3 
_pdbx_validate_rmsd_angle.auth_comp_id_3 
_pdbx_validate_rmsd_angle.auth_seq_id_3 
_pdbx_validate_rmsd_angle.PDB_ins_code_3 
_pdbx_validate_rmsd_angle.label_alt_id_3 
_pdbx_validate_rmsd_angle.angle_value 
_pdbx_validate_rmsd_angle.angle_target_value 
_pdbx_validate_rmsd_angle.angle_deviation 
_pdbx_validate_rmsd_angle.angle_standard_deviation 
_pdbx_validate_rmsd_angle.linker_flag 
1 1 NE A ARG 4   ? B CZ A ARG 4   ? B NH1 A ARG 4   ? B 125.59 120.30 5.29  0.50 N 
2 1 NE A ARG 4   ? B CZ A ARG 4   ? B NH2 A ARG 4   ? B 114.85 120.30 -5.45 0.50 N 
3 1 CA A CYS 28  ? ? CB A CYS 28  ? ? SG  A CYS 28  ? B 128.40 114.20 14.20 1.10 N 
4 1 CB A PHE 106 ? ? CG A PHE 106 ? ? CD1 A PHE 106 ? ? 125.08 120.80 4.28  0.70 N 
5 1 CB A ASP 107 ? ? CG A ASP 107 ? A OD2 A ASP 107 ? A 125.21 118.30 6.91  0.90 N 
6 1 CB A ASP 142 ? ? CG A ASP 142 ? ? OD2 A ASP 142 ? ? 126.24 118.30 7.94  0.90 N 
# 
_pdbx_validate_torsion.id              1 
_pdbx_validate_torsion.PDB_model_num   1 
_pdbx_validate_torsion.auth_comp_id    LYS 
_pdbx_validate_torsion.auth_asym_id    A 
_pdbx_validate_torsion.auth_seq_id     12 
_pdbx_validate_torsion.PDB_ins_code    ? 
_pdbx_validate_torsion.label_alt_id    ? 
_pdbx_validate_torsion.phi             -101.45 
_pdbx_validate_torsion.psi             -84.71 
# 
_pdbx_refine_tls.pdbx_refine_id   'X-RAY DIFFRACTION' 
_pdbx_refine_tls.id               1 
_pdbx_refine_tls.details          ? 
_pdbx_refine_tls.method           refined 
_pdbx_refine_tls.origin_x         -0.1007 
_pdbx_refine_tls.origin_y         0.0406 
_pdbx_refine_tls.origin_z         -0.0857 
_pdbx_refine_tls.T[1][1]          0.0301 
_pdbx_refine_tls.T[2][2]          0.0065 
_pdbx_refine_tls.T[3][3]          0.0302 
_pdbx_refine_tls.T[1][2]          0.0055 
_pdbx_refine_tls.T[1][3]          -0.0070 
_pdbx_refine_tls.T[2][3]          -0.0139 
_pdbx_refine_tls.L[1][1]          0.8410 
_pdbx_refine_tls.L[2][2]          1.2738 
_pdbx_refine_tls.L[3][3]          1.2582 
_pdbx_refine_tls.L[1][2]          0.0612 
_pdbx_refine_tls.L[1][3]          -0.1757 
_pdbx_refine_tls.L[2][3]          -0.1995 
_pdbx_refine_tls.S[1][1]          0.0248 
_pdbx_refine_tls.S[1][2]          0.0288 
_pdbx_refine_tls.S[1][3]          -0.0320 
_pdbx_refine_tls.S[2][1]          -0.0325 
_pdbx_refine_tls.S[2][2]          -0.0211 
_pdbx_refine_tls.S[2][3]          0.0134 
_pdbx_refine_tls.S[3][1]          0.0746 
_pdbx_refine_tls.S[3][2]          -0.0336 
_pdbx_refine_tls.S[3][3]          -0.0038 
# 
_pdbx_refine_tls_group.pdbx_refine_id      'X-RAY DIFFRACTION' 
_pdbx_refine_tls_group.id                  1 
_pdbx_refine_tls_group.refine_tls_id       1 
_pdbx_refine_tls_group.beg_auth_asym_id    A 
_pdbx_refine_tls_group.beg_auth_seq_id     2 
_pdbx_refine_tls_group.beg_label_asym_id   ? 
_pdbx_refine_tls_group.beg_label_seq_id    ? 
_pdbx_refine_tls_group.end_auth_asym_id    A 
_pdbx_refine_tls_group.end_auth_seq_id     142 
_pdbx_refine_tls_group.end_label_asym_id   ? 
_pdbx_refine_tls_group.end_label_seq_id    ? 
_pdbx_refine_tls_group.selection           ? 
_pdbx_refine_tls_group.selection_details   ? 
# 
_pdbx_database_remark.id     700 
_pdbx_database_remark.text   
;
SHEET
THE SHEET STRUCTURE OF THIS MOLECULE IS BIFURCATED. IN
ORDER TO REPRESENT THIS FEATURE IN THE SHEET RECORDS BELOW,
TWO SHEETS ARE DEFINED.
;
# 
_pdbx_distant_solvent_atoms.id                                1 
_pdbx_distant_solvent_atoms.PDB_model_num                     1 
_pdbx_distant_solvent_atoms.auth_atom_id                      O 
_pdbx_distant_solvent_atoms.label_alt_id                      ? 
_pdbx_distant_solvent_atoms.auth_asym_id                      A 
_pdbx_distant_solvent_atoms.auth_comp_id                      HOH 
_pdbx_distant_solvent_atoms.auth_seq_id                       2039 
_pdbx_distant_solvent_atoms.PDB_ins_code                      ? 
_pdbx_distant_solvent_atoms.neighbor_macromolecule_distance   6.18 
_pdbx_distant_solvent_atoms.neighbor_ligand_distance          . 
# 
loop_
_pdbx_unobs_or_zero_occ_residues.id 
_pdbx_unobs_or_zero_occ_residues.PDB_model_num 
_pdbx_unobs_or_zero_occ_residues.polymer_flag 
_pdbx_unobs_or_zero_occ_residues.occupancy_flag 
_pdbx_unobs_or_zero_occ_residues.auth_asym_id 
_pdbx_unobs_or_zero_occ_residues.auth_comp_id 
_pdbx_unobs_or_zero_occ_residues.auth_seq_id 
_pdbx_unobs_or_zero_occ_residues.PDB_ins_code 
_pdbx_unobs_or_zero_occ_residues.label_asym_id 
_pdbx_unobs_or_zero_occ_residues.label_comp_id 
_pdbx_unobs_or_zero_occ_residues.label_seq_id 
1  1 Y 1 A MET 1   ? A MET 1   
2  1 Y 1 A PRO 143 ? A PRO 143 
3  1 Y 1 A ILE 144 ? A ILE 144 
4  1 Y 1 A ASN 145 ? A ASN 145 
5  1 Y 1 A LEU 146 ? A LEU 146 
6  1 Y 1 A GLU 147 ? A GLU 147 
7  1 Y 1 A HIS 148 ? A HIS 148 
8  1 Y 1 A HIS 149 ? A HIS 149 
9  1 Y 1 A HIS 150 ? A HIS 150 
10 1 Y 1 A HIS 151 ? A HIS 151 
11 1 Y 1 A HIS 152 ? A HIS 152 
12 1 Y 1 A HIS 153 ? A HIS 153 
# 
loop_
_chem_comp_atom.comp_id 
_chem_comp_atom.atom_id 
_chem_comp_atom.type_symbol 
_chem_comp_atom.pdbx_aromatic_flag 
_chem_comp_atom.pdbx_stereo_config 
_chem_comp_atom.pdbx_ordinal 
ALA N    N N N 1   
ALA CA   C N S 2   
ALA C    C N N 3   
ALA O    O N N 4   
ALA CB   C N N 5   
ALA OXT  O N N 6   
ALA H    H N N 7   
ALA H2   H N N 8   
ALA HA   H N N 9   
ALA HB1  H N N 10  
ALA HB2  H N N 11  
ALA HB3  H N N 12  
ALA HXT  H N N 13  
ARG N    N N N 14  
ARG CA   C N S 15  
ARG C    C N N 16  
ARG O    O N N 17  
ARG CB   C N N 18  
ARG CG   C N N 19  
ARG CD   C N N 20  
ARG NE   N N N 21  
ARG CZ   C N N 22  
ARG NH1  N N N 23  
ARG NH2  N N N 24  
ARG OXT  O N N 25  
ARG H    H N N 26  
ARG H2   H N N 27  
ARG HA   H N N 28  
ARG HB2  H N N 29  
ARG HB3  H N N 30  
ARG HG2  H N N 31  
ARG HG3  H N N 32  
ARG HD2  H N N 33  
ARG HD3  H N N 34  
ARG HE   H N N 35  
ARG HH11 H N N 36  
ARG HH12 H N N 37  
ARG HH21 H N N 38  
ARG HH22 H N N 39  
ARG HXT  H N N 40  
ASN N    N N N 41  
ASN CA   C N S 42  
ASN C    C N N 43  
ASN O    O N N 44  
ASN CB   C N N 45  
ASN CG   C N N 46  
ASN OD1  O N N 47  
ASN ND2  N N N 48  
ASN OXT  O N N 49  
ASN H    H N N 50  
ASN H2   H N N 51  
ASN HA   H N N 52  
ASN HB2  H N N 53  
ASN HB3  H N N 54  
ASN HD21 H N N 55  
ASN HD22 H N N 56  
ASN HXT  H N N 57  
ASP N    N N N 58  
ASP CA   C N S 59  
ASP C    C N N 60  
ASP O    O N N 61  
ASP CB   C N N 62  
ASP CG   C N N 63  
ASP OD1  O N N 64  
ASP OD2  O N N 65  
ASP OXT  O N N 66  
ASP H    H N N 67  
ASP H2   H N N 68  
ASP HA   H N N 69  
ASP HB2  H N N 70  
ASP HB3  H N N 71  
ASP HD2  H N N 72  
ASP HXT  H N N 73  
BMA C1   C N R 74  
BMA C2   C N S 75  
BMA C3   C N S 76  
BMA C4   C N S 77  
BMA C5   C N R 78  
BMA C6   C N N 79  
BMA O1   O N N 80  
BMA O2   O N N 81  
BMA O3   O N N 82  
BMA O4   O N N 83  
BMA O5   O N N 84  
BMA O6   O N N 85  
BMA H1   H N N 86  
BMA H2   H N N 87  
BMA H3   H N N 88  
BMA H4   H N N 89  
BMA H5   H N N 90  
BMA H61  H N N 91  
BMA H62  H N N 92  
BMA HO1  H N N 93  
BMA HO2  H N N 94  
BMA HO3  H N N 95  
BMA HO4  H N N 96  
BMA HO6  H N N 97  
CYS N    N N N 98  
CYS CA   C N R 99  
CYS C    C N N 100 
CYS O    O N N 101 
CYS CB   C N N 102 
CYS SG   S N N 103 
CYS OXT  O N N 104 
CYS H    H N N 105 
CYS H2   H N N 106 
CYS HA   H N N 107 
CYS HB2  H N N 108 
CYS HB3  H N N 109 
CYS HG   H N N 110 
CYS HXT  H N N 111 
GLN N    N N N 112 
GLN CA   C N S 113 
GLN C    C N N 114 
GLN O    O N N 115 
GLN CB   C N N 116 
GLN CG   C N N 117 
GLN CD   C N N 118 
GLN OE1  O N N 119 
GLN NE2  N N N 120 
GLN OXT  O N N 121 
GLN H    H N N 122 
GLN H2   H N N 123 
GLN HA   H N N 124 
GLN HB2  H N N 125 
GLN HB3  H N N 126 
GLN HG2  H N N 127 
GLN HG3  H N N 128 
GLN HE21 H N N 129 
GLN HE22 H N N 130 
GLN HXT  H N N 131 
GLU N    N N N 132 
GLU CA   C N S 133 
GLU C    C N N 134 
GLU O    O N N 135 
GLU CB   C N N 136 
GLU CG   C N N 137 
GLU CD   C N N 138 
GLU OE1  O N N 139 
GLU OE2  O N N 140 
GLU OXT  O N N 141 
GLU H    H N N 142 
GLU H2   H N N 143 
GLU HA   H N N 144 
GLU HB2  H N N 145 
GLU HB3  H N N 146 
GLU HG2  H N N 147 
GLU HG3  H N N 148 
GLU HE2  H N N 149 
GLU HXT  H N N 150 
GLY N    N N N 151 
GLY CA   C N N 152 
GLY C    C N N 153 
GLY O    O N N 154 
GLY OXT  O N N 155 
GLY H    H N N 156 
GLY H2   H N N 157 
GLY HA2  H N N 158 
GLY HA3  H N N 159 
GLY HXT  H N N 160 
HIS N    N N N 161 
HIS CA   C N S 162 
HIS C    C N N 163 
HIS O    O N N 164 
HIS CB   C N N 165 
HIS CG   C Y N 166 
HIS ND1  N Y N 167 
HIS CD2  C Y N 168 
HIS CE1  C Y N 169 
HIS NE2  N Y N 170 
HIS OXT  O N N 171 
HIS H    H N N 172 
HIS H2   H N N 173 
HIS HA   H N N 174 
HIS HB2  H N N 175 
HIS HB3  H N N 176 
HIS HD1  H N N 177 
HIS HD2  H N N 178 
HIS HE1  H N N 179 
HIS HE2  H N N 180 
HIS HXT  H N N 181 
HOH O    O N N 182 
HOH H1   H N N 183 
HOH H2   H N N 184 
ILE N    N N N 185 
ILE CA   C N S 186 
ILE C    C N N 187 
ILE O    O N N 188 
ILE CB   C N S 189 
ILE CG1  C N N 190 
ILE CG2  C N N 191 
ILE CD1  C N N 192 
ILE OXT  O N N 193 
ILE H    H N N 194 
ILE H2   H N N 195 
ILE HA   H N N 196 
ILE HB   H N N 197 
ILE HG12 H N N 198 
ILE HG13 H N N 199 
ILE HG21 H N N 200 
ILE HG22 H N N 201 
ILE HG23 H N N 202 
ILE HD11 H N N 203 
ILE HD12 H N N 204 
ILE HD13 H N N 205 
ILE HXT  H N N 206 
LEU N    N N N 207 
LEU CA   C N S 208 
LEU C    C N N 209 
LEU O    O N N 210 
LEU CB   C N N 211 
LEU CG   C N N 212 
LEU CD1  C N N 213 
LEU CD2  C N N 214 
LEU OXT  O N N 215 
LEU H    H N N 216 
LEU H2   H N N 217 
LEU HA   H N N 218 
LEU HB2  H N N 219 
LEU HB3  H N N 220 
LEU HG   H N N 221 
LEU HD11 H N N 222 
LEU HD12 H N N 223 
LEU HD13 H N N 224 
LEU HD21 H N N 225 
LEU HD22 H N N 226 
LEU HD23 H N N 227 
LEU HXT  H N N 228 
LYS N    N N N 229 
LYS CA   C N S 230 
LYS C    C N N 231 
LYS O    O N N 232 
LYS CB   C N N 233 
LYS CG   C N N 234 
LYS CD   C N N 235 
LYS CE   C N N 236 
LYS NZ   N N N 237 
LYS OXT  O N N 238 
LYS H    H N N 239 
LYS H2   H N N 240 
LYS HA   H N N 241 
LYS HB2  H N N 242 
LYS HB3  H N N 243 
LYS HG2  H N N 244 
LYS HG3  H N N 245 
LYS HD2  H N N 246 
LYS HD3  H N N 247 
LYS HE2  H N N 248 
LYS HE3  H N N 249 
LYS HZ1  H N N 250 
LYS HZ2  H N N 251 
LYS HZ3  H N N 252 
LYS HXT  H N N 253 
MET N    N N N 254 
MET CA   C N S 255 
MET C    C N N 256 
MET O    O N N 257 
MET CB   C N N 258 
MET CG   C N N 259 
MET SD   S N N 260 
MET CE   C N N 261 
MET OXT  O N N 262 
MET H    H N N 263 
MET H2   H N N 264 
MET HA   H N N 265 
MET HB2  H N N 266 
MET HB3  H N N 267 
MET HG2  H N N 268 
MET HG3  H N N 269 
MET HE1  H N N 270 
MET HE2  H N N 271 
MET HE3  H N N 272 
MET HXT  H N N 273 
PHE N    N N N 274 
PHE CA   C N S 275 
PHE C    C N N 276 
PHE O    O N N 277 
PHE CB   C N N 278 
PHE CG   C Y N 279 
PHE CD1  C Y N 280 
PHE CD2  C Y N 281 
PHE CE1  C Y N 282 
PHE CE2  C Y N 283 
PHE CZ   C Y N 284 
PHE OXT  O N N 285 
PHE H    H N N 286 
PHE H2   H N N 287 
PHE HA   H N N 288 
PHE HB2  H N N 289 
PHE HB3  H N N 290 
PHE HD1  H N N 291 
PHE HD2  H N N 292 
PHE HE1  H N N 293 
PHE HE2  H N N 294 
PHE HZ   H N N 295 
PHE HXT  H N N 296 
PRO N    N N N 297 
PRO CA   C N S 298 
PRO C    C N N 299 
PRO O    O N N 300 
PRO CB   C N N 301 
PRO CG   C N N 302 
PRO CD   C N N 303 
PRO OXT  O N N 304 
PRO H    H N N 305 
PRO HA   H N N 306 
PRO HB2  H N N 307 
PRO HB3  H N N 308 
PRO HG2  H N N 309 
PRO HG3  H N N 310 
PRO HD2  H N N 311 
PRO HD3  H N N 312 
PRO HXT  H N N 313 
SER N    N N N 314 
SER CA   C N S 315 
SER C    C N N 316 
SER O    O N N 317 
SER CB   C N N 318 
SER OG   O N N 319 
SER OXT  O N N 320 
SER H    H N N 321 
SER H2   H N N 322 
SER HA   H N N 323 
SER HB2  H N N 324 
SER HB3  H N N 325 
SER HG   H N N 326 
SER HXT  H N N 327 
THR N    N N N 328 
THR CA   C N S 329 
THR C    C N N 330 
THR O    O N N 331 
THR CB   C N R 332 
THR OG1  O N N 333 
THR CG2  C N N 334 
THR OXT  O N N 335 
THR H    H N N 336 
THR H2   H N N 337 
THR HA   H N N 338 
THR HB   H N N 339 
THR HG1  H N N 340 
THR HG21 H N N 341 
THR HG22 H N N 342 
THR HG23 H N N 343 
THR HXT  H N N 344 
TRP N    N N N 345 
TRP CA   C N S 346 
TRP C    C N N 347 
TRP O    O N N 348 
TRP CB   C N N 349 
TRP CG   C Y N 350 
TRP CD1  C Y N 351 
TRP CD2  C Y N 352 
TRP NE1  N Y N 353 
TRP CE2  C Y N 354 
TRP CE3  C Y N 355 
TRP CZ2  C Y N 356 
TRP CZ3  C Y N 357 
TRP CH2  C Y N 358 
TRP OXT  O N N 359 
TRP H    H N N 360 
TRP H2   H N N 361 
TRP HA   H N N 362 
TRP HB2  H N N 363 
TRP HB3  H N N 364 
TRP HD1  H N N 365 
TRP HE1  H N N 366 
TRP HE3  H N N 367 
TRP HZ2  H N N 368 
TRP HZ3  H N N 369 
TRP HH2  H N N 370 
TRP HXT  H N N 371 
TYR N    N N N 372 
TYR CA   C N S 373 
TYR C    C N N 374 
TYR O    O N N 375 
TYR CB   C N N 376 
TYR CG   C Y N 377 
TYR CD1  C Y N 378 
TYR CD2  C Y N 379 
TYR CE1  C Y N 380 
TYR CE2  C Y N 381 
TYR CZ   C Y N 382 
TYR OH   O N N 383 
TYR OXT  O N N 384 
TYR H    H N N 385 
TYR H2   H N N 386 
TYR HA   H N N 387 
TYR HB2  H N N 388 
TYR HB3  H N N 389 
TYR HD1  H N N 390 
TYR HD2  H N N 391 
TYR HE1  H N N 392 
TYR HE2  H N N 393 
TYR HH   H N N 394 
TYR HXT  H N N 395 
VAL N    N N N 396 
VAL CA   C N S 397 
VAL C    C N N 398 
VAL O    O N N 399 
VAL CB   C N N 400 
VAL CG1  C N N 401 
VAL CG2  C N N 402 
VAL OXT  O N N 403 
VAL H    H N N 404 
VAL H2   H N N 405 
VAL HA   H N N 406 
VAL HB   H N N 407 
VAL HG11 H N N 408 
VAL HG12 H N N 409 
VAL HG13 H N N 410 
VAL HG21 H N N 411 
VAL HG22 H N N 412 
VAL HG23 H N N 413 
VAL HXT  H N N 414 
# 
loop_
_chem_comp_bond.comp_id 
_chem_comp_bond.atom_id_1 
_chem_comp_bond.atom_id_2 
_chem_comp_bond.value_order 
_chem_comp_bond.pdbx_aromatic_flag 
_chem_comp_bond.pdbx_stereo_config 
_chem_comp_bond.pdbx_ordinal 
ALA N   CA   sing N N 1   
ALA N   H    sing N N 2   
ALA N   H2   sing N N 3   
ALA CA  C    sing N N 4   
ALA CA  CB   sing N N 5   
ALA CA  HA   sing N N 6   
ALA C   O    doub N N 7   
ALA C   OXT  sing N N 8   
ALA CB  HB1  sing N N 9   
ALA CB  HB2  sing N N 10  
ALA CB  HB3  sing N N 11  
ALA OXT HXT  sing N N 12  
ARG N   CA   sing N N 13  
ARG N   H    sing N N 14  
ARG N   H2   sing N N 15  
ARG CA  C    sing N N 16  
ARG CA  CB   sing N N 17  
ARG CA  HA   sing N N 18  
ARG C   O    doub N N 19  
ARG C   OXT  sing N N 20  
ARG CB  CG   sing N N 21  
ARG CB  HB2  sing N N 22  
ARG CB  HB3  sing N N 23  
ARG CG  CD   sing N N 24  
ARG CG  HG2  sing N N 25  
ARG CG  HG3  sing N N 26  
ARG CD  NE   sing N N 27  
ARG CD  HD2  sing N N 28  
ARG CD  HD3  sing N N 29  
ARG NE  CZ   sing N N 30  
ARG NE  HE   sing N N 31  
ARG CZ  NH1  sing N N 32  
ARG CZ  NH2  doub N N 33  
ARG NH1 HH11 sing N N 34  
ARG NH1 HH12 sing N N 35  
ARG NH2 HH21 sing N N 36  
ARG NH2 HH22 sing N N 37  
ARG OXT HXT  sing N N 38  
ASN N   CA   sing N N 39  
ASN N   H    sing N N 40  
ASN N   H2   sing N N 41  
ASN CA  C    sing N N 42  
ASN CA  CB   sing N N 43  
ASN CA  HA   sing N N 44  
ASN C   O    doub N N 45  
ASN C   OXT  sing N N 46  
ASN CB  CG   sing N N 47  
ASN CB  HB2  sing N N 48  
ASN CB  HB3  sing N N 49  
ASN CG  OD1  doub N N 50  
ASN CG  ND2  sing N N 51  
ASN ND2 HD21 sing N N 52  
ASN ND2 HD22 sing N N 53  
ASN OXT HXT  sing N N 54  
ASP N   CA   sing N N 55  
ASP N   H    sing N N 56  
ASP N   H2   sing N N 57  
ASP CA  C    sing N N 58  
ASP CA  CB   sing N N 59  
ASP CA  HA   sing N N 60  
ASP C   O    doub N N 61  
ASP C   OXT  sing N N 62  
ASP CB  CG   sing N N 63  
ASP CB  HB2  sing N N 64  
ASP CB  HB3  sing N N 65  
ASP CG  OD1  doub N N 66  
ASP CG  OD2  sing N N 67  
ASP OD2 HD2  sing N N 68  
ASP OXT HXT  sing N N 69  
BMA C1  C2   sing N N 70  
BMA C1  O1   sing N N 71  
BMA C1  O5   sing N N 72  
BMA C1  H1   sing N N 73  
BMA C2  C3   sing N N 74  
BMA C2  O2   sing N N 75  
BMA C2  H2   sing N N 76  
BMA C3  C4   sing N N 77  
BMA C3  O3   sing N N 78  
BMA C3  H3   sing N N 79  
BMA C4  C5   sing N N 80  
BMA C4  O4   sing N N 81  
BMA C4  H4   sing N N 82  
BMA C5  C6   sing N N 83  
BMA C5  O5   sing N N 84  
BMA C5  H5   sing N N 85  
BMA C6  O6   sing N N 86  
BMA C6  H61  sing N N 87  
BMA C6  H62  sing N N 88  
BMA O1  HO1  sing N N 89  
BMA O2  HO2  sing N N 90  
BMA O3  HO3  sing N N 91  
BMA O4  HO4  sing N N 92  
BMA O6  HO6  sing N N 93  
CYS N   CA   sing N N 94  
CYS N   H    sing N N 95  
CYS N   H2   sing N N 96  
CYS CA  C    sing N N 97  
CYS CA  CB   sing N N 98  
CYS CA  HA   sing N N 99  
CYS C   O    doub N N 100 
CYS C   OXT  sing N N 101 
CYS CB  SG   sing N N 102 
CYS CB  HB2  sing N N 103 
CYS CB  HB3  sing N N 104 
CYS SG  HG   sing N N 105 
CYS OXT HXT  sing N N 106 
GLN N   CA   sing N N 107 
GLN N   H    sing N N 108 
GLN N   H2   sing N N 109 
GLN CA  C    sing N N 110 
GLN CA  CB   sing N N 111 
GLN CA  HA   sing N N 112 
GLN C   O    doub N N 113 
GLN C   OXT  sing N N 114 
GLN CB  CG   sing N N 115 
GLN CB  HB2  sing N N 116 
GLN CB  HB3  sing N N 117 
GLN CG  CD   sing N N 118 
GLN CG  HG2  sing N N 119 
GLN CG  HG3  sing N N 120 
GLN CD  OE1  doub N N 121 
GLN CD  NE2  sing N N 122 
GLN NE2 HE21 sing N N 123 
GLN NE2 HE22 sing N N 124 
GLN OXT HXT  sing N N 125 
GLU N   CA   sing N N 126 
GLU N   H    sing N N 127 
GLU N   H2   sing N N 128 
GLU CA  C    sing N N 129 
GLU CA  CB   sing N N 130 
GLU CA  HA   sing N N 131 
GLU C   O    doub N N 132 
GLU C   OXT  sing N N 133 
GLU CB  CG   sing N N 134 
GLU CB  HB2  sing N N 135 
GLU CB  HB3  sing N N 136 
GLU CG  CD   sing N N 137 
GLU CG  HG2  sing N N 138 
GLU CG  HG3  sing N N 139 
GLU CD  OE1  doub N N 140 
GLU CD  OE2  sing N N 141 
GLU OE2 HE2  sing N N 142 
GLU OXT HXT  sing N N 143 
GLY N   CA   sing N N 144 
GLY N   H    sing N N 145 
GLY N   H2   sing N N 146 
GLY CA  C    sing N N 147 
GLY CA  HA2  sing N N 148 
GLY CA  HA3  sing N N 149 
GLY C   O    doub N N 150 
GLY C   OXT  sing N N 151 
GLY OXT HXT  sing N N 152 
HIS N   CA   sing N N 153 
HIS N   H    sing N N 154 
HIS N   H2   sing N N 155 
HIS CA  C    sing N N 156 
HIS CA  CB   sing N N 157 
HIS CA  HA   sing N N 158 
HIS C   O    doub N N 159 
HIS C   OXT  sing N N 160 
HIS CB  CG   sing N N 161 
HIS CB  HB2  sing N N 162 
HIS CB  HB3  sing N N 163 
HIS CG  ND1  sing Y N 164 
HIS CG  CD2  doub Y N 165 
HIS ND1 CE1  doub Y N 166 
HIS ND1 HD1  sing N N 167 
HIS CD2 NE2  sing Y N 168 
HIS CD2 HD2  sing N N 169 
HIS CE1 NE2  sing Y N 170 
HIS CE1 HE1  sing N N 171 
HIS NE2 HE2  sing N N 172 
HIS OXT HXT  sing N N 173 
HOH O   H1   sing N N 174 
HOH O   H2   sing N N 175 
ILE N   CA   sing N N 176 
ILE N   H    sing N N 177 
ILE N   H2   sing N N 178 
ILE CA  C    sing N N 179 
ILE CA  CB   sing N N 180 
ILE CA  HA   sing N N 181 
ILE C   O    doub N N 182 
ILE C   OXT  sing N N 183 
ILE CB  CG1  sing N N 184 
ILE CB  CG2  sing N N 185 
ILE CB  HB   sing N N 186 
ILE CG1 CD1  sing N N 187 
ILE CG1 HG12 sing N N 188 
ILE CG1 HG13 sing N N 189 
ILE CG2 HG21 sing N N 190 
ILE CG2 HG22 sing N N 191 
ILE CG2 HG23 sing N N 192 
ILE CD1 HD11 sing N N 193 
ILE CD1 HD12 sing N N 194 
ILE CD1 HD13 sing N N 195 
ILE OXT HXT  sing N N 196 
LEU N   CA   sing N N 197 
LEU N   H    sing N N 198 
LEU N   H2   sing N N 199 
LEU CA  C    sing N N 200 
LEU CA  CB   sing N N 201 
LEU CA  HA   sing N N 202 
LEU C   O    doub N N 203 
LEU C   OXT  sing N N 204 
LEU CB  CG   sing N N 205 
LEU CB  HB2  sing N N 206 
LEU CB  HB3  sing N N 207 
LEU CG  CD1  sing N N 208 
LEU CG  CD2  sing N N 209 
LEU CG  HG   sing N N 210 
LEU CD1 HD11 sing N N 211 
LEU CD1 HD12 sing N N 212 
LEU CD1 HD13 sing N N 213 
LEU CD2 HD21 sing N N 214 
LEU CD2 HD22 sing N N 215 
LEU CD2 HD23 sing N N 216 
LEU OXT HXT  sing N N 217 
LYS N   CA   sing N N 218 
LYS N   H    sing N N 219 
LYS N   H2   sing N N 220 
LYS CA  C    sing N N 221 
LYS CA  CB   sing N N 222 
LYS CA  HA   sing N N 223 
LYS C   O    doub N N 224 
LYS C   OXT  sing N N 225 
LYS CB  CG   sing N N 226 
LYS CB  HB2  sing N N 227 
LYS CB  HB3  sing N N 228 
LYS CG  CD   sing N N 229 
LYS CG  HG2  sing N N 230 
LYS CG  HG3  sing N N 231 
LYS CD  CE   sing N N 232 
LYS CD  HD2  sing N N 233 
LYS CD  HD3  sing N N 234 
LYS CE  NZ   sing N N 235 
LYS CE  HE2  sing N N 236 
LYS CE  HE3  sing N N 237 
LYS NZ  HZ1  sing N N 238 
LYS NZ  HZ2  sing N N 239 
LYS NZ  HZ3  sing N N 240 
LYS OXT HXT  sing N N 241 
MET N   CA   sing N N 242 
MET N   H    sing N N 243 
MET N   H2   sing N N 244 
MET CA  C    sing N N 245 
MET CA  CB   sing N N 246 
MET CA  HA   sing N N 247 
MET C   O    doub N N 248 
MET C   OXT  sing N N 249 
MET CB  CG   sing N N 250 
MET CB  HB2  sing N N 251 
MET CB  HB3  sing N N 252 
MET CG  SD   sing N N 253 
MET CG  HG2  sing N N 254 
MET CG  HG3  sing N N 255 
MET SD  CE   sing N N 256 
MET CE  HE1  sing N N 257 
MET CE  HE2  sing N N 258 
MET CE  HE3  sing N N 259 
MET OXT HXT  sing N N 260 
PHE N   CA   sing N N 261 
PHE N   H    sing N N 262 
PHE N   H2   sing N N 263 
PHE CA  C    sing N N 264 
PHE CA  CB   sing N N 265 
PHE CA  HA   sing N N 266 
PHE C   O    doub N N 267 
PHE C   OXT  sing N N 268 
PHE CB  CG   sing N N 269 
PHE CB  HB2  sing N N 270 
PHE CB  HB3  sing N N 271 
PHE CG  CD1  doub Y N 272 
PHE CG  CD2  sing Y N 273 
PHE CD1 CE1  sing Y N 274 
PHE CD1 HD1  sing N N 275 
PHE CD2 CE2  doub Y N 276 
PHE CD2 HD2  sing N N 277 
PHE CE1 CZ   doub Y N 278 
PHE CE1 HE1  sing N N 279 
PHE CE2 CZ   sing Y N 280 
PHE CE2 HE2  sing N N 281 
PHE CZ  HZ   sing N N 282 
PHE OXT HXT  sing N N 283 
PRO N   CA   sing N N 284 
PRO N   CD   sing N N 285 
PRO N   H    sing N N 286 
PRO CA  C    sing N N 287 
PRO CA  CB   sing N N 288 
PRO CA  HA   sing N N 289 
PRO C   O    doub N N 290 
PRO C   OXT  sing N N 291 
PRO CB  CG   sing N N 292 
PRO CB  HB2  sing N N 293 
PRO CB  HB3  sing N N 294 
PRO CG  CD   sing N N 295 
PRO CG  HG2  sing N N 296 
PRO CG  HG3  sing N N 297 
PRO CD  HD2  sing N N 298 
PRO CD  HD3  sing N N 299 
PRO OXT HXT  sing N N 300 
SER N   CA   sing N N 301 
SER N   H    sing N N 302 
SER N   H2   sing N N 303 
SER CA  C    sing N N 304 
SER CA  CB   sing N N 305 
SER CA  HA   sing N N 306 
SER C   O    doub N N 307 
SER C   OXT  sing N N 308 
SER CB  OG   sing N N 309 
SER CB  HB2  sing N N 310 
SER CB  HB3  sing N N 311 
SER OG  HG   sing N N 312 
SER OXT HXT  sing N N 313 
THR N   CA   sing N N 314 
THR N   H    sing N N 315 
THR N   H2   sing N N 316 
THR CA  C    sing N N 317 
THR CA  CB   sing N N 318 
THR CA  HA   sing N N 319 
THR C   O    doub N N 320 
THR C   OXT  sing N N 321 
THR CB  OG1  sing N N 322 
THR CB  CG2  sing N N 323 
THR CB  HB   sing N N 324 
THR OG1 HG1  sing N N 325 
THR CG2 HG21 sing N N 326 
THR CG2 HG22 sing N N 327 
THR CG2 HG23 sing N N 328 
THR OXT HXT  sing N N 329 
TRP N   CA   sing N N 330 
TRP N   H    sing N N 331 
TRP N   H2   sing N N 332 
TRP CA  C    sing N N 333 
TRP CA  CB   sing N N 334 
TRP CA  HA   sing N N 335 
TRP C   O    doub N N 336 
TRP C   OXT  sing N N 337 
TRP CB  CG   sing N N 338 
TRP CB  HB2  sing N N 339 
TRP CB  HB3  sing N N 340 
TRP CG  CD1  doub Y N 341 
TRP CG  CD2  sing Y N 342 
TRP CD1 NE1  sing Y N 343 
TRP CD1 HD1  sing N N 344 
TRP CD2 CE2  doub Y N 345 
TRP CD2 CE3  sing Y N 346 
TRP NE1 CE2  sing Y N 347 
TRP NE1 HE1  sing N N 348 
TRP CE2 CZ2  sing Y N 349 
TRP CE3 CZ3  doub Y N 350 
TRP CE3 HE3  sing N N 351 
TRP CZ2 CH2  doub Y N 352 
TRP CZ2 HZ2  sing N N 353 
TRP CZ3 CH2  sing Y N 354 
TRP CZ3 HZ3  sing N N 355 
TRP CH2 HH2  sing N N 356 
TRP OXT HXT  sing N N 357 
TYR N   CA   sing N N 358 
TYR N   H    sing N N 359 
TYR N   H2   sing N N 360 
TYR CA  C    sing N N 361 
TYR CA  CB   sing N N 362 
TYR CA  HA   sing N N 363 
TYR C   O    doub N N 364 
TYR C   OXT  sing N N 365 
TYR CB  CG   sing N N 366 
TYR CB  HB2  sing N N 367 
TYR CB  HB3  sing N N 368 
TYR CG  CD1  doub Y N 369 
TYR CG  CD2  sing Y N 370 
TYR CD1 CE1  sing Y N 371 
TYR CD1 HD1  sing N N 372 
TYR CD2 CE2  doub Y N 373 
TYR CD2 HD2  sing N N 374 
TYR CE1 CZ   doub Y N 375 
TYR CE1 HE1  sing N N 376 
TYR CE2 CZ   sing Y N 377 
TYR CE2 HE2  sing N N 378 
TYR CZ  OH   sing N N 379 
TYR OH  HH   sing N N 380 
TYR OXT HXT  sing N N 381 
VAL N   CA   sing N N 382 
VAL N   H    sing N N 383 
VAL N   H2   sing N N 384 
VAL CA  C    sing N N 385 
VAL CA  CB   sing N N 386 
VAL CA  HA   sing N N 387 
VAL C   O    doub N N 388 
VAL C   OXT  sing N N 389 
VAL CB  CG1  sing N N 390 
VAL CB  CG2  sing N N 391 
VAL CB  HB   sing N N 392 
VAL CG1 HG11 sing N N 393 
VAL CG1 HG12 sing N N 394 
VAL CG1 HG13 sing N N 395 
VAL CG2 HG21 sing N N 396 
VAL CG2 HG22 sing N N 397 
VAL CG2 HG23 sing N N 398 
VAL OXT HXT  sing N N 399 
# 
loop_
_pdbx_entity_branch_list.entity_id 
_pdbx_entity_branch_list.comp_id 
_pdbx_entity_branch_list.num 
_pdbx_entity_branch_list.hetero 
2 BMA 1 n 
2 BMA 2 n 
2 BMA 3 n 
2 BMA 4 n 
2 BMA 5 n 
2 BMA 6 n 
# 
_pdbx_initial_refinement_model.accession_code   ? 
_pdbx_initial_refinement_model.id               1 
_pdbx_initial_refinement_model.entity_id_list   ? 
_pdbx_initial_refinement_model.type             'experimental model' 
_pdbx_initial_refinement_model.source_name      Other 
_pdbx_initial_refinement_model.details          'NATIVE CBM29 SOLVED BY MAD' 
# 
_atom_sites.entry_id                    1GWL 
_atom_sites.fract_transf_matrix[1][1]   -0.01020531 
_atom_sites.fract_transf_matrix[1][2]   0.01499570 
_atom_sites.fract_transf_matrix[1][3]   0.00692779 
_atom_sites.fract_transf_matrix[2][1]   -0.01964189 
_atom_sites.fract_transf_matrix[2][2]   -0.01178634 
_atom_sites.fract_transf_matrix[2][3]   -0.00342204 
_atom_sites.fract_transf_matrix[3][1]   0.00052826 
_atom_sites.fract_transf_matrix[3][2]   -0.00540494 
_atom_sites.fract_transf_matrix[3][3]   0.01558386 
_atom_sites.fract_transf_vector[1]      0.150902 
_atom_sites.fract_transf_vector[2]      -0.001979 
_atom_sites.fract_transf_vector[3]      0.240982 
# 
loop_
_atom_type.symbol 
C 
N 
O 
S 
# 
loop_
_atom_site.group_PDB 
_atom_site.id 
_atom_site.type_symbol 
_atom_site.label_atom_id 
_atom_site.label_alt_id 
_atom_site.label_comp_id 
_atom_site.label_asym_id 
_atom_site.label_entity_id 
_atom_site.label_seq_id 
_atom_site.pdbx_PDB_ins_code 
_atom_site.Cartn_x 
_atom_site.Cartn_y 
_atom_site.Cartn_z 
_atom_site.occupancy 
_atom_site.B_iso_or_equiv 
_atom_site.pdbx_formal_charge 
_atom_site.auth_seq_id 
_atom_site.auth_comp_id 
_atom_site.auth_asym_id 
_atom_site.auth_atom_id 
_atom_site.pdbx_PDB_model_num 
ATOM   1    N N   . ASN A 1 2   ? -3.051  16.801  -22.581 1.00 21.15 ? 2    ASN A N   1 
ATOM   2    C CA  . ASN A 1 2   ? -3.590  15.429  -22.345 1.00 20.65 ? 2    ASN A CA  1 
ATOM   3    C C   . ASN A 1 2   ? -3.920  15.045  -20.908 1.00 19.38 ? 2    ASN A C   1 
ATOM   4    O O   . ASN A 1 2   ? -3.388  15.575  -19.934 1.00 20.05 ? 2    ASN A O   1 
ATOM   5    C CB  . ASN A 1 2   ? -2.671  14.350  -22.946 1.00 21.86 ? 2    ASN A CB  1 
ATOM   6    C CG  . ASN A 1 2   ? -1.223  14.465  -22.482 1.00 24.38 ? 2    ASN A CG  1 
ATOM   7    O OD1 . ASN A 1 2   ? -0.888  14.104  -21.341 1.00 30.93 ? 2    ASN A OD1 1 
ATOM   8    N ND2 . ASN A 1 2   ? -0.345  14.921  -23.382 1.00 27.94 ? 2    ASN A ND2 1 
ATOM   9    N N   . VAL A 1 3   ? -4.802  14.058  -20.810 1.00 16.97 ? 3    VAL A N   1 
ATOM   10   C CA  . VAL A 1 3   ? -5.422  13.614  -19.568 1.00 15.45 ? 3    VAL A CA  1 
ATOM   11   C C   . VAL A 1 3   ? -4.870  12.223  -19.208 1.00 12.63 ? 3    VAL A C   1 
ATOM   12   O O   . VAL A 1 3   ? -5.110  11.687  -18.104 1.00 11.63 ? 3    VAL A O   1 
ATOM   13   C CB  . VAL A 1 3   ? -6.967  13.571  -19.792 1.00 14.92 ? 3    VAL A CB  1 
ATOM   14   C CG1 . VAL A 1 3   ? -7.734  12.965  -18.597 1.00 15.88 ? 3    VAL A CG1 1 
ATOM   15   C CG2 . VAL A 1 3   ? -7.480  14.966  -20.079 1.00 16.24 ? 3    VAL A CG2 1 
ATOM   16   N N   . ARG A 1 4   ? -4.191  11.620  -20.180 1.00 12.20 ? 4    ARG A N   1 
ATOM   17   C CA  . ARG A 1 4   ? -3.733  10.245  -20.081 1.00 10.95 ? 4    ARG A CA  1 
ATOM   18   C C   . ARG A 1 4   ? -2.649  10.101  -19.024 1.00 9.67  ? 4    ARG A C   1 
ATOM   19   O O   . ARG A 1 4   ? -1.756  10.914  -18.909 1.00 11.48 ? 4    ARG A O   1 
ATOM   20   C CB  . ARG A 1 4   ? -3.213  9.691   -21.429 1.00 10.88 ? 4    ARG A CB  1 
ATOM   21   C CG  A ARG A 1 4   ? -2.891  8.196   -21.398 0.50 9.34  ? 4    ARG A CG  1 
ATOM   22   C CG  B ARG A 1 4   ? -3.088  8.167   -21.432 0.50 11.92 ? 4    ARG A CG  1 
ATOM   23   C CD  A ARG A 1 4   ? -2.759  7.545   -22.780 0.50 5.23  ? 4    ARG A CD  1 
ATOM   24   C CD  B ARG A 1 4   ? -1.701  7.507   -21.604 0.50 10.88 ? 4    ARG A CD  1 
ATOM   25   N NE  A ARG A 1 4   ? -4.061  7.392   -23.404 0.50 2.40  ? 4    ARG A NE  1 
ATOM   26   N NE  B ARG A 1 4   ? -1.816  6.289   -20.831 0.50 14.63 ? 4    ARG A NE  1 
ATOM   27   C CZ  A ARG A 1 4   ? -4.526  8.111   -24.424 0.50 2.00  ? 4    ARG A CZ  1 
ATOM   28   C CZ  B ARG A 1 4   ? -1.076  5.181   -20.847 0.50 14.57 ? 4    ARG A CZ  1 
ATOM   29   N NH1 A ARG A 1 4   ? -3.797  9.053   -25.044 0.50 2.00  ? 4    ARG A NH1 1 
ATOM   30   N NH1 B ARG A 1 4   ? 0.039   5.007   -21.545 0.50 10.93 ? 4    ARG A NH1 1 
ATOM   31   N NH2 A ARG A 1 4   ? -5.763  7.864   -24.854 0.50 2.75  ? 4    ARG A NH2 1 
ATOM   32   N NH2 B ARG A 1 4   ? -1.490  4.226   -20.037 0.50 15.41 ? 4    ARG A NH2 1 
ATOM   33   N N   . ALA A 1 5   ? -2.788  9.057   -18.257 1.00 7.15  ? 5    ALA A N   1 
ATOM   34   C CA  . ALA A 1 5   ? -1.850  8.715   -17.197 1.00 6.35  ? 5    ALA A CA  1 
ATOM   35   C C   . ALA A 1 5   ? -1.018  7.525   -17.611 1.00 5.61  ? 5    ALA A C   1 
ATOM   36   O O   . ALA A 1 5   ? -1.305  6.859   -18.589 1.00 4.87  ? 5    ALA A O   1 
ATOM   37   C CB  . ALA A 1 5   ? -2.610  8.378   -15.970 1.00 7.00  ? 5    ALA A CB  1 
ATOM   38   N N   . THR A 1 6   ? 0.054   7.328   -16.863 1.00 6.62  ? 6    THR A N   1 
ATOM   39   C CA  . THR A 1 6   ? 0.865   6.112   -16.878 1.00 7.05  ? 6    THR A CA  1 
ATOM   40   C C   . THR A 1 6   ? 0.463   5.259   -15.656 1.00 7.67  ? 6    THR A C   1 
ATOM   41   O O   . THR A 1 6   ? 0.563   5.746   -14.476 1.00 7.62  ? 6    THR A O   1 
ATOM   42   C CB  . THR A 1 6   ? 2.369   6.496   -16.810 1.00 6.96  ? 6    THR A CB  1 
ATOM   43   O OG1 . THR A 1 6   ? 2.749   7.241   -17.977 1.00 8.29  ? 6    THR A OG1 1 
ATOM   44   C CG2 . THR A 1 6   ? 3.302   5.210   -16.769 1.00 6.82  ? 6    THR A CG2 1 
ATOM   45   N N   . TYR A 1 7   ? 0.002   4.032   -15.906 1.00 7.65  ? 7    TYR A N   1 
ATOM   46   C CA  . TYR A 1 7   ? -0.446  3.074   -14.872 1.00 7.43  ? 7    TYR A CA  1 
ATOM   47   C C   . TYR A 1 7   ? 0.614   1.989   -14.631 1.00 8.77  ? 7    TYR A C   1 
ATOM   48   O O   . TYR A 1 7   ? 0.909   1.208   -15.570 1.00 11.50 ? 7    TYR A O   1 
ATOM   49   C CB  . TYR A 1 7   ? -1.740  2.380   -15.281 1.00 8.25  ? 7    TYR A CB  1 
ATOM   50   C CG  . TYR A 1 7   ? -2.915  3.297   -15.396 1.00 5.76  ? 7    TYR A CG  1 
ATOM   51   C CD1 . TYR A 1 7   ? -3.145  3.987   -16.549 1.00 5.79  ? 7    TYR A CD1 1 
ATOM   52   C CD2 . TYR A 1 7   ? -3.741  3.545   -14.301 1.00 6.61  ? 7    TYR A CD2 1 
ATOM   53   C CE1 . TYR A 1 7   ? -4.199  4.876   -16.669 1.00 5.30  ? 7    TYR A CE1 1 
ATOM   54   C CE2 . TYR A 1 7   ? -4.800  4.424   -14.397 1.00 7.61  ? 7    TYR A CE2 1 
ATOM   55   C CZ  . TYR A 1 7   ? -5.032  5.092   -15.579 1.00 7.77  ? 7    TYR A CZ  1 
ATOM   56   O OH  . TYR A 1 7   ? -6.085  5.970   -15.729 1.00 6.17  ? 7    TYR A OH  1 
ATOM   57   N N   . THR A 1 8   ? 1.133   1.922   -13.408 1.00 6.74  ? 8    THR A N   1 
ATOM   58   C CA  . THR A 1 8   ? 2.165   0.954   -12.993 1.00 6.64  ? 8    THR A CA  1 
ATOM   59   C C   . THR A 1 8   ? 1.502   -0.135  -12.151 1.00 6.22  ? 8    THR A C   1 
ATOM   60   O O   . THR A 1 8   ? 1.045   0.117   -11.040 1.00 6.28  ? 8    THR A O   1 
ATOM   61   C CB  . THR A 1 8   ? 3.271   1.639   -12.185 1.00 6.33  ? 8    THR A CB  1 
ATOM   62   O OG1 . THR A 1 8   ? 3.920   2.665   -12.955 1.00 8.53  ? 8    THR A OG1 1 
ATOM   63   C CG2 . THR A 1 8   ? 4.420   0.680   -11.808 1.00 6.12  ? 8    THR A CG2 1 
ATOM   64   N N   . VAL A 1 9   ? 1.484   -1.349  -12.671 1.00 6.19  ? 9    VAL A N   1 
ATOM   65   C CA  . VAL A 1 9   ? 0.922   -2.500  -11.961 1.00 6.56  ? 9    VAL A CA  1 
ATOM   66   C C   . VAL A 1 9   ? 2.009   -3.024  -11.014 1.00 6.18  ? 9    VAL A C   1 
ATOM   67   O O   . VAL A 1 9   ? 3.017   -3.526  -11.483 1.00 7.42  ? 9    VAL A O   1 
ATOM   68   C CB  . VAL A 1 9   ? 0.426   -3.615  -12.928 1.00 6.80  ? 9    VAL A CB  1 
ATOM   69   C CG1 . VAL A 1 9   ? -0.166  -4.757  -12.133 1.00 7.57  ? 9    VAL A CG1 1 
ATOM   70   C CG2 . VAL A 1 9   ? -0.601  -3.054  -13.912 1.00 9.43  ? 9    VAL A CG2 1 
ATOM   71   N N   . ILE A 1 10  ? 1.784   -2.904  -9.708  1.00 5.58  ? 10   ILE A N   1 
ATOM   72   C CA  . ILE A 1 10  ? 2.751   -3.364  -8.692  1.00 5.34  ? 10   ILE A CA  1 
ATOM   73   C C   . ILE A 1 10  ? 2.517   -4.832  -8.383  1.00 7.61  ? 10   ILE A C   1 
ATOM   74   O O   . ILE A 1 10  ? 3.451   -5.645  -8.459  1.00 7.99  ? 10   ILE A O   1 
ATOM   75   C CB  . ILE A 1 10  ? 2.769   -2.449  -7.465  1.00 5.83  ? 10   ILE A CB  1 
ATOM   76   C CG1 . ILE A 1 10  ? 3.154   -1.009  -7.891  1.00 6.70  ? 10   ILE A CG1 1 
ATOM   77   C CG2 . ILE A 1 10  ? 3.760   -2.951  -6.434  1.00 6.48  ? 10   ILE A CG2 1 
ATOM   78   C CD1 . ILE A 1 10  ? 3.036   -0.012  -6.781  1.00 9.50  ? 10   ILE A CD1 1 
ATOM   79   N N   . PHE A 1 11  ? 1.270   -5.209  -8.118  1.00 9.04  ? 11   PHE A N   1 
ATOM   80   C CA  . PHE A 1 11  ? 0.935   -6.623  -8.251  1.00 11.57 ? 11   PHE A CA  1 
ATOM   81   C C   . PHE A 1 11  ? -0.531  -6.876  -8.488  1.00 12.81 ? 11   PHE A C   1 
ATOM   82   O O   . PHE A 1 11  ? -1.390  -6.134  -8.021  1.00 12.20 ? 11   PHE A O   1 
ATOM   83   C CB  . PHE A 1 11  ? 1.404   -7.434  -7.069  1.00 11.72 ? 11   PHE A CB  1 
ATOM   84   C CG  . PHE A 1 11  ? 0.857   -6.965  -5.745  1.00 10.97 ? 11   PHE A CG  1 
ATOM   85   C CD1 . PHE A 1 11  ? 1.587   -6.123  -4.974  1.00 14.09 ? 11   PHE A CD1 1 
ATOM   86   C CD2 . PHE A 1 11  ? -0.324  -7.504  -5.236  1.00 14.72 ? 11   PHE A CD2 1 
ATOM   87   C CE1 . PHE A 1 11  ? 1.120   -5.722  -3.725  1.00 15.90 ? 11   PHE A CE1 1 
ATOM   88   C CE2 . PHE A 1 11  ? -0.818  -7.076  -4.025  1.00 16.38 ? 11   PHE A CE2 1 
ATOM   89   C CZ  . PHE A 1 11  ? -0.079  -6.209  -3.261  1.00 15.98 ? 11   PHE A CZ  1 
ATOM   90   N N   . LYS A 1 12  ? -0.828  -7.949  -9.199  1.00 14.08 ? 12   LYS A N   1 
ATOM   91   C CA  . LYS A 1 12  ? -2.211  -8.259  -9.513  1.00 14.72 ? 12   LYS A CA  1 
ATOM   92   C C   . LYS A 1 12  ? -2.584  -9.349  -8.529  1.00 14.45 ? 12   LYS A C   1 
ATOM   93   O O   . LYS A 1 12  ? -3.120  -9.054  -7.425  1.00 13.60 ? 12   LYS A O   1 
ATOM   94   C CB  . LYS A 1 12  ? -2.368  -8.621  -10.977 1.00 15.67 ? 12   LYS A CB  1 
ATOM   95   C CG  . LYS A 1 12  ? -3.744  -8.997  -11.471 1.00 19.13 ? 12   LYS A CG  1 
ATOM   96   C CD  . LYS A 1 12  ? -3.737  -9.250  -13.046 1.00 22.18 ? 12   LYS A CD  1 
ATOM   97   C CE  . LYS A 1 12  ? -2.618  -8.453  -13.821 1.00 23.77 ? 12   LYS A CE  1 
ATOM   98   N NZ  . LYS A 1 12  ? -2.605  -8.572  -15.331 1.00 26.77 ? 12   LYS A NZ  1 
ATOM   99   N N   . ASN A 1 13  ? -2.263  -10.591 -8.890  1.00 12.00 ? 13   ASN A N   1 
ATOM   100  C CA  . ASN A 1 13  ? -2.355  -11.709 -8.007  1.00 13.35 ? 13   ASN A CA  1 
ATOM   101  C C   . ASN A 1 13  ? -0.982  -12.036 -7.354  1.00 13.09 ? 13   ASN A C   1 
ATOM   102  O O   . ASN A 1 13  ? -0.151  -12.669 -7.942  1.00 14.59 ? 13   ASN A O   1 
ATOM   103  C CB  . ASN A 1 13  ? -2.861  -12.908 -8.789  1.00 12.90 ? 13   ASN A CB  1 
ATOM   104  C CG  . ASN A 1 13  ? -4.311  -12.737 -9.283  1.00 16.44 ? 13   ASN A CG  1 
ATOM   105  O OD1 . ASN A 1 13  ? -4.568  -12.634 -10.484 1.00 19.65 ? 13   ASN A OD1 1 
ATOM   106  N ND2 . ASN A 1 13  ? -5.249  -12.696 -8.351  1.00 16.36 ? 13   ASN A ND2 1 
ATOM   107  N N   . ALA A 1 14  ? -0.763  -11.610 -6.122  1.00 12.68 ? 14   ALA A N   1 
ATOM   108  C CA  . ALA A 1 14  ? 0.542   -11.784 -5.453  1.00 11.72 ? 14   ALA A CA  1 
ATOM   109  C C   . ALA A 1 14  ? 0.731   -13.303 -5.039  1.00 10.48 ? 14   ALA A C   1 
ATOM   110  O O   . ALA A 1 14  ? -0.181  -13.829 -4.471  1.00 11.09 ? 14   ALA A O   1 
ATOM   111  C CB  . ALA A 1 14  ? 0.602   -10.801 -4.236  1.00 12.81 ? 14   ALA A CB  1 
ATOM   112  N N   . SER A 1 15  ? 1.852   -13.982 -5.356  1.00 8.85  ? 15   SER A N   1 
ATOM   113  C CA  . SER A 1 15  ? 2.278   -15.193 -4.616  1.00 6.85  ? 15   SER A CA  1 
ATOM   114  C C   . SER A 1 15  ? 3.679   -15.058 -3.938  1.00 4.88  ? 15   SER A C   1 
ATOM   115  O O   . SER A 1 15  ? 4.264   -16.024 -3.396  1.00 4.55  ? 15   SER A O   1 
ATOM   116  C CB  . SER A 1 15  ? 2.173   -16.394 -5.557  1.00 8.15  ? 15   SER A CB  1 
ATOM   117  O OG  A SER A 1 15  ? 3.147   -16.123 -6.553  0.33 7.19  ? 15   SER A OG  1 
ATOM   118  O OG  B SER A 1 15  ? 1.002   -17.078 -5.186  0.33 7.25  ? 15   SER A OG  1 
ATOM   119  O OG  C SER A 1 15  ? 1.058   -17.133 -5.126  0.33 8.20  ? 15   SER A OG  1 
ATOM   120  N N   . GLY A 1 16  ? 4.178   -13.837 -3.980  1.00 4.14  ? 16   GLY A N   1 
ATOM   121  C CA  . GLY A 1 16  ? 5.506   -13.439 -3.504  1.00 4.75  ? 16   GLY A CA  1 
ATOM   122  C C   . GLY A 1 16  ? 5.653   -11.939 -3.728  1.00 5.52  ? 16   GLY A C   1 
ATOM   123  O O   . GLY A 1 16  ? 4.716   -11.255 -4.156  1.00 6.34  ? 16   GLY A O   1 
ATOM   124  N N   . LEU A 1 17  ? 6.840   -11.399 -3.445  1.00 5.45  ? 17   LEU A N   1 
ATOM   125  C CA  . LEU A 1 17  ? 7.009   -9.947  -3.611  1.00 6.56  ? 17   LEU A CA  1 
ATOM   126  C C   . LEU A 1 17  ? 7.058   -9.546  -5.084  1.00 6.51  ? 17   LEU A C   1 
ATOM   127  O O   . LEU A 1 17  ? 7.554   -10.319 -5.893  1.00 6.72  ? 17   LEU A O   1 
ATOM   128  C CB  . LEU A 1 17  ? 8.302   -9.486  -2.920  1.00 7.46  ? 17   LEU A CB  1 
ATOM   129  C CG  . LEU A 1 17  ? 8.322   -9.538  -1.390  1.00 8.03  ? 17   LEU A CG  1 
ATOM   130  C CD1 . LEU A 1 17  ? 9.760   -9.357  -0.864  1.00 11.10 ? 17   LEU A CD1 1 
ATOM   131  C CD2 . LEU A 1 17  ? 7.403   -8.583  -0.763  1.00 10.29 ? 17   LEU A CD2 1 
ATOM   132  N N   . PRO A 1 18  ? 6.610   -8.335  -5.412  1.00 6.25  ? 18   PRO A N   1 
ATOM   133  C CA  . PRO A 1 18  ? 6.735   -7.797  -6.780  1.00 7.12  ? 18   PRO A CA  1 
ATOM   134  C C   . PRO A 1 18  ? 8.189   -7.718  -7.235  1.00 6.78  ? 18   PRO A C   1 
ATOM   135  O O   . PRO A 1 18  ? 9.057   -7.418  -6.430  1.00 5.97  ? 18   PRO A O   1 
ATOM   136  C CB  . PRO A 1 18  ? 6.184   -6.386  -6.651  1.00 8.65  ? 18   PRO A CB  1 
ATOM   137  C CG  . PRO A 1 18  ? 5.497   -6.307  -5.412  1.00 8.26  ? 18   PRO A CG  1 
ATOM   138  C CD  . PRO A 1 18  ? 5.948   -7.396  -4.497  1.00 6.90  ? 18   PRO A CD  1 
ATOM   139  N N   . ASN A 1 19  ? 8.448   -7.937  -8.522  1.00 6.47  ? 19   ASN A N   1 
ATOM   140  C CA  . ASN A 1 19  ? 9.787   -7.797  -9.086  1.00 6.25  ? 19   ASN A CA  1 
ATOM   141  C C   . ASN A 1 19  ? 10.258  -6.352  -8.833  1.00 5.15  ? 19   ASN A C   1 
ATOM   142  O O   . ASN A 1 19  ? 9.518   -5.398  -9.067  1.00 7.20  ? 19   ASN A O   1 
ATOM   143  C CB  . ASN A 1 19  ? 9.796   -8.123  -10.588 1.00 6.33  ? 19   ASN A CB  1 
ATOM   144  C CG  . ASN A 1 19  ? 11.174  -8.041  -11.200 1.00 6.87  ? 19   ASN A CG  1 
ATOM   145  O OD1 . ASN A 1 19  ? 12.117  -8.694  -10.740 1.00 9.19  ? 19   ASN A OD1 1 
ATOM   146  N ND2 . ASN A 1 19  ? 11.308  -7.233  -12.262 1.00 8.17  ? 19   ASN A ND2 1 
ATOM   147  N N   . GLY A 1 20  ? 11.504  -6.220  -8.390  1.00 6.40  ? 20   GLY A N   1 
ATOM   148  C CA  . GLY A 1 20  ? 12.124  -4.934  -8.087  1.00 6.48  ? 20   GLY A CA  1 
ATOM   149  C C   . GLY A 1 20  ? 11.687  -4.240  -6.813  1.00 7.07  ? 20   GLY A C   1 
ATOM   150  O O   . GLY A 1 20  ? 11.978  -3.034  -6.663  1.00 6.63  ? 20   GLY A O   1 
ATOM   151  N N   . TYR A 1 21  ? 11.025  -4.965  -5.904  1.00 6.07  ? 21   TYR A N   1 
ATOM   152  C CA  . TYR A 1 21  ? 10.668  -4.469  -4.581  1.00 5.71  ? 21   TYR A CA  1 
ATOM   153  C C   . TYR A 1 21  ? 11.236  -5.373  -3.483  1.00 7.26  ? 21   TYR A C   1 
ATOM   154  O O   . TYR A 1 21  ? 11.326  -6.603  -3.637  1.00 7.74  ? 21   TYR A O   1 
ATOM   155  C CB  . TYR A 1 21  ? 9.158   -4.390  -4.440  1.00 5.81  ? 21   TYR A CB  1 
ATOM   156  C CG  . TYR A 1 21  ? 8.534   -3.259  -5.245  1.00 6.37  ? 21   TYR A CG  1 
ATOM   157  C CD1 . TYR A 1 21  ? 8.431   -3.320  -6.632  1.00 7.33  ? 21   TYR A CD1 1 
ATOM   158  C CD2 . TYR A 1 21  ? 8.046   -2.156  -4.630  1.00 6.70  ? 21   TYR A CD2 1 
ATOM   159  C CE1 . TYR A 1 21  ? 7.871   -2.282  -7.366  1.00 8.23  ? 21   TYR A CE1 1 
ATOM   160  C CE2 . TYR A 1 21  ? 7.467   -1.110  -5.351  1.00 6.15  ? 21   TYR A CE2 1 
ATOM   161  C CZ  . TYR A 1 21  ? 7.391   -1.166  -6.705  1.00 6.67  ? 21   TYR A CZ  1 
ATOM   162  O OH  . TYR A 1 21  ? 6.859   -0.114  -7.446  1.00 12.44 ? 21   TYR A OH  1 
ATOM   163  N N   . ASP A 1 22  ? 11.637  -4.731  -2.389  1.00 7.38  ? 22   ASP A N   1 
ATOM   164  C CA  . ASP A 1 22  ? 11.996  -5.396  -1.134  1.00 7.32  ? 22   ASP A CA  1 
ATOM   165  C C   . ASP A 1 22  ? 10.897  -5.119  -0.086  1.00 6.73  ? 22   ASP A C   1 
ATOM   166  O O   . ASP A 1 22  ? 10.082  -4.221  -0.265  1.00 7.60  ? 22   ASP A O   1 
ATOM   167  C CB  . ASP A 1 22  ? 13.327  -4.861  -0.631  1.00 7.54  ? 22   ASP A CB  1 
ATOM   168  C CG  . ASP A 1 22  ? 14.525  -5.452  -1.344  1.00 11.96 ? 22   ASP A CG  1 
ATOM   169  O OD1 . ASP A 1 22  ? 14.387  -6.126  -2.393  1.00 14.80 ? 22   ASP A OD1 1 
ATOM   170  O OD2 . ASP A 1 22  ? 15.678  -5.291  -0.904  1.00 17.78 ? 22   ASP A OD2 1 
ATOM   171  N N   . ASN A 1 23  ? 10.834  -5.917  0.987   1.00 6.79  ? 23   ASN A N   1 
ATOM   172  C CA  . ASN A 1 23  ? 9.918   -5.614  2.115   1.00 6.31  ? 23   ASN A CA  1 
ATOM   173  C C   . ASN A 1 23  ? 10.728  -5.037  3.278   1.00 6.69  ? 23   ASN A C   1 
ATOM   174  O O   . ASN A 1 23  ? 11.522  -5.741  3.889   1.00 6.73  ? 23   ASN A O   1 
ATOM   175  C CB  . ASN A 1 23  ? 9.187   -6.881  2.587   1.00 8.52  ? 23   ASN A CB  1 
ATOM   176  C CG  . ASN A 1 23  ? 8.313   -6.629  3.806   1.00 7.98  ? 23   ASN A CG  1 
ATOM   177  O OD1 . ASN A 1 23  ? 7.833   -5.521  4.023   1.00 10.42 ? 23   ASN A OD1 1 
ATOM   178  N ND2 . ASN A 1 23  ? 8.023   -7.690  4.538   1.00 17.78 ? 23   ASN A ND2 1 
ATOM   179  N N   . TRP A 1 24  ? 10.504  -3.749  3.560   1.00 5.83  ? 24   TRP A N   1 
ATOM   180  C CA  . TRP A 1 24  ? 11.089  -3.062  4.701   1.00 6.03  ? 24   TRP A CA  1 
ATOM   181  C C   . TRP A 1 24  ? 10.085  -2.975  5.864   1.00 7.31  ? 24   TRP A C   1 
ATOM   182  O O   . TRP A 1 24  ? 10.245  -2.135  6.767   1.00 8.65  ? 24   TRP A O   1 
ATOM   183  C CB  . TRP A 1 24  ? 11.550  -1.638  4.283   1.00 5.92  ? 24   TRP A CB  1 
ATOM   184  C CG  . TRP A 1 24  ? 12.856  -1.556  3.471   1.00 5.82  ? 24   TRP A CG  1 
ATOM   185  C CD1 . TRP A 1 24  ? 13.477  -2.546  2.764   1.00 7.27  ? 24   TRP A CD1 1 
ATOM   186  C CD2 . TRP A 1 24  ? 13.710  -0.394  3.350   1.00 5.56  ? 24   TRP A CD2 1 
ATOM   187  N NE1 . TRP A 1 24  ? 14.639  -2.068  2.193   1.00 6.12  ? 24   TRP A NE1 1 
ATOM   188  C CE2 . TRP A 1 24  ? 14.810  -0.752  2.548   1.00 6.21  ? 24   TRP A CE2 1 
ATOM   189  C CE3 . TRP A 1 24  ? 13.651  0.901   3.871   1.00 6.78  ? 24   TRP A CE3 1 
ATOM   190  C CZ2 . TRP A 1 24  ? 15.840  0.145   2.254   1.00 6.78  ? 24   TRP A CZ2 1 
ATOM   191  C CZ3 . TRP A 1 24  ? 14.646  1.810   3.546   1.00 7.05  ? 24   TRP A CZ3 1 
ATOM   192  C CH2 . TRP A 1 24  ? 15.727  1.424   2.752   1.00 6.67  ? 24   TRP A CH2 1 
ATOM   193  N N   . GLY A 1 25  ? 9.089   -3.852  5.876   1.00 7.61  ? 25   GLY A N   1 
ATOM   194  C CA  . GLY A 1 25  ? 8.106   -3.912  6.956   1.00 7.09  ? 25   GLY A CA  1 
ATOM   195  C C   . GLY A 1 25  ? 8.672   -4.332  8.311   1.00 7.34  ? 25   GLY A C   1 
ATOM   196  O O   . GLY A 1 25  ? 9.824   -4.728  8.451   1.00 8.45  ? 25   GLY A O   1 
ATOM   197  N N   . TRP A 1 26  ? 7.850   -4.188  9.337   1.00 5.29  ? 26   TRP A N   1 
ATOM   198  C CA  . TRP A 1 26  ? 8.226   -4.451  10.726  1.00 6.36  ? 26   TRP A CA  1 
ATOM   199  C C   . TRP A 1 26  ? 7.026   -5.043  11.482  1.00 6.07  ? 26   TRP A C   1 
ATOM   200  O O   . TRP A 1 26  ? 5.862   -4.788  11.126  1.00 5.33  ? 26   TRP A O   1 
ATOM   201  C CB  . TRP A 1 26  ? 8.694   -3.138  11.411  1.00 6.42  ? 26   TRP A CB  1 
ATOM   202  C CG  . TRP A 1 26  ? 7.628   -2.047  11.473  1.00 7.32  ? 26   TRP A CG  1 
ATOM   203  C CD1 . TRP A 1 26  ? 6.745   -1.833  12.503  1.00 8.05  ? 26   TRP A CD1 1 
ATOM   204  C CD2 . TRP A 1 26  ? 7.299   -1.083  10.465  1.00 6.20  ? 26   TRP A CD2 1 
ATOM   205  N NE1 . TRP A 1 26  ? 5.901   -0.800  12.185  1.00 6.31  ? 26   TRP A NE1 1 
ATOM   206  C CE2 . TRP A 1 26  ? 6.233   -0.296  10.960  1.00 5.99  ? 26   TRP A CE2 1 
ATOM   207  C CE3 . TRP A 1 26  ? 7.832   -0.762  9.213   1.00 7.58  ? 26   TRP A CE3 1 
ATOM   208  C CZ2 . TRP A 1 26  ? 5.650   0.745   10.218  1.00 5.96  ? 26   TRP A CZ2 1 
ATOM   209  C CZ3 . TRP A 1 26  ? 7.272   0.268   8.469   1.00 7.58  ? 26   TRP A CZ3 1 
ATOM   210  C CH2 . TRP A 1 26  ? 6.179   1.023   8.975   1.00 8.07  ? 26   TRP A CH2 1 
ATOM   211  N N   . GLY A 1 27  ? 7.302   -5.835  12.510  1.00 6.11  ? 27   GLY A N   1 
ATOM   212  C CA  . GLY A 1 27  ? 6.252   -6.286  13.416  1.00 6.32  ? 27   GLY A CA  1 
ATOM   213  C C   . GLY A 1 27  ? 5.145   -7.134  12.838  1.00 6.96  ? 27   GLY A C   1 
ATOM   214  O O   . GLY A 1 27  ? 4.052   -7.140  13.397  1.00 7.67  ? 27   GLY A O   1 
ATOM   215  N N   . CYS A 1 28  ? 5.411   -7.830  11.729  1.00 7.11  ? 28   CYS A N   1 
ATOM   216  C CA  . CYS A 1 28  ? 4.431   -8.733  11.116  1.00 7.88  ? 28   CYS A CA  1 
ATOM   217  C C   . CYS A 1 28  ? 5.090   -9.894  10.351  1.00 8.53  ? 28   CYS A C   1 
ATOM   218  O O   . CYS A 1 28  ? 6.285   -9.874  10.073  1.00 9.91  ? 28   CYS A O   1 
ATOM   219  C CB  . CYS A 1 28  ? 3.506   -8.063  10.105  1.00 8.56  ? 28   CYS A CB  1 
ATOM   220  S SG  A CYS A 1 28  ? 4.350   -7.172  8.757   0.80 9.93  ? 28   CYS A SG  1 
ATOM   221  S SG  B CYS A 1 28  ? 3.277   -6.316  9.795   0.20 6.89  ? 28   CYS A SG  1 
ATOM   222  N N   . THR A 1 29  ? 4.252   -10.873 10.015  1.00 8.52  ? 29   THR A N   1 
ATOM   223  C CA  . THR A 1 29  ? 4.566   -11.997 9.110   1.00 9.54  ? 29   THR A CA  1 
ATOM   224  C C   . THR A 1 29  ? 3.765   -11.774 7.830   1.00 9.40  ? 29   THR A C   1 
ATOM   225  O O   . THR A 1 29  ? 2.561   -11.519 7.917   1.00 9.92  ? 29   THR A O   1 
ATOM   226  C CB  . THR A 1 29  ? 4.125   -13.337 9.812   1.00 9.69  ? 29   THR A CB  1 
ATOM   227  O OG1 . THR A 1 29  ? 5.012   -13.611 10.900  1.00 14.48 ? 29   THR A OG1 1 
ATOM   228  C CG2 . THR A 1 29  ? 4.229   -14.583 8.895   1.00 12.76 ? 29   THR A CG2 1 
ATOM   229  N N   . LEU A 1 30  ? 4.425   -11.897 6.676   1.00 7.72  ? 30   LEU A N   1 
ATOM   230  C CA  . LEU A 1 30  ? 3.804   -11.798 5.343   1.00 8.76  ? 30   LEU A CA  1 
ATOM   231  C C   . LEU A 1 30  ? 3.612   -13.188 4.785   1.00 7.40  ? 30   LEU A C   1 
ATOM   232  O O   . LEU A 1 30  ? 4.531   -14.017 4.828   1.00 8.76  ? 30   LEU A O   1 
ATOM   233  C CB  . LEU A 1 30  ? 4.713   -11.002 4.385   1.00 9.43  ? 30   LEU A CB  1 
ATOM   234  C CG  . LEU A 1 30  ? 4.172   -9.819  3.636   1.00 15.97 ? 30   LEU A CG  1 
ATOM   235  C CD1 . LEU A 1 30  ? 3.966   -8.688  4.646   1.00 19.51 ? 30   LEU A CD1 1 
ATOM   236  C CD2 . LEU A 1 30  ? 5.122   -9.437  2.474   1.00 15.66 ? 30   LEU A CD2 1 
ATOM   237  N N   . SER A 1 31  ? 2.412   -13.463 4.271   1.00 6.00  ? 31   SER A N   1 
ATOM   238  C CA  . SER A 1 31  ? 2.107   -14.700 3.542   1.00 5.24  ? 31   SER A CA  1 
ATOM   239  C C   . SER A 1 31  ? 1.143   -14.367 2.377   1.00 4.00  ? 31   SER A C   1 
ATOM   240  O O   . SER A 1 31  ? 0.808   -13.200 2.162   1.00 4.50  ? 31   SER A O   1 
ATOM   241  C CB  . SER A 1 31  ? 1.507   -15.780 4.456   1.00 6.12  ? 31   SER A CB  1 
ATOM   242  O OG  . SER A 1 31  ? 0.237   -15.387 4.961   1.00 7.73  ? 31   SER A OG  1 
ATOM   243  N N   . TYR A 1 32  ? 0.740   -15.393 1.638   1.00 3.30  ? 32   TYR A N   1 
ATOM   244  C CA  . TYR A 1 32  ? -0.091  -15.269 0.420   1.00 2.24  ? 32   TYR A CA  1 
ATOM   245  C C   . TYR A 1 32  ? -1.192  -16.332 0.371   1.00 2.04  ? 32   TYR A C   1 
ATOM   246  O O   . TYR A 1 32  ? -1.023  -17.437 0.873   1.00 3.11  ? 32   TYR A O   1 
ATOM   247  C CB  . TYR A 1 32  ? 0.821   -15.301 -0.850  1.00 2.84  ? 32   TYR A CB  1 
ATOM   248  C CG  . TYR A 1 32  ? 1.939   -14.265 -0.804  1.00 2.55  ? 32   TYR A CG  1 
ATOM   249  C CD1 . TYR A 1 32  ? 1.757   -12.973 -1.298  1.00 3.47  ? 32   TYR A CD1 1 
ATOM   250  C CD2 . TYR A 1 32  ? 3.181   -14.587 -0.207  1.00 4.38  ? 32   TYR A CD2 1 
ATOM   251  C CE1 . TYR A 1 32  ? 2.770   -12.036 -1.228  1.00 4.54  ? 32   TYR A CE1 1 
ATOM   252  C CE2 . TYR A 1 32  ? 4.188   -13.614 -0.105  1.00 4.62  ? 32   TYR A CE2 1 
ATOM   253  C CZ  . TYR A 1 32  ? 3.973   -12.371 -0.609  1.00 6.18  ? 32   TYR A CZ  1 
ATOM   254  O OH  . TYR A 1 32  ? 4.961   -11.384 -0.531  1.00 8.78  ? 32   TYR A OH  1 
ATOM   255  N N   . TYR A 1 33  ? -2.331  -16.018 -0.274  1.00 3.05  ? 33   TYR A N   1 
ATOM   256  C CA  . TYR A 1 33  ? -3.368  -17.007 -0.549  1.00 2.45  ? 33   TYR A CA  1 
ATOM   257  C C   . TYR A 1 33  ? -4.262  -16.582 -1.714  1.00 2.33  ? 33   TYR A C   1 
ATOM   258  O O   . TYR A 1 33  ? -4.821  -15.475 -1.643  1.00 3.42  ? 33   TYR A O   1 
ATOM   259  C CB  . TYR A 1 33  ? -4.252  -17.274 0.699   1.00 3.22  ? 33   TYR A CB  1 
ATOM   260  C CG  . TYR A 1 33  ? -5.166  -18.484 0.581   1.00 2.90  ? 33   TYR A CG  1 
ATOM   261  C CD1 . TYR A 1 33  ? -6.321  -18.454 -0.224  1.00 3.08  ? 33   TYR A CD1 1 
ATOM   262  C CD2 . TYR A 1 33  ? -4.852  -19.705 1.208   1.00 2.00  ? 33   TYR A CD2 1 
ATOM   263  C CE1 . TYR A 1 33  ? -7.132  -19.546 -0.370  1.00 3.54  ? 33   TYR A CE1 1 
ATOM   264  C CE2 . TYR A 1 33  ? -5.671  -20.804 1.100   1.00 2.70  ? 33   TYR A CE2 1 
ATOM   265  C CZ  . TYR A 1 33  ? -6.818  -20.757 0.268   1.00 2.00  ? 33   TYR A CZ  1 
ATOM   266  O OH  . TYR A 1 33  ? -7.661  -21.837 0.164   1.00 4.84  ? 33   TYR A OH  1 
ATOM   267  N N   . GLY A 1 34  ? -4.340  -17.405 -2.755  1.00 2.80  ? 34   GLY A N   1 
ATOM   268  C CA  . GLY A 1 34  ? -5.246  -17.183 -3.881  1.00 3.31  ? 34   GLY A CA  1 
ATOM   269  C C   . GLY A 1 34  ? -5.076  -15.828 -4.563  1.00 4.20  ? 34   GLY A C   1 
ATOM   270  O O   . GLY A 1 34  ? -6.043  -15.273 -5.114  1.00 6.36  ? 34   GLY A O   1 
ATOM   271  N N   . GLY A 1 35  ? -3.874  -15.272 -4.545  1.00 3.58  ? 35   GLY A N   1 
ATOM   272  C CA  . GLY A 1 35  ? -3.597  -13.990 -5.189  1.00 3.59  ? 35   GLY A CA  1 
ATOM   273  C C   . GLY A 1 35  ? -3.527  -12.781 -4.272  1.00 5.16  ? 35   GLY A C   1 
ATOM   274  O O   . GLY A 1 35  ? -3.247  -11.658 -4.755  1.00 6.94  ? 35   GLY A O   1 
ATOM   275  N N   . ALA A 1 36  ? -3.782  -12.969 -2.982  1.00 4.41  ? 36   ALA A N   1 
ATOM   276  C CA  . ALA A 1 36  ? -3.749  -11.911 -1.981  1.00 4.64  ? 36   ALA A CA  1 
ATOM   277  C C   . ALA A 1 36  ? -2.467  -11.933 -1.179  1.00 5.24  ? 36   ALA A C   1 
ATOM   278  O O   . ALA A 1 36  ? -1.998  -13.014 -0.814  1.00 4.79  ? 36   ALA A O   1 
ATOM   279  C CB  . ALA A 1 36  ? -4.951  -12.025 -0.992  1.00 5.17  ? 36   ALA A CB  1 
ATOM   280  N N   . MET A 1 37  ? -1.916  -10.749 -0.927  1.00 5.40  ? 37   MET A N   1 
ATOM   281  C CA  . MET A 1 37  ? -0.835  -10.519 0.055   1.00 6.64  ? 37   MET A CA  1 
ATOM   282  C C   . MET A 1 37  ? -1.499  -10.388 1.422   1.00 7.62  ? 37   MET A C   1 
ATOM   283  O O   . MET A 1 37  ? -2.409  -9.585  1.554   1.00 8.76  ? 37   MET A O   1 
ATOM   284  C CB  . MET A 1 37  ? -0.026  -9.259  -0.324  1.00 8.77  ? 37   MET A CB  1 
ATOM   285  C CG  . MET A 1 37  ? 1.136   -8.971  0.602   1.00 10.01 ? 37   MET A CG  1 
ATOM   286  S SD  . MET A 1 37  ? 2.037   -7.457  0.110   1.00 12.97 ? 37   MET A SD  1 
ATOM   287  C CE  . MET A 1 37  ? 3.065   -8.067  -1.184  1.00 12.73 ? 37   MET A CE  1 
ATOM   288  N N   . ILE A 1 38  ? -1.095  -11.200 2.413   1.00 8.21  ? 38   ILE A N   1 
ATOM   289  C CA  . ILE A 1 38  ? -1.726  -11.234 3.743   1.00 7.80  ? 38   ILE A CA  1 
ATOM   290  C C   . ILE A 1 38  ? -0.720  -10.777 4.804   1.00 7.76  ? 38   ILE A C   1 
ATOM   291  O O   . ILE A 1 38  ? 0.346   -11.361 4.949   1.00 7.72  ? 38   ILE A O   1 
ATOM   292  C CB  . ILE A 1 38  ? -2.260  -12.635 4.054   1.00 8.83  ? 38   ILE A CB  1 
ATOM   293  C CG1 . ILE A 1 38  ? -3.194  -13.099 2.919   1.00 8.75  ? 38   ILE A CG1 1 
ATOM   294  C CG2 . ILE A 1 38  ? -2.972  -12.674 5.448   1.00 10.24 ? 38   ILE A CG2 1 
ATOM   295  C CD1 . ILE A 1 38  ? -3.651  -14.483 3.039   1.00 11.22 ? 38   ILE A CD1 1 
ATOM   296  N N   . ILE A 1 39  ? -1.060  -9.695  5.504   1.00 7.70  ? 39   ILE A N   1 
ATOM   297  C CA  . ILE A 1 39  ? -0.238  -9.153  6.584   1.00 7.01  ? 39   ILE A CA  1 
ATOM   298  C C   . ILE A 1 39  ? -0.772  -9.654  7.925   1.00 7.21  ? 39   ILE A C   1 
ATOM   299  O O   . ILE A 1 39  ? -1.959  -9.477  8.237   1.00 6.77  ? 39   ILE A O   1 
ATOM   300  C CB  . ILE A 1 39  ? -0.248  -7.615  6.540   1.00 7.59  ? 39   ILE A CB  1 
ATOM   301  C CG1 . ILE A 1 39  ? 0.151   -7.112  5.156   1.00 10.15 ? 39   ILE A CG1 1 
ATOM   302  C CG2 . ILE A 1 39  ? 0.684   -7.078  7.632   1.00 8.60  ? 39   ILE A CG2 1 
ATOM   303  C CD1 . ILE A 1 39  ? 0.058   -5.624  5.017   1.00 14.53 ? 39   ILE A CD1 1 
ATOM   304  N N   . ASN A 1 40  ? 0.081   -10.334 8.701   1.00 6.40  ? 40   ASN A N   1 
ATOM   305  C CA  . ASN A 1 40  ? -0.325  -10.852 10.018  1.00 6.97  ? 40   ASN A CA  1 
ATOM   306  C C   . ASN A 1 40  ? 0.519   -10.116 11.085  1.00 6.62  ? 40   ASN A C   1 
ATOM   307  O O   . ASN A 1 40  ? 1.648   -10.538 11.388  1.00 5.05  ? 40   ASN A O   1 
ATOM   308  C CB  . ASN A 1 40  ? -0.227  -12.404 10.153  1.00 7.21  ? 40   ASN A CB  1 
ATOM   309  C CG  A ASN A 1 40  ? -0.437  -12.852 11.595  0.50 10.05 ? 40   ASN A CG  1 
ATOM   310  C CG  B ASN A 1 40  ? -0.665  -13.147 8.846   0.50 11.57 ? 40   ASN A CG  1 
ATOM   311  O OD1 A ASN A 1 40  ? -0.121  -14.004 11.963  0.50 10.71 ? 40   ASN A OD1 1 
ATOM   312  O OD1 B ASN A 1 40  ? -1.776  -13.704 8.809   0.50 10.42 ? 40   ASN A OD1 1 
ATOM   313  N ND2 A ASN A 1 40  ? -1.107  -12.008 12.385  0.50 3.16  ? 40   ASN A ND2 1 
ATOM   314  N ND2 B ASN A 1 40  ? 0.191   -13.182 7.815   0.50 10.94 ? 40   ASN A ND2 1 
ATOM   315  N N   . PRO A 1 41  ? 0.011   -8.987  11.607  1.00 6.94  ? 41   PRO A N   1 
ATOM   316  C CA  . PRO A 1 41  ? 0.781   -8.174  12.563  1.00 6.26  ? 41   PRO A CA  1 
ATOM   317  C C   . PRO A 1 41  ? 0.698   -8.708  13.988  1.00 6.52  ? 41   PRO A C   1 
ATOM   318  O O   . PRO A 1 41  ? -0.338  -9.281  14.393  1.00 6.69  ? 41   PRO A O   1 
ATOM   319  C CB  . PRO A 1 41  ? 0.123   -6.775  12.466  1.00 6.46  ? 41   PRO A CB  1 
ATOM   320  C CG  . PRO A 1 41  ? -1.183  -6.957  11.734  1.00 8.12  ? 41   PRO A CG  1 
ATOM   321  C CD  . PRO A 1 41  ? -1.313  -8.394  11.331  1.00 6.36  ? 41   PRO A CD  1 
ATOM   322  N N   . GLN A 1 42  ? 1.780   -8.554  14.759  1.00 4.63  ? 42   GLN A N   1 
ATOM   323  C CA  . GLN A 1 42  ? 1.743   -8.919  16.161  1.00 4.95  ? 42   GLN A CA  1 
ATOM   324  C C   . GLN A 1 42  ? 1.101   -7.832  17.032  1.00 4.81  ? 42   GLN A C   1 
ATOM   325  O O   . GLN A 1 42  ? 1.410   -6.647  16.872  1.00 3.45  ? 42   GLN A O   1 
ATOM   326  C CB  . GLN A 1 42  ? 3.148   -9.236  16.666  1.00 4.79  ? 42   GLN A CB  1 
ATOM   327  C CG  . GLN A 1 42  ? 3.153   -9.800  18.079  1.00 4.69  ? 42   GLN A CG  1 
ATOM   328  C CD  . GLN A 1 42  ? 4.451   -10.374 18.469  1.00 8.93  ? 42   GLN A CD  1 
ATOM   329  O OE1 . GLN A 1 42  ? 4.991   -11.223 17.769  1.00 8.92  ? 42   GLN A OE1 1 
ATOM   330  N NE2 . GLN A 1 42  ? 4.979   -9.924  19.609  1.00 9.98  ? 42   GLN A NE2 1 
ATOM   331  N N   . GLU A 1 43  ? 0.245   -8.243  17.971  1.00 4.55  ? 43   GLU A N   1 
ATOM   332  C CA  . GLU A 1 43  ? -0.347  -7.312  18.933  1.00 5.16  ? 43   GLU A CA  1 
ATOM   333  C C   . GLU A 1 43  ? 0.771   -6.507  19.628  1.00 4.72  ? 43   GLU A C   1 
ATOM   334  O O   . GLU A 1 43  ? 1.772   -7.110  20.060  1.00 5.31  ? 43   GLU A O   1 
ATOM   335  C CB  . GLU A 1 43  ? -1.180  -8.057  20.004  1.00 6.47  ? 43   GLU A CB  1 
ATOM   336  C CG  . GLU A 1 43  ? -1.847  -7.143  21.029  1.00 9.40  ? 43   GLU A CG  1 
ATOM   337  C CD  . GLU A 1 43  ? -2.766  -7.855  22.003  1.00 16.87 ? 43   GLU A CD  1 
ATOM   338  O OE1 . GLU A 1 43  ? -2.734  -9.110  22.096  1.00 20.47 ? 43   GLU A OE1 1 
ATOM   339  O OE2 . GLU A 1 43  ? -3.524  -7.133  22.695  1.00 20.12 ? 43   GLU A OE2 1 
ATOM   340  N N   . GLY A 1 44  ? 0.573   -5.186  19.734  1.00 4.32  ? 44   GLY A N   1 
ATOM   341  C CA  . GLY A 1 44  ? 1.503   -4.287  20.415  1.00 4.28  ? 44   GLY A CA  1 
ATOM   342  C C   . GLY A 1 44  ? 2.623   -3.694  19.565  1.00 4.86  ? 44   GLY A C   1 
ATOM   343  O O   . GLY A 1 44  ? 3.296   -2.759  20.038  1.00 5.78  ? 44   GLY A O   1 
ATOM   344  N N   . LYS A 1 45  ? 2.840   -4.203  18.350  1.00 4.67  ? 45   LYS A N   1 
ATOM   345  C CA  . LYS A 1 45  ? 3.944   -3.769  17.485  1.00 5.21  ? 45   LYS A CA  1 
ATOM   346  C C   . LYS A 1 45  ? 3.544   -2.686  16.459  1.00 5.13  ? 45   LYS A C   1 
ATOM   347  O O   . LYS A 1 45  ? 4.428   -2.066  15.819  1.00 6.64  ? 45   LYS A O   1 
ATOM   348  C CB  . LYS A 1 45  ? 4.572   -4.951  16.722  1.00 5.85  ? 45   LYS A CB  1 
ATOM   349  C CG  . LYS A 1 45  ? 5.242   -6.033  17.576  1.00 9.80  ? 45   LYS A CG  1 
ATOM   350  C CD  . LYS A 1 45  ? 6.661   -5.673  18.022  1.00 16.95 ? 45   LYS A CD  1 
ATOM   351  C CE  . LYS A 1 45  ? 7.550   -6.913  18.383  1.00 19.37 ? 45   LYS A CE  1 
ATOM   352  N NZ  . LYS A 1 45  ? 8.008   -7.786  17.250  1.00 22.64 ? 45   LYS A NZ  1 
ATOM   353  N N   . TYR A 1 46  ? 2.250   -2.426  16.276  1.00 4.75  ? 46   TYR A N   1 
ATOM   354  C CA  . TYR A 1 46  ? 1.783   -1.528  15.193  1.00 5.21  ? 46   TYR A CA  1 
ATOM   355  C C   . TYR A 1 46  ? 2.452   -1.929  13.863  1.00 5.76  ? 46   TYR A C   1 
ATOM   356  O O   . TYR A 1 46  ? 2.963   -1.091  13.096  1.00 5.77  ? 46   TYR A O   1 
ATOM   357  C CB  . TYR A 1 46  ? 2.011   -0.044  15.553  1.00 6.40  ? 46   TYR A CB  1 
ATOM   358  C CG  . TYR A 1 46  ? 1.361   0.318   16.857  1.00 6.48  ? 46   TYR A CG  1 
ATOM   359  C CD1 . TYR A 1 46  ? -0.007  0.617   16.926  1.00 6.32  ? 46   TYR A CD1 1 
ATOM   360  C CD2 . TYR A 1 46  ? 2.073   0.308   18.031  1.00 6.70  ? 46   TYR A CD2 1 
ATOM   361  C CE1 . TYR A 1 46  ? -0.626  0.923   18.129  1.00 6.12  ? 46   TYR A CE1 1 
ATOM   362  C CE2 . TYR A 1 46  ? 1.452   0.610   19.273  1.00 6.06  ? 46   TYR A CE2 1 
ATOM   363  C CZ  . TYR A 1 46  ? 0.090   0.915   19.307  1.00 4.94  ? 46   TYR A CZ  1 
ATOM   364  O OH  . TYR A 1 46  ? -0.535  1.215   20.536  1.00 8.23  ? 46   TYR A OH  1 
ATOM   365  N N   . GLY A 1 47  ? 2.394   -3.214  13.563  1.00 4.95  ? 47   GLY A N   1 
ATOM   366  C CA  . GLY A 1 47  ? 3.072   -3.757  12.393  1.00 5.60  ? 47   GLY A CA  1 
ATOM   367  C C   . GLY A 1 47  ? 2.555   -3.294  11.046  1.00 5.94  ? 47   GLY A C   1 
ATOM   368  O O   . GLY A 1 47  ? 1.403   -2.893  10.869  1.00 6.02  ? 47   GLY A O   1 
ATOM   369  N N   . ALA A 1 48  ? 3.428   -3.391  10.033  1.00 6.30  ? 48   ALA A N   1 
ATOM   370  C CA  . ALA A 1 48  ? 3.148   -2.924  8.684   1.00 6.48  ? 48   ALA A CA  1 
ATOM   371  C C   . ALA A 1 48  ? 3.987   -3.686  7.664   1.00 6.48  ? 48   ALA A C   1 
ATOM   372  O O   . ALA A 1 48  ? 5.121   -4.079  7.973   1.00 6.18  ? 48   ALA A O   1 
ATOM   373  C CB  . ALA A 1 48  ? 3.492   -1.403  8.550   1.00 6.63  ? 48   ALA A CB  1 
ATOM   374  N N   . VAL A 1 49  ? 3.440   -3.825  6.459   1.00 6.60  ? 49   VAL A N   1 
ATOM   375  C CA  . VAL A 1 49  ? 4.258   -4.093  5.261   1.00 6.50  ? 49   VAL A CA  1 
ATOM   376  C C   . VAL A 1 49  ? 4.727   -2.752  4.719   1.00 6.82  ? 49   VAL A C   1 
ATOM   377  O O   . VAL A 1 49  ? 3.962   -1.773  4.717   1.00 8.02  ? 49   VAL A O   1 
ATOM   378  C CB  . VAL A 1 49  ? 3.519   -4.903  4.124   1.00 7.59  ? 49   VAL A CB  1 
ATOM   379  C CG1 . VAL A 1 49  ? 2.480   -4.090  3.451   1.00 11.13 ? 49   VAL A CG1 1 
ATOM   380  C CG2 . VAL A 1 49  ? 4.468   -5.376  3.020   1.00 9.71  ? 49   VAL A CG2 1 
ATOM   381  N N   . SER A 1 50  ? 5.966   -2.711  4.221   1.00 5.75  ? 50   SER A N   1 
ATOM   382  C CA  . SER A 1 50  ? 6.524   -1.501  3.597   1.00 6.35  ? 50   SER A CA  1 
ATOM   383  C C   . SER A 1 50  ? 7.196   -1.914  2.305   1.00 6.57  ? 50   SER A C   1 
ATOM   384  O O   . SER A 1 50  ? 8.311   -2.455  2.301   1.00 7.40  ? 50   SER A O   1 
ATOM   385  C CB  . SER A 1 50  ? 7.497   -0.746  4.515   1.00 6.02  ? 50   SER A CB  1 
ATOM   386  O OG  . SER A 1 50  ? 7.908   0.511   3.931   1.00 7.10  ? 50   SER A OG  1 
ATOM   387  N N   . LEU A 1 51  ? 6.474   -1.724  1.202   1.00 5.79  ? 51   LEU A N   1 
ATOM   388  C CA  . LEU A 1 51  ? 7.002   -2.085  -0.097  1.00 6.08  ? 51   LEU A CA  1 
ATOM   389  C C   . LEU A 1 51  ? 7.988   -1.010  -0.601  1.00 5.52  ? 51   LEU A C   1 
ATOM   390  O O   . LEU A 1 51  ? 7.606   0.157   -0.850  1.00 5.65  ? 51   LEU A O   1 
ATOM   391  C CB  . LEU A 1 51  ? 5.882   -2.317  -1.119  1.00 5.68  ? 51   LEU A CB  1 
ATOM   392  C CG  . LEU A 1 51  ? 4.799   -3.355  -0.808  1.00 9.36  ? 51   LEU A CG  1 
ATOM   393  C CD1 . LEU A 1 51  ? 3.680   -3.271  -1.844  1.00 11.26 ? 51   LEU A CD1 1 
ATOM   394  C CD2 . LEU A 1 51  ? 5.439   -4.737  -0.797  1.00 12.53 ? 51   LEU A CD2 1 
ATOM   395  N N   . LYS A 1 52  ? 9.246   -1.397  -0.741  1.00 6.06  ? 52   LYS A N   1 
ATOM   396  C CA  . LYS A 1 52  ? 10.347  -0.546  -1.119  1.00 5.54  ? 52   LYS A CA  1 
ATOM   397  C C   . LYS A 1 52  ? 10.769  -0.801  -2.555  1.00 4.86  ? 52   LYS A C   1 
ATOM   398  O O   . LYS A 1 52  ? 11.284  -1.876  -2.895  1.00 4.92  ? 52   LYS A O   1 
ATOM   399  C CB  . LYS A 1 52  ? 11.537  -0.782  -0.187  1.00 7.20  ? 52   LYS A CB  1 
ATOM   400  C CG  . LYS A 1 52  ? 12.892  -0.221  -0.648  1.00 11.19 ? 52   LYS A CG  1 
ATOM   401  C CD  . LYS A 1 52  ? 12.992  1.254   -0.307  1.00 12.04 ? 52   LYS A CD  1 
ATOM   402  C CE  . LYS A 1 52  ? 14.387  1.850   -0.654  1.00 13.38 ? 52   LYS A CE  1 
ATOM   403  N NZ  . LYS A 1 52  ? 14.552  2.179   -2.089  1.00 16.79 ? 52   LYS A NZ  1 
ATOM   404  N N   . ARG A 1 53  ? 10.565  0.221   -3.392  1.00 5.96  ? 53   ARG A N   1 
ATOM   405  C CA  . ARG A 1 53  ? 11.003  0.217   -4.776  1.00 7.28  ? 53   ARG A CA  1 
ATOM   406  C C   . ARG A 1 53  ? 12.518  0.342   -4.823  1.00 7.80  ? 53   ARG A C   1 
ATOM   407  O O   . ARG A 1 53  ? 13.081  1.337   -4.352  1.00 8.13  ? 53   ARG A O   1 
ATOM   408  C CB  . ARG A 1 53  ? 10.315  1.380   -5.520  1.00 7.89  ? 53   ARG A CB  1 
ATOM   409  C CG  . ARG A 1 53  ? 10.498  1.368   -6.971  1.00 7.48  ? 53   ARG A CG  1 
ATOM   410  C CD  . ARG A 1 53  ? 9.693   2.492   -7.647  1.00 7.99  ? 53   ARG A CD  1 
ATOM   411  N NE  . ARG A 1 53  ? 10.204  2.733   -8.966  1.00 9.35  ? 53   ARG A NE  1 
ATOM   412  C CZ  . ARG A 1 53  ? 9.606   3.481   -9.869  1.00 10.90 ? 53   ARG A CZ  1 
ATOM   413  N NH1 . ARG A 1 53  ? 8.436   4.014   -9.608  1.00 9.84  ? 53   ARG A NH1 1 
ATOM   414  N NH2 . ARG A 1 53  ? 10.167  3.650   -11.062 1.00 11.24 ? 53   ARG A NH2 1 
ATOM   415  N N   . ASN A 1 54  ? 13.199  -0.655  -5.368  1.00 8.00  ? 54   ASN A N   1 
ATOM   416  C CA  . ASN A 1 54  ? 14.660  -0.659  -5.357  1.00 9.66  ? 54   ASN A CA  1 
ATOM   417  C C   . ASN A 1 54  ? 15.288  0.402   -6.249  1.00 10.47 ? 54   ASN A C   1 
ATOM   418  O O   . ASN A 1 54  ? 16.320  0.972   -5.878  1.00 13.52 ? 54   ASN A O   1 
ATOM   419  C CB  . ASN A 1 54  ? 15.205  -2.041  -5.728  1.00 9.87  ? 54   ASN A CB  1 
ATOM   420  C CG  . ASN A 1 54  ? 14.833  -3.134  -4.715  1.00 13.89 ? 54   ASN A CG  1 
ATOM   421  O OD1 . ASN A 1 54  ? 14.718  -4.310  -5.086  1.00 16.55 ? 54   ASN A OD1 1 
ATOM   422  N ND2 . ASN A 1 54  ? 14.651  -2.765  -3.447  1.00 12.07 ? 54   ASN A ND2 1 
ATOM   423  N N   . SER A 1 55  ? 14.703  0.667   -7.409  1.00 8.64  ? 55   SER A N   1 
ATOM   424  C CA  . SER A 1 55  ? 15.207  1.687   -8.321  1.00 10.31 ? 55   SER A CA  1 
ATOM   425  C C   . SER A 1 55  ? 14.097  2.639   -8.717  1.00 9.35  ? 55   SER A C   1 
ATOM   426  O O   . SER A 1 55  ? 13.060  2.188   -9.188  1.00 8.89  ? 55   SER A O   1 
ATOM   427  C CB  . SER A 1 55  ? 15.689  1.022   -9.604  1.00 11.36 ? 55   SER A CB  1 
ATOM   428  O OG  A SER A 1 55  ? 16.934  0.385   -9.376  0.50 13.96 ? 55   SER A OG  1 
ATOM   429  O OG  B SER A 1 55  ? 17.092  0.965   -9.700  0.50 17.09 ? 55   SER A OG  1 
ATOM   430  N N   . GLY A 1 56  ? 14.330  3.937   -8.561  1.00 8.50  ? 56   GLY A N   1 
ATOM   431  C CA  . GLY A 1 56  ? 13.351  4.931   -8.958  1.00 7.78  ? 56   GLY A CA  1 
ATOM   432  C C   . GLY A 1 56  ? 12.318  5.265   -7.893  1.00 8.02  ? 56   GLY A C   1 
ATOM   433  O O   . GLY A 1 56  ? 12.260  4.647   -6.819  1.00 9.09  ? 56   GLY A O   1 
ATOM   434  N N   . SER A 1 57  ? 11.468  6.228   -8.229  1.00 7.08  ? 57   SER A N   1 
ATOM   435  C CA  . SER A 1 57  ? 10.460  6.741   -7.323  1.00 7.13  ? 57   SER A CA  1 
ATOM   436  C C   . SER A 1 57  ? 9.197   7.175   -8.116  1.00 6.77  ? 57   SER A C   1 
ATOM   437  O O   . SER A 1 57  ? 9.284   7.533   -9.310  1.00 7.03  ? 57   SER A O   1 
ATOM   438  C CB  . SER A 1 57  ? 11.064  7.974   -6.613  1.00 8.30  ? 57   SER A CB  1 
ATOM   439  O OG  A SER A 1 57  ? 10.799  9.025   -7.523  0.33 9.70  ? 57   SER A OG  1 
ATOM   440  O OG  B SER A 1 57  ? 11.832  7.548   -5.494  0.66 8.32  ? 57   SER A OG  1 
ATOM   441  N N   . PHE A 1 58  ? 8.061   7.154   -7.427  1.00 5.68  ? 58   PHE A N   1 
ATOM   442  C CA  . PHE A 1 58  ? 6.783   7.668   -7.912  1.00 5.54  ? 58   PHE A CA  1 
ATOM   443  C C   . PHE A 1 58  ? 6.658   9.128   -7.512  1.00 6.08  ? 58   PHE A C   1 
ATOM   444  O O   . PHE A 1 58  ? 7.254   9.560   -6.512  1.00 6.70  ? 58   PHE A O   1 
ATOM   445  C CB  . PHE A 1 58  ? 5.614   6.883   -7.296  1.00 5.43  ? 58   PHE A CB  1 
ATOM   446  C CG  . PHE A 1 58  ? 5.551   5.433   -7.713  1.00 5.34  ? 58   PHE A CG  1 
ATOM   447  C CD1 . PHE A 1 58  ? 5.207   5.079   -9.011  1.00 6.63  ? 58   PHE A CD1 1 
ATOM   448  C CD2 . PHE A 1 58  ? 5.850   4.435   -6.790  1.00 6.61  ? 58   PHE A CD2 1 
ATOM   449  C CE1 . PHE A 1 58  ? 5.163   3.734   -9.388  1.00 5.99  ? 58   PHE A CE1 1 
ATOM   450  C CE2 . PHE A 1 58  ? 5.815   3.105   -7.157  1.00 6.33  ? 58   PHE A CE2 1 
ATOM   451  C CZ  . PHE A 1 58  ? 5.460   2.751   -8.468  1.00 6.89  ? 58   PHE A CZ  1 
ATOM   452  N N   . ARG A 1 59  ? 5.885   9.897   -8.271  1.00 5.55  ? 59   ARG A N   1 
ATOM   453  C CA  . ARG A 1 59  ? 5.579   11.289  -7.916  1.00 5.99  ? 59   ARG A CA  1 
ATOM   454  C C   . ARG A 1 59  ? 4.072   11.566  -7.936  1.00 6.29  ? 59   ARG A C   1 
ATOM   455  O O   . ARG A 1 59  ? 3.413   11.372  -8.975  1.00 7.80  ? 59   ARG A O   1 
ATOM   456  C CB  . ARG A 1 59  ? 6.314   12.256  -8.847  1.00 6.68  ? 59   ARG A CB  1 
ATOM   457  C CG  . ARG A 1 59  ? 7.795   12.257  -8.651  1.00 8.01  ? 59   ARG A CG  1 
ATOM   458  C CD  . ARG A 1 59  ? 8.477   13.187  -9.618  1.00 10.44 ? 59   ARG A CD  1 
ATOM   459  N NE  . ARG A 1 59  ? 8.707   12.575  -10.917 1.00 11.03 ? 59   ARG A NE  1 
ATOM   460  C CZ  . ARG A 1 59  ? 9.081   13.241  -12.013 1.00 10.99 ? 59   ARG A CZ  1 
ATOM   461  N NH1 . ARG A 1 59  ? 9.249   14.569  -12.008 1.00 8.78  ? 59   ARG A NH1 1 
ATOM   462  N NH2 . ARG A 1 59  ? 9.325   12.572  -13.137 1.00 14.26 ? 59   ARG A NH2 1 
ATOM   463  N N   . GLY A 1 60  ? 3.496   11.995  -6.813  1.00 6.14  ? 60   GLY A N   1 
ATOM   464  C CA  . GLY A 1 60  ? 2.086   12.322  -6.745  1.00 6.97  ? 60   GLY A CA  1 
ATOM   465  C C   . GLY A 1 60  ? 1.185   11.227  -7.275  1.00 6.13  ? 60   GLY A C   1 
ATOM   466  O O   . GLY A 1 60  ? 1.408   10.037  -7.011  1.00 5.91  ? 60   GLY A O   1 
ATOM   467  N N   . GLY A 1 61  ? 0.182   11.627  -8.041  1.00 5.72  ? 61   GLY A N   1 
ATOM   468  C CA  . GLY A 1 61  ? -0.769  10.685  -8.593  1.00 4.95  ? 61   GLY A CA  1 
ATOM   469  C C   . GLY A 1 61  ? -1.697  10.057  -7.580  1.00 4.93  ? 61   GLY A C   1 
ATOM   470  O O   . GLY A 1 61  ? -2.129  10.715  -6.611  1.00 5.23  ? 61   GLY A O   1 
ATOM   471  N N   . SER A 1 62  ? -2.013  8.782   -7.791  1.00 5.58  ? 62   SER A N   1 
ATOM   472  C CA  . SER A 1 62  ? -3.008  8.078   -6.992  1.00 4.84  ? 62   SER A CA  1 
ATOM   473  C C   . SER A 1 62  ? -2.645  6.590   -6.879  1.00 4.87  ? 62   SER A C   1 
ATOM   474  O O   . SER A 1 62  ? -1.937  6.031   -7.743  1.00 5.59  ? 62   SER A O   1 
ATOM   475  C CB  . SER A 1 62  ? -4.431  8.272   -7.565  1.00 5.94  ? 62   SER A CB  1 
ATOM   476  O OG  . SER A 1 62  ? -4.510  8.009   -8.968  1.00 4.99  ? 62   SER A OG  1 
ATOM   477  N N   . LEU A 1 63  ? -3.072  5.969   -5.783  1.00 4.70  ? 63   LEU A N   1 
ATOM   478  C CA  . LEU A 1 63  ? -2.893  4.541   -5.500  1.00 4.65  ? 63   LEU A CA  1 
ATOM   479  C C   . LEU A 1 63  ? -4.262  3.855   -5.469  1.00 5.48  ? 63   LEU A C   1 
ATOM   480  O O   . LEU A 1 63  ? -5.204  4.307   -4.794  1.00 6.23  ? 63   LEU A O   1 
ATOM   481  C CB  . LEU A 1 63  ? -2.175  4.309   -4.156  1.00 5.76  ? 63   LEU A CB  1 
ATOM   482  C CG  . LEU A 1 63  ? -0.704  4.751   -4.094  1.00 6.53  ? 63   LEU A CG  1 
ATOM   483  C CD1 . LEU A 1 63  ? -0.207  4.779   -2.650  1.00 9.80  ? 63   LEU A CD1 1 
ATOM   484  C CD2 . LEU A 1 63  ? 0.177   3.846   -4.953  1.00 9.38  ? 63   LEU A CD2 1 
ATOM   485  N N   . ARG A 1 64  ? -4.373  2.736   -6.182  1.00 4.84  ? 64   ARG A N   1 
ATOM   486  C CA  . ARG A 1 64  ? -5.588  1.960   -6.330  1.00 5.28  ? 64   ARG A CA  1 
ATOM   487  C C   . ARG A 1 64  ? -5.258  0.540   -5.827  1.00 5.35  ? 64   ARG A C   1 
ATOM   488  O O   . ARG A 1 64  ? -4.195  -0.009  -6.142  1.00 4.64  ? 64   ARG A O   1 
ATOM   489  C CB  . ARG A 1 64  ? -5.997  1.915   -7.812  1.00 5.60  ? 64   ARG A CB  1 
ATOM   490  C CG  . ARG A 1 64  ? -7.116  0.957   -8.199  1.00 6.17  ? 64   ARG A CG  1 
ATOM   491  C CD  . ARG A 1 64  ? -6.608  -0.360  -8.895  1.00 4.28  ? 64   ARG A CD  1 
ATOM   492  N NE  . ARG A 1 64  ? -7.760  -1.113  -9.338  1.00 5.52  ? 64   ARG A NE  1 
ATOM   493  C CZ  . ARG A 1 64  ? -8.421  -2.039  -8.638  1.00 5.29  ? 64   ARG A CZ  1 
ATOM   494  N NH1 . ARG A 1 64  ? -7.937  -2.512  -7.519  1.00 7.09  ? 64   ARG A NH1 1 
ATOM   495  N NH2 . ARG A 1 64  ? -9.577  -2.511  -9.111  1.00 7.02  ? 64   ARG A NH2 1 
ATOM   496  N N   . PHE A 1 65  ? -6.164  -0.062  -5.061  1.00 5.09  ? 65   PHE A N   1 
ATOM   497  C CA  . PHE A 1 65  ? -5.964  -1.433  -4.527  1.00 5.07  ? 65   PHE A CA  1 
ATOM   498  C C   . PHE A 1 65  ? -7.296  -1.968  -3.997  1.00 5.50  ? 65   PHE A C   1 
ATOM   499  O O   . PHE A 1 65  ? -8.206  -1.181  -3.645  1.00 5.55  ? 65   PHE A O   1 
ATOM   500  C CB  . PHE A 1 65  ? -4.869  -1.444  -3.423  1.00 5.18  ? 65   PHE A CB  1 
ATOM   501  C CG  . PHE A 1 65  ? -5.115  -0.498  -2.284  1.00 5.87  ? 65   PHE A CG  1 
ATOM   502  C CD1 . PHE A 1 65  ? -4.688  0.826   -2.338  1.00 5.05  ? 65   PHE A CD1 1 
ATOM   503  C CD2 . PHE A 1 65  ? -5.805  -0.908  -1.136  1.00 6.48  ? 65   PHE A CD2 1 
ATOM   504  C CE1 . PHE A 1 65  ? -4.934  1.707   -1.280  1.00 6.03  ? 65   PHE A CE1 1 
ATOM   505  C CE2 . PHE A 1 65  ? -6.084  0.004   -0.127  1.00 6.43  ? 65   PHE A CE2 1 
ATOM   506  C CZ  . PHE A 1 65  ? -5.636  1.301   -0.209  1.00 7.85  ? 65   PHE A CZ  1 
ATOM   507  N N   . ASP A 1 66  ? -7.425  -3.290  -3.908  1.00 5.49  ? 66   ASP A N   1 
ATOM   508  C CA  . ASP A 1 66  ? -8.529  -3.955  -3.220  1.00 5.00  ? 66   ASP A CA  1 
ATOM   509  C C   . ASP A 1 66  ? -8.023  -4.370  -1.822  1.00 5.98  ? 66   ASP A C   1 
ATOM   510  O O   . ASP A 1 66  ? -6.909  -4.924  -1.697  1.00 6.67  ? 66   ASP A O   1 
ATOM   511  C CB  . ASP A 1 66  ? -8.975  -5.192  -3.995  1.00 4.85  ? 66   ASP A CB  1 
ATOM   512  C CG  . ASP A 1 66  ? -9.554  -4.886  -5.342  1.00 6.58  ? 66   ASP A CG  1 
ATOM   513  O OD1 . ASP A 1 66  ? -9.885  -3.721  -5.647  1.00 7.46  ? 66   ASP A OD1 1 
ATOM   514  O OD2 . ASP A 1 66  ? -9.760  -5.819  -6.160  1.00 9.62  ? 66   ASP A OD2 1 
ATOM   515  N N   . MET A 1 67  ? -8.839  -4.154  -0.785  1.00 5.20  ? 67   MET A N   1 
ATOM   516  C CA  . MET A 1 67  ? -8.462  -4.538  0.581   1.00 6.44  ? 67   MET A CA  1 
ATOM   517  C C   . MET A 1 67  ? -9.657  -5.020  1.394   1.00 5.51  ? 67   MET A C   1 
ATOM   518  O O   . MET A 1 67  ? -10.762 -4.483  1.298   1.00 6.13  ? 67   MET A O   1 
ATOM   519  C CB  . MET A 1 67  ? -7.782  -3.369  1.280   1.00 5.84  ? 67   MET A CB  1 
ATOM   520  C CG  . MET A 1 67  ? -7.423  -3.595  2.751   1.00 6.16  ? 67   MET A CG  1 
ATOM   521  S SD  . MET A 1 67  ? -6.405  -2.229  3.451   1.00 9.00  ? 67   MET A SD  1 
ATOM   522  C CE  . MET A 1 67  ? -7.595  -1.083  3.694   1.00 11.79 ? 67   MET A CE  1 
ATOM   523  N N   . LYS A 1 68  ? -9.402  -6.051  2.203   1.00 5.90  ? 68   LYS A N   1 
ATOM   524  C CA  . LYS A 1 68  ? -10.252 -6.421  3.338   1.00 6.02  ? 68   LYS A CA  1 
ATOM   525  C C   . LYS A 1 68  ? -9.371  -6.469  4.613   1.00 5.16  ? 68   LYS A C   1 
ATOM   526  O O   . LYS A 1 68  ? -8.133  -6.585  4.529   1.00 4.49  ? 68   LYS A O   1 
ATOM   527  C CB  . LYS A 1 68  ? -11.063 -7.709  3.077   1.00 7.40  ? 68   LYS A CB  1 
ATOM   528  C CG  . LYS A 1 68  ? -10.305 -9.030  3.099   1.00 7.69  ? 68   LYS A CG  1 
ATOM   529  C CD  . LYS A 1 68  ? -11.311 -10.233 3.065   1.00 9.27  ? 68   LYS A CD  1 
ATOM   530  C CE  . LYS A 1 68  ? -10.587 -11.563 2.995   1.00 14.11 ? 68   LYS A CE  1 
ATOM   531  N NZ  . LYS A 1 68  ? -11.501 -12.670 2.624   1.00 16.08 ? 68   LYS A NZ  1 
ATOM   532  N N   . ASN A 1 69  ? -9.962  -6.242  5.788   1.00 3.96  ? 69   ASN A N   1 
ATOM   533  C CA  . ASN A 1 69  ? -9.154  -5.824  6.969   1.00 5.30  ? 69   ASN A CA  1 
ATOM   534  C C   . ASN A 1 69  ? -9.980  -5.915  8.239   1.00 4.95  ? 69   ASN A C   1 
ATOM   535  O O   . ASN A 1 69  ? -11.085 -5.346  8.318   1.00 5.49  ? 69   ASN A O   1 
ATOM   536  C CB  . ASN A 1 69  ? -8.520  -4.416  6.823   1.00 4.40  ? 69   ASN A CB  1 
ATOM   537  C CG  . ASN A 1 69  ? -9.476  -3.363  6.305   1.00 7.20  ? 69   ASN A CG  1 
ATOM   538  O OD1 . ASN A 1 69  ? -9.999  -3.468  5.179   1.00 7.57  ? 69   ASN A OD1 1 
ATOM   539  N ND2 . ASN A 1 69  ? -9.659  -2.296  7.089   1.00 5.35  ? 69   ASN A ND2 1 
ATOM   540  N N   . GLU A 1 70  ? -9.466  -6.637  9.243   1.00 5.84  ? 70   GLU A N   1 
ATOM   541  C CA  . GLU A 1 70  ? -10.158 -6.835  10.532  1.00 6.10  ? 70   GLU A CA  1 
ATOM   542  C C   . GLU A 1 70  ? -10.232 -5.563  11.403  1.00 6.26  ? 70   GLU A C   1 
ATOM   543  O O   . GLU A 1 70  ? -11.116 -5.456  12.264  1.00 7.33  ? 70   GLU A O   1 
ATOM   544  C CB  . GLU A 1 70  ? -9.527  -8.020  11.304  1.00 6.62  ? 70   GLU A CB  1 
ATOM   545  C CG  . GLU A 1 70  ? -9.826  -9.359  10.613  1.00 7.42  ? 70   GLU A CG  1 
ATOM   546  C CD  . GLU A 1 70  ? -9.025  -10.536 11.122  1.00 7.39  ? 70   GLU A CD  1 
ATOM   547  O OE1 . GLU A 1 70  ? -7.970  -10.339 11.759  1.00 10.69 ? 70   GLU A OE1 1 
ATOM   548  O OE2 . GLU A 1 70  ? -9.441  -11.683 10.853  1.00 8.97  ? 70   GLU A OE2 1 
ATOM   549  N N   . GLY A 1 71  ? -9.304  -4.614  11.182  1.00 6.31  ? 71   GLY A N   1 
ATOM   550  C CA  . GLY A 1 71  ? -9.248  -3.362  11.934  1.00 6.25  ? 71   GLY A CA  1 
ATOM   551  C C   . GLY A 1 71  ? -8.956  -2.148  11.064  1.00 5.86  ? 71   GLY A C   1 
ATOM   552  O O   . GLY A 1 71  ? -8.836  -2.275  9.844   1.00 6.20  ? 71   GLY A O   1 
ATOM   553  N N   . LYS A 1 72  ? -8.836  -0.968  11.674  1.00 5.69  ? 72   LYS A N   1 
ATOM   554  C CA  . LYS A 1 72  ? -8.452  0.232   10.919  1.00 6.13  ? 72   LYS A CA  1 
ATOM   555  C C   . LYS A 1 72  ? -7.041  0.091   10.342  1.00 5.31  ? 72   LYS A C   1 
ATOM   556  O O   . LYS A 1 72  ? -6.125  -0.430  11.017  1.00 6.21  ? 72   LYS A O   1 
ATOM   557  C CB  . LYS A 1 72  ? -8.479  1.477   11.807  1.00 6.23  ? 72   LYS A CB  1 
ATOM   558  C CG  . LYS A 1 72  ? -9.859  1.951   12.182  1.00 10.12 ? 72   LYS A CG  1 
ATOM   559  C CD  . LYS A 1 72  ? -9.744  3.201   13.098  1.00 15.43 ? 72   LYS A CD  1 
ATOM   560  C CE  . LYS A 1 72  ? -11.109 3.713   13.609  1.00 19.47 ? 72   LYS A CE  1 
ATOM   561  N NZ  . LYS A 1 72  ? -11.503 5.051   13.036  1.00 22.68 ? 72   LYS A NZ  1 
ATOM   562  N N   . VAL A 1 73  ? -6.875  0.539   9.101   1.00 6.10  ? 73   VAL A N   1 
ATOM   563  C CA  . VAL A 1 73  ? -5.587  0.417   8.377   1.00 4.88  ? 73   VAL A CA  1 
ATOM   564  C C   . VAL A 1 73  ? -5.094  1.786   7.940   1.00 6.43  ? 73   VAL A C   1 
ATOM   565  O O   . VAL A 1 73  ? -5.809  2.517   7.258   1.00 7.76  ? 73   VAL A O   1 
ATOM   566  C CB  . VAL A 1 73  ? -5.691  -0.506  7.132   1.00 4.94  ? 73   VAL A CB  1 
ATOM   567  C CG1 . VAL A 1 73  ? -4.396  -0.464  6.289   1.00 6.78  ? 73   VAL A CG1 1 
ATOM   568  C CG2 . VAL A 1 73  ? -5.962  -1.923  7.578   1.00 5.76  ? 73   VAL A CG2 1 
ATOM   569  N N   . LYS A 1 74  ? -3.856  2.151   8.333   1.00 5.15  ? 74   LYS A N   1 
ATOM   570  C CA  . LYS A 1 74  ? -3.253  3.417   7.876   1.00 5.83  ? 74   LYS A CA  1 
ATOM   571  C C   . LYS A 1 74  ? -2.413  3.160   6.624   1.00 5.21  ? 74   LYS A C   1 
ATOM   572  O O   . LYS A 1 74  ? -1.571  2.259   6.569   1.00 6.35  ? 74   LYS A O   1 
ATOM   573  C CB  . LYS A 1 74  ? -2.401  3.998   8.991   1.00 6.50  ? 74   LYS A CB  1 
ATOM   574  C CG  . LYS A 1 74  ? -1.733  5.365   8.709   1.00 10.89 ? 74   LYS A CG  1 
ATOM   575  C CD  . LYS A 1 74  ? -0.812  5.808   9.905   1.00 14.85 ? 74   LYS A CD  1 
ATOM   576  C CE  . LYS A 1 74  ? -1.542  6.252   11.085  1.00 15.45 ? 74   LYS A CE  1 
ATOM   577  N NZ  . LYS A 1 74  ? -0.643  6.642   12.225  1.00 8.83  ? 74   LYS A NZ  1 
ATOM   578  N N   . ILE A 1 75  ? -2.619  3.985   5.602   1.00 5.68  ? 75   ILE A N   1 
ATOM   579  C CA  . ILE A 1 75  ? -1.826  3.978   4.366   1.00 5.89  ? 75   ILE A CA  1 
ATOM   580  C C   . ILE A 1 75  ? -0.832  5.139   4.425   1.00 5.56  ? 75   ILE A C   1 
ATOM   581  O O   . ILE A 1 75  ? -1.254  6.264   4.666   1.00 6.06  ? 75   ILE A O   1 
ATOM   582  C CB  . ILE A 1 75  ? -2.733  4.169   3.123   1.00 6.32  ? 75   ILE A CB  1 
ATOM   583  C CG1 . ILE A 1 75  ? -3.895  3.171   3.113   1.00 10.10 ? 75   ILE A CG1 1 
ATOM   584  C CG2 . ILE A 1 75  ? -1.916  4.142   1.833   1.00 8.35  ? 75   ILE A CG2 1 
ATOM   585  C CD1 . ILE A 1 75  ? -3.514  1.755   3.025   1.00 12.24 ? 75   ILE A CD1 1 
ATOM   586  N N   . LEU A 1 76  ? 0.459   4.847   4.242   1.00 5.51  ? 76   LEU A N   1 
ATOM   587  C CA  . LEU A 1 76  ? 1.490   5.899   4.162   1.00 5.13  ? 76   LEU A CA  1 
ATOM   588  C C   . LEU A 1 76  ? 2.328   5.713   2.904   1.00 5.24  ? 76   LEU A C   1 
ATOM   589  O O   . LEU A 1 76  ? 2.446   4.627   2.333   1.00 5.58  ? 76   LEU A O   1 
ATOM   590  C CB  . LEU A 1 76  ? 2.441   5.895   5.378   1.00 5.68  ? 76   LEU A CB  1 
ATOM   591  C CG  . LEU A 1 76  ? 1.898   5.922   6.805   1.00 6.28  ? 76   LEU A CG  1 
ATOM   592  C CD1 . LEU A 1 76  ? 1.651   4.531   7.321   1.00 5.93  ? 76   LEU A CD1 1 
ATOM   593  C CD2 . LEU A 1 76  ? 2.777   6.663   7.791   1.00 6.11  ? 76   LEU A CD2 1 
ATOM   594  N N   . VAL A 1 77  ? 2.991   6.803   2.491   1.00 5.58  ? 77   VAL A N   1 
ATOM   595  C CA  . VAL A 1 77  ? 4.116   6.755   1.548   1.00 5.58  ? 77   VAL A CA  1 
ATOM   596  C C   . VAL A 1 77  ? 5.369   7.380   2.205   1.00 5.79  ? 77   VAL A C   1 
ATOM   597  O O   . VAL A 1 77  ? 5.244   8.182   3.150   1.00 6.10  ? 77   VAL A O   1 
ATOM   598  C CB  . VAL A 1 77  ? 3.765   7.431   0.169   1.00 5.63  ? 77   VAL A CB  1 
ATOM   599  C CG1 . VAL A 1 77  ? 2.641   6.689   -0.521  1.00 6.46  ? 77   VAL A CG1 1 
ATOM   600  C CG2 . VAL A 1 77  ? 3.482   8.924   0.314   1.00 7.14  ? 77   VAL A CG2 1 
ATOM   601  N N   . GLU A 1 78  ? 6.566   7.008   1.741   1.00 4.67  ? 78   GLU A N   1 
ATOM   602  C CA  . GLU A 1 78  ? 7.803   7.593   2.319   1.00 4.73  ? 78   GLU A CA  1 
ATOM   603  C C   . GLU A 1 78  ? 8.859   7.813   1.225   1.00 4.98  ? 78   GLU A C   1 
ATOM   604  O O   . GLU A 1 78  ? 8.824   7.142   0.191   1.00 5.42  ? 78   GLU A O   1 
ATOM   605  C CB  . GLU A 1 78  ? 8.439   6.727   3.432   1.00 3.73  ? 78   GLU A CB  1 
ATOM   606  C CG  . GLU A 1 78  ? 7.490   5.971   4.328   1.00 5.82  ? 78   GLU A CG  1 
ATOM   607  C CD  . GLU A 1 78  ? 8.164   5.283   5.500   1.00 5.25  ? 78   GLU A CD  1 
ATOM   608  O OE1 . GLU A 1 78  ? 9.247   5.716   5.934   1.00 7.79  ? 78   GLU A OE1 1 
ATOM   609  O OE2 . GLU A 1 78  ? 7.626   4.246   6.002   1.00 9.23  ? 78   GLU A OE2 1 
ATOM   610  N N   . ASN A 1 79  ? 9.770   8.766   1.476   1.00 4.56  ? 79   ASN A N   1 
ATOM   611  C CA  . ASN A 1 79  ? 10.982  9.016   0.684   1.00 4.68  ? 79   ASN A CA  1 
ATOM   612  C C   . ASN A 1 79  ? 12.168  8.538   1.485   1.00 5.09  ? 79   ASN A C   1 
ATOM   613  O O   . ASN A 1 79  ? 12.467  9.092   2.526   1.00 4.86  ? 79   ASN A O   1 
ATOM   614  C CB  . ASN A 1 79  ? 11.113  10.506  0.364   1.00 5.24  ? 79   ASN A CB  1 
ATOM   615  C CG  . ASN A 1 79  ? 12.277  10.826  -0.525  1.00 5.81  ? 79   ASN A CG  1 
ATOM   616  O OD1 . ASN A 1 79  ? 13.427  10.746  -0.102  1.00 6.12  ? 79   ASN A OD1 1 
ATOM   617  N ND2 . ASN A 1 79  ? 11.994  11.184  -1.788  1.00 5.91  ? 79   ASN A ND2 1 
ATOM   618  N N   . SER A 1 80  ? 12.824  7.461   1.033   1.00 5.76  ? 80   SER A N   1 
ATOM   619  C CA  . SER A 1 80  ? 13.909  6.846   1.797   1.00 6.79  ? 80   SER A CA  1 
ATOM   620  C C   . SER A 1 80  ? 15.199  7.684   1.867   1.00 8.03  ? 80   SER A C   1 
ATOM   621  O O   . SER A 1 80  ? 15.948  7.553   2.824   1.00 8.69  ? 80   SER A O   1 
ATOM   622  C CB  . SER A 1 80  ? 14.139  5.403   1.281   1.00 7.36  ? 80   SER A CB  1 
ATOM   623  O OG  A SER A 1 80  ? 14.865  5.479   0.073   0.50 2.90  ? 80   SER A OG  1 
ATOM   624  O OG  B SER A 1 80  ? 13.302  4.694   2.162   0.50 13.18 ? 80   SER A OG  1 
ATOM   625  N N   . GLU A 1 81  ? 15.445  8.538   0.883   1.00 7.85  ? 81   GLU A N   1 
ATOM   626  C CA  . GLU A 1 81  ? 16.638  9.393   0.856   1.00 8.73  ? 81   GLU A CA  1 
ATOM   627  C C   . GLU A 1 81  ? 16.526  10.510  1.918   1.00 8.12  ? 81   GLU A C   1 
ATOM   628  O O   . GLU A 1 81  ? 17.463  10.736  2.699   1.00 9.60  ? 81   GLU A O   1 
ATOM   629  C CB  . GLU A 1 81  ? 16.862  10.008  -0.541  1.00 9.17  ? 81   GLU A CB  1 
ATOM   630  C CG  . GLU A 1 81  ? 18.092  10.915  -0.614  1.00 13.77 ? 81   GLU A CG  1 
ATOM   631  C CD  . GLU A 1 81  ? 19.358  10.297  -0.019  1.00 19.64 ? 81   GLU A CD  1 
ATOM   632  O OE1 . GLU A 1 81  ? 19.655  9.110   -0.332  1.00 25.31 ? 81   GLU A OE1 1 
ATOM   633  O OE2 . GLU A 1 81  ? 20.075  10.998  0.759   1.00 21.76 ? 81   GLU A OE2 1 
ATOM   634  N N   . ALA A 1 82  ? 15.404  11.211  1.929   1.00 7.50  ? 82   ALA A N   1 
ATOM   635  C CA  . ALA A 1 82  ? 15.115  12.227  2.941   1.00 6.73  ? 82   ALA A CA  1 
ATOM   636  C C   . ALA A 1 82  ? 14.717  11.668  4.298   1.00 7.48  ? 82   ALA A C   1 
ATOM   637  O O   . ALA A 1 82  ? 14.740  12.394  5.306   1.00 8.14  ? 82   ALA A O   1 
ATOM   638  C CB  . ALA A 1 82  ? 14.005  13.165  2.414   1.00 7.63  ? 82   ALA A CB  1 
ATOM   639  N N   . ASP A 1 83  ? 14.341  10.402  4.323   1.00 6.64  ? 83   ASP A N   1 
ATOM   640  C CA  . ASP A 1 83  ? 13.697  9.763   5.482   1.00 7.02  ? 83   ASP A CA  1 
ATOM   641  C C   . ASP A 1 83  ? 12.518  10.585  6.026   1.00 7.14  ? 83   ASP A C   1 
ATOM   642  O O   . ASP A 1 83  ? 12.502  11.021  7.186   1.00 8.55  ? 83   ASP A O   1 
ATOM   643  C CB  . ASP A 1 83  ? 14.726  9.473   6.578   1.00 7.56  ? 83   ASP A CB  1 
ATOM   644  C CG  . ASP A 1 83  ? 14.220  8.503   7.617   1.00 8.80  ? 83   ASP A CG  1 
ATOM   645  O OD1 . ASP A 1 83  ? 13.281  7.718   7.341   1.00 13.37 ? 83   ASP A OD1 1 
ATOM   646  O OD2 . ASP A 1 83  ? 14.719  8.496   8.781   1.00 14.84 ? 83   ASP A OD2 1 
ATOM   647  N N   . GLU A 1 84  ? 11.542  10.813  5.150   1.00 5.84  ? 84   GLU A N   1 
ATOM   648  C CA  . GLU A 1 84  ? 10.286  11.516  5.489   1.00 5.78  ? 84   GLU A CA  1 
ATOM   649  C C   . GLU A 1 84  ? 9.104   10.639  5.110   1.00 5.91  ? 84   GLU A C   1 
ATOM   650  O O   . GLU A 1 84  ? 9.141   9.917   4.091   1.00 6.15  ? 84   GLU A O   1 
ATOM   651  C CB  . GLU A 1 84  ? 10.161  12.872  4.766   1.00 6.98  ? 84   GLU A CB  1 
ATOM   652  C CG  . GLU A 1 84  ? 11.139  13.969  5.159   1.00 6.06  ? 84   GLU A CG  1 
ATOM   653  C CD  . GLU A 1 84  ? 10.803  15.351  4.556   1.00 5.69  ? 84   GLU A CD  1 
ATOM   654  O OE1 . GLU A 1 84  ? 9.678   15.526  4.040   1.00 10.16 ? 84   GLU A OE1 1 
ATOM   655  O OE2 . GLU A 1 84  ? 11.669  16.236  4.591   1.00 8.99  ? 84   GLU A OE2 1 
ATOM   656  N N   . LYS A 1 85  ? 8.068   10.666  5.949   1.00 5.02  ? 85   LYS A N   1 
ATOM   657  C CA  . LYS A 1 85  ? 6.858   9.874   5.742   1.00 5.21  ? 85   LYS A CA  1 
ATOM   658  C C   . LYS A 1 85  ? 5.639   10.788  5.688   1.00 5.40  ? 85   LYS A C   1 
ATOM   659  O O   . LYS A 1 85  ? 5.680   11.901  6.202   1.00 5.70  ? 85   LYS A O   1 
ATOM   660  C CB  . LYS A 1 85  ? 6.678   8.848   6.861   1.00 5.44  ? 85   LYS A CB  1 
ATOM   661  C CG  . LYS A 1 85  ? 6.330   9.424   8.251   1.00 4.69  ? 85   LYS A CG  1 
ATOM   662  C CD  . LYS A 1 85  ? 6.300   8.312   9.319   1.00 4.81  ? 85   LYS A CD  1 
ATOM   663  C CE  . LYS A 1 85  ? 5.773   8.775   10.666  1.00 5.28  ? 85   LYS A CE  1 
ATOM   664  N NZ  . LYS A 1 85  ? 6.559   9.878   11.305  1.00 7.44  ? 85   LYS A NZ  1 
ATOM   665  N N   . PHE A 1 86  ? 4.578   10.276  5.058   1.00 5.70  ? 86   PHE A N   1 
ATOM   666  C CA  . PHE A 1 86  ? 3.354   11.034  4.773   1.00 5.44  ? 86   PHE A CA  1 
ATOM   667  C C   . PHE A 1 86  ? 2.115   10.139  4.846   1.00 5.40  ? 86   PHE A C   1 
ATOM   668  O O   . PHE A 1 86  ? 1.963   9.160   4.094   1.00 5.54  ? 86   PHE A O   1 
ATOM   669  C CB  . PHE A 1 86  ? 3.430   11.717  3.385   1.00 5.55  ? 86   PHE A CB  1 
ATOM   670  C CG  . PHE A 1 86  ? 2.265   12.645  3.078   1.00 7.51  ? 86   PHE A CG  1 
ATOM   671  C CD1 . PHE A 1 86  ? 2.314   13.999  3.365   1.00 9.88  ? 86   PHE A CD1 1 
ATOM   672  C CD2 . PHE A 1 86  ? 1.136   12.152  2.440   1.00 6.51  ? 86   PHE A CD2 1 
ATOM   673  C CE1 . PHE A 1 86  ? 1.235   14.839  3.032   1.00 9.78  ? 86   PHE A CE1 1 
ATOM   674  C CE2 . PHE A 1 86  ? 0.077   12.995  2.135   1.00 9.90  ? 86   PHE A CE2 1 
ATOM   675  C CZ  . PHE A 1 86  ? 0.143   14.326  2.434   1.00 9.35  ? 86   PHE A CZ  1 
ATOM   676  N N   . GLU A 1 87  ? 1.223   10.506  5.768   1.00 4.35  ? 87   GLU A N   1 
ATOM   677  C CA  . GLU A 1 87  ? -0.019  9.768   6.039   1.00 5.36  ? 87   GLU A CA  1 
ATOM   678  C C   . GLU A 1 87  ? -1.093  10.128  4.980   1.00 5.97  ? 87   GLU A C   1 
ATOM   679  O O   . GLU A 1 87  ? -1.488  11.288  4.907   1.00 7.40  ? 87   GLU A O   1 
ATOM   680  C CB  . GLU A 1 87  ? -0.545  10.116  7.438   1.00 5.87  ? 87   GLU A CB  1 
ATOM   681  C CG  . GLU A 1 87  ? 0.312   9.644   8.624   1.00 6.82  ? 87   GLU A CG  1 
ATOM   682  C CD  . GLU A 1 87  ? 1.562   10.474  8.936   1.00 6.30  ? 87   GLU A CD  1 
ATOM   683  O OE1 . GLU A 1 87  ? 1.734   11.615  8.394   1.00 5.08  ? 87   GLU A OE1 1 
ATOM   684  O OE2 . GLU A 1 87  ? 2.403   10.057  9.768   1.00 6.50  ? 87   GLU A OE2 1 
ATOM   685  N N   . VAL A 1 88  ? -1.492  9.159   4.150   1.00 5.66  ? 88   VAL A N   1 
ATOM   686  C CA  . VAL A 1 88  ? -2.446  9.328   3.072   1.00 5.92  ? 88   VAL A CA  1 
ATOM   687  C C   . VAL A 1 88  ? -3.895  9.225   3.568   1.00 6.50  ? 88   VAL A C   1 
ATOM   688  O O   . VAL A 1 88  ? -4.713  10.152  3.327   1.00 7.70  ? 88   VAL A O   1 
ATOM   689  C CB  . VAL A 1 88  ? -2.178  8.305   1.951   1.00 6.61  ? 88   VAL A CB  1 
ATOM   690  C CG1 . VAL A 1 88  ? -3.254  8.336   0.864   1.00 8.53  ? 88   VAL A CG1 1 
ATOM   691  C CG2 . VAL A 1 88  ? -0.800  8.501   1.366   1.00 7.55  ? 88   VAL A CG2 1 
ATOM   692  N N   . GLU A 1 89  ? -4.216  8.146   4.269   1.00 6.89  ? 89   GLU A N   1 
ATOM   693  C CA  . GLU A 1 89  ? -5.589  7.900   4.758   1.00 8.00  ? 89   GLU A CA  1 
ATOM   694  C C   . GLU A 1 89  ? -5.612  6.806   5.831   1.00 7.14  ? 89   GLU A C   1 
ATOM   695  O O   . GLU A 1 89  ? -4.744  5.951   5.843   1.00 7.41  ? 89   GLU A O   1 
ATOM   696  C CB  . GLU A 1 89  ? -6.431  7.396   3.571   1.00 9.31  ? 89   GLU A CB  1 
ATOM   697  C CG  . GLU A 1 89  ? -7.917  7.275   3.817   1.00 13.75 ? 89   GLU A CG  1 
ATOM   698  C CD  A GLU A 1 89  ? -8.673  8.560   3.628   0.50 17.32 ? 89   GLU A CD  1 
ATOM   699  C CD  B GLU A 1 89  ? -8.541  8.609   4.196   0.50 15.67 ? 89   GLU A CD  1 
ATOM   700  O OE1 A GLU A 1 89  ? -8.157  9.434   2.904   0.50 20.35 ? 89   GLU A OE1 1 
ATOM   701  O OE1 B GLU A 1 89  ? -8.471  8.953   5.409   0.50 16.45 ? 89   GLU A OE1 1 
ATOM   702  O OE2 A GLU A 1 89  ? -9.811  8.663   4.135   0.50 20.63 ? 89   GLU A OE2 1 
ATOM   703  O OE2 B GLU A 1 89  ? -9.090  9.321   3.327   0.50 18.20 ? 89   GLU A OE2 1 
ATOM   704  N N   . THR A 1 90  ? -6.630  6.824   6.713   1.00 6.69  ? 90   THR A N   1 
ATOM   705  C CA  . THR A 1 90  ? -6.934  5.683   7.574   1.00 7.25  ? 90   THR A CA  1 
ATOM   706  C C   . THR A 1 90  ? -8.283  5.111   7.136   1.00 7.59  ? 90   THR A C   1 
ATOM   707  O O   . THR A 1 90  ? -9.281  5.834   7.017   1.00 9.19  ? 90   THR A O   1 
ATOM   708  C CB  . THR A 1 90  ? -6.895  6.085   9.053   1.00 8.42  ? 90   THR A CB  1 
ATOM   709  O OG1 . THR A 1 90  ? -5.563  6.450   9.433   1.00 9.21  ? 90   THR A OG1 1 
ATOM   710  C CG2 . THR A 1 90  ? -7.226  4.922   9.943   1.00 8.51  ? 90   THR A CG2 1 
ATOM   711  N N   . ILE A 1 91  ? -8.310  3.815   6.885   1.00 7.20  ? 91   ILE A N   1 
ATOM   712  C CA  . ILE A 1 91  ? -9.472  3.125   6.302   1.00 7.52  ? 91   ILE A CA  1 
ATOM   713  C C   . ILE A 1 91  ? -10.154 2.214   7.343   1.00 6.97  ? 91   ILE A C   1 
ATOM   714  O O   . ILE A 1 91  ? -9.482  1.461   8.063   1.00 7.29  ? 91   ILE A O   1 
ATOM   715  C CB  . ILE A 1 91  ? -9.014  2.329   5.095   1.00 7.46  ? 91   ILE A CB  1 
ATOM   716  C CG1 . ILE A 1 91  ? -8.471  3.308   4.030   1.00 10.30 ? 91   ILE A CG1 1 
ATOM   717  C CG2 . ILE A 1 91  ? -10.146 1.485   4.537   1.00 8.95  ? 91   ILE A CG2 1 
ATOM   718  C CD1 . ILE A 1 91  ? -7.763  2.691   2.857   1.00 11.20 ? 91   ILE A CD1 1 
ATOM   719  N N   . SER A 1 92  ? -11.475 2.303   7.466   1.00 7.27  ? 92   SER A N   1 
ATOM   720  C CA  . SER A 1 92  ? -12.236 1.535   8.453   1.00 7.91  ? 92   SER A CA  1 
ATOM   721  C C   . SER A 1 92  ? -12.271 0.042   8.147   1.00 7.24  ? 92   SER A C   1 
ATOM   722  O O   . SER A 1 92  ? -12.050 -0.345  6.981   1.00 7.36  ? 92   SER A O   1 
ATOM   723  C CB  . SER A 1 92  ? -13.679 2.045   8.512   1.00 9.20  ? 92   SER A CB  1 
ATOM   724  O OG  . SER A 1 92  ? -13.701 3.400   8.909   1.00 13.39 ? 92   SER A OG  1 
ATOM   725  N N   . PRO A 1 93  ? -12.551 -0.792  9.151   1.00 7.25  ? 93   PRO A N   1 
ATOM   726  C CA  . PRO A 1 93  ? -12.623 -2.258  8.950   1.00 7.74  ? 93   PRO A CA  1 
ATOM   727  C C   . PRO A 1 93  ? -13.671 -2.722  7.938   1.00 7.82  ? 93   PRO A C   1 
ATOM   728  O O   . PRO A 1 93  ? -14.731 -2.079  7.806   1.00 7.56  ? 93   PRO A O   1 
ATOM   729  C CB  . PRO A 1 93  ? -12.976 -2.801  10.333  1.00 7.47  ? 93   PRO A CB  1 
ATOM   730  C CG  . PRO A 1 93  ? -12.698 -1.702  11.307  1.00 7.10  ? 93   PRO A CG  1 
ATOM   731  C CD  . PRO A 1 93  ? -12.846 -0.415  10.555  1.00 7.02  ? 93   PRO A CD  1 
ATOM   732  N N   . SER A 1 94  ? -13.357 -3.809  7.220   1.00 6.59  ? 94   SER A N   1 
ATOM   733  C CA  . SER A 1 94  ? -14.323 -4.440  6.303   1.00 7.17  ? 94   SER A CA  1 
ATOM   734  C C   . SER A 1 94  ? -14.120 -5.940  6.243   1.00 6.02  ? 94   SER A C   1 
ATOM   735  O O   . SER A 1 94  ? -12.998 -6.416  6.097   1.00 6.72  ? 94   SER A O   1 
ATOM   736  C CB  . SER A 1 94  ? -14.158 -3.879  4.873   1.00 7.80  ? 94   SER A CB  1 
ATOM   737  O OG  . SER A 1 94  ? -15.180 -4.399  4.008   1.00 8.44  ? 94   SER A OG  1 
ATOM   738  N N   . ASP A 1 95  ? -15.217 -6.676  6.279   1.00 5.31  ? 95   ASP A N   1 
ATOM   739  C CA  . ASP A 1 95  ? -15.217 -8.135  6.197   1.00 6.02  ? 95   ASP A CA  1 
ATOM   740  C C   . ASP A 1 95  ? -15.169 -8.620  4.723   1.00 6.54  ? 95   ASP A C   1 
ATOM   741  O O   . ASP A 1 95  ? -15.050 -9.813  4.459   1.00 9.43  ? 95   ASP A O   1 
ATOM   742  C CB  . ASP A 1 95  ? -16.489 -8.658  6.878   1.00 5.57  ? 95   ASP A CB  1 
ATOM   743  C CG  . ASP A 1 95  ? -16.464 -10.140 7.154   1.00 7.53  ? 95   ASP A CG  1 
ATOM   744  O OD1 . ASP A 1 95  ? -15.384 -10.702 7.513   1.00 8.06  ? 95   ASP A OD1 1 
ATOM   745  O OD2 . ASP A 1 95  ? -17.520 -10.809 7.070   1.00 7.22  ? 95   ASP A OD2 1 
ATOM   746  N N   . GLU A 1 96  ? -15.332 -7.702  3.779   1.00 6.86  ? 96   GLU A N   1 
ATOM   747  C CA  . GLU A 1 96  ? -15.283 -7.996  2.341   1.00 7.17  ? 96   GLU A CA  1 
ATOM   748  C C   . GLU A 1 96  ? -14.289 -7.076  1.642   1.00 5.88  ? 96   GLU A C   1 
ATOM   749  O O   . GLU A 1 96  ? -14.004 -5.962  2.111   1.00 7.18  ? 96   GLU A O   1 
ATOM   750  C CB  . GLU A 1 96  ? -16.676 -7.807  1.714   1.00 7.31  ? 96   GLU A CB  1 
ATOM   751  C CG  . GLU A 1 96  ? -17.814 -8.515  2.443   1.00 12.14 ? 96   GLU A CG  1 
ATOM   752  C CD  . GLU A 1 96  ? -19.152 -8.354  1.755   1.00 17.23 ? 96   GLU A CD  1 
ATOM   753  O OE1 . GLU A 1 96  ? -19.469 -7.205  1.355   1.00 21.27 ? 96   GLU A OE1 1 
ATOM   754  O OE2 . GLU A 1 96  ? -19.900 -9.367  1.631   1.00 23.59 ? 96   GLU A OE2 1 
ATOM   755  N N   . TYR A 1 97  ? -13.753 -7.525  0.503   1.00 4.54  ? 97   TYR A N   1 
ATOM   756  C CA  . TYR A 1 97  ? -12.842 -6.680  -0.287  1.00 4.79  ? 97   TYR A CA  1 
ATOM   757  C C   . TYR A 1 97  ? -13.601 -5.465  -0.813  1.00 5.12  ? 97   TYR A C   1 
ATOM   758  O O   . TYR A 1 97  ? -14.767 -5.579  -1.245  1.00 5.44  ? 97   TYR A O   1 
ATOM   759  C CB  . TYR A 1 97  ? -12.300 -7.425  -1.504  1.00 5.13  ? 97   TYR A CB  1 
ATOM   760  C CG  . TYR A 1 97  ? -11.168 -8.365  -1.174  1.00 6.56  ? 97   TYR A CG  1 
ATOM   761  C CD1 . TYR A 1 97  ? -9.899  -7.891  -0.950  1.00 7.08  ? 97   TYR A CD1 1 
ATOM   762  C CD2 . TYR A 1 97  ? -11.369 -9.728  -1.114  1.00 7.21  ? 97   TYR A CD2 1 
ATOM   763  C CE1 . TYR A 1 97  ? -8.848  -8.750  -0.657  1.00 7.88  ? 97   TYR A CE1 1 
ATOM   764  C CE2 . TYR A 1 97  ? -10.314 -10.607 -0.816  1.00 7.87  ? 97   TYR A CE2 1 
ATOM   765  C CZ  . TYR A 1 97  ? -9.054  -10.100 -0.604  1.00 7.41  ? 97   TYR A CZ  1 
ATOM   766  O OH  . TYR A 1 97  ? -8.042  -10.993 -0.318  1.00 10.68 ? 97   TYR A OH  1 
ATOM   767  N N   . VAL A 1 98  ? -12.926 -4.324  -0.757  1.00 4.80  ? 98   VAL A N   1 
ATOM   768  C CA  . VAL A 1 98  ? -13.397 -3.017  -1.241  1.00 5.37  ? 98   VAL A CA  1 
ATOM   769  C C   . VAL A 1 98  ? -12.275 -2.394  -2.103  1.00 5.63  ? 98   VAL A C   1 
ATOM   770  O O   . VAL A 1 98  ? -11.104 -2.465  -1.747  1.00 6.45  ? 98   VAL A O   1 
ATOM   771  C CB  . VAL A 1 98  ? -13.751 -2.020  -0.070  1.00 5.54  ? 98   VAL A CB  1 
ATOM   772  C CG1 . VAL A 1 98  ? -14.148 -0.626  -0.576  1.00 7.35  ? 98   VAL A CG1 1 
ATOM   773  C CG2 . VAL A 1 98  ? -14.841 -2.536  0.806   1.00 7.08  ? 98   VAL A CG2 1 
ATOM   774  N N   . THR A 1 99  ? -12.655 -1.793  -3.237  1.00 5.86  ? 99   THR A N   1 
ATOM   775  C CA  . THR A 1 99  ? -11.709 -1.040  -4.091  1.00 5.69  ? 99   THR A CA  1 
ATOM   776  C C   . THR A 1 99  ? -11.561 0.418   -3.613  1.00 5.98  ? 99   THR A C   1 
ATOM   777  O O   . THR A 1 99  ? -12.544 1.156   -3.481  1.00 7.78  ? 99   THR A O   1 
ATOM   778  C CB  . THR A 1 99  ? -12.130 -1.047  -5.584  1.00 5.38  ? 99   THR A CB  1 
ATOM   779  O OG1 . THR A 1 99  ? -12.227 -2.400  -6.081  1.00 7.11  ? 99   THR A OG1 1 
ATOM   780  C CG2 . THR A 1 99  ? -11.066 -0.380  -6.467  1.00 6.38  ? 99   THR A CG2 1 
ATOM   781  N N   . TYR A 1 100 ? -10.317 0.809   -3.372  1.00 5.15  ? 100  TYR A N   1 
ATOM   782  C CA  . TYR A 1 100 ? -9.937  2.162   -2.955  1.00 4.94  ? 100  TYR A CA  1 
ATOM   783  C C   . TYR A 1 100 ? -9.078  2.821   -4.043  1.00 6.32  ? 100  TYR A C   1 
ATOM   784  O O   . TYR A 1 100 ? -8.232  2.178   -4.662  1.00 6.53  ? 100  TYR A O   1 
ATOM   785  C CB  . TYR A 1 100 ? -9.174  2.124   -1.607  1.00 5.07  ? 100  TYR A CB  1 
ATOM   786  C CG  . TYR A 1 100 ? -9.980  1.517   -0.489  1.00 5.32  ? 100  TYR A CG  1 
ATOM   787  C CD1 . TYR A 1 100 ? -10.863 2.283   0.242   1.00 9.46  ? 100  TYR A CD1 1 
ATOM   788  C CD2 . TYR A 1 100 ? -9.834  0.184   -0.151  1.00 6.93  ? 100  TYR A CD2 1 
ATOM   789  C CE1 . TYR A 1 100 ? -11.631 1.718   1.274   1.00 7.20  ? 100  TYR A CE1 1 
ATOM   790  C CE2 . TYR A 1 100 ? -10.615 -0.396  0.859   1.00 8.24  ? 100  TYR A CE2 1 
ATOM   791  C CZ  . TYR A 1 100 ? -11.490 0.388   1.574   1.00 8.59  ? 100  TYR A CZ  1 
ATOM   792  O OH  . TYR A 1 100 ? -12.267 -0.148  2.572   1.00 7.67  ? 100  TYR A OH  1 
ATOM   793  N N   . ILE A 1 101 ? -9.316  4.100   -4.289  1.00 5.19  ? 101  ILE A N   1 
ATOM   794  C CA  . ILE A 1 101 ? -8.482  4.931   -5.188  1.00 5.19  ? 101  ILE A CA  1 
ATOM   795  C C   . ILE A 1 101 ? -8.209  6.257   -4.448  1.00 4.32  ? 101  ILE A C   1 
ATOM   796  O O   . ILE A 1 101 ? -9.133  7.068   -4.257  1.00 5.88  ? 101  ILE A O   1 
ATOM   797  C CB  . ILE A 1 101 ? -9.141  5.171   -6.565  1.00 4.89  ? 101  ILE A CB  1 
ATOM   798  C CG1 . ILE A 1 101 ? -9.627  3.864   -7.236  1.00 5.95  ? 101  ILE A CG1 1 
ATOM   799  C CG2 . ILE A 1 101 ? -8.124  5.832   -7.488  1.00 5.70  ? 101  ILE A CG2 1 
ATOM   800  C CD1 . ILE A 1 101 ? -10.383 4.050   -8.568  1.00 6.88  ? 101  ILE A CD1 1 
ATOM   801  N N   . LEU A 1 102 ? -6.943  6.459   -4.058  1.00 5.57  ? 102  LEU A N   1 
ATOM   802  C CA  . LEU A 1 102 ? -6.529  7.517   -3.129  1.00 5.61  ? 102  LEU A CA  1 
ATOM   803  C C   . LEU A 1 102 ? -5.530  8.467   -3.774  1.00 5.53  ? 102  LEU A C   1 
ATOM   804  O O   . LEU A 1 102 ? -4.498  8.035   -4.279  1.00 6.40  ? 102  LEU A O   1 
ATOM   805  C CB  . LEU A 1 102 ? -5.899  6.924   -1.842  1.00 6.07  ? 102  LEU A CB  1 
ATOM   806  C CG  . LEU A 1 102 ? -6.668  5.811   -1.095  1.00 9.24  ? 102  LEU A CG  1 
ATOM   807  C CD1 . LEU A 1 102 ? -5.818  5.272   0.058   1.00 10.41 ? 102  LEU A CD1 1 
ATOM   808  C CD2 . LEU A 1 102 ? -8.028  6.273   -0.614  1.00 11.67 ? 102  LEU A CD2 1 
ATOM   809  N N   . ASP A 1 103 ? -5.798  9.776   -3.733  1.00 6.34  ? 103  ASP A N   1 
ATOM   810  C CA  . ASP A 1 103 ? -4.801  10.780  -4.126  1.00 5.55  ? 103  ASP A CA  1 
ATOM   811  C C   . ASP A 1 103 ? -3.651  10.829  -3.134  1.00 6.77  ? 103  ASP A C   1 
ATOM   812  O O   . ASP A 1 103 ? -3.852  10.741  -1.914  1.00 8.09  ? 103  ASP A O   1 
ATOM   813  C CB  . ASP A 1 103 ? -5.425  12.178  -4.177  1.00 5.89  ? 103  ASP A CB  1 
ATOM   814  C CG  . ASP A 1 103 ? -6.343  12.359  -5.363  1.00 8.00  ? 103  ASP A CG  1 
ATOM   815  O OD1 . ASP A 1 103 ? -5.847  12.239  -6.520  1.00 7.76  ? 103  ASP A OD1 1 
ATOM   816  O OD2 . ASP A 1 103 ? -7.560  12.603  -5.202  1.00 9.38  ? 103  ASP A OD2 1 
ATOM   817  N N   . VAL A 1 104 ? -2.437  10.955  -3.681  1.00 5.55  ? 104  VAL A N   1 
ATOM   818  C CA  . VAL A 1 104 ? -1.197  11.083  -2.894  1.00 6.25  ? 104  VAL A CA  1 
ATOM   819  C C   . VAL A 1 104 ? -0.689  12.515  -3.005  1.00 6.47  ? 104  VAL A C   1 
ATOM   820  O O   . VAL A 1 104 ? -0.240  12.960  -4.063  1.00 6.82  ? 104  VAL A O   1 
ATOM   821  C CB  . VAL A 1 104 ? -0.128  10.083  -3.357  1.00 5.96  ? 104  VAL A CB  1 
ATOM   822  C CG1 . VAL A 1 104 ? 1.152   10.318  -2.525  1.00 5.91  ? 104  VAL A CG1 1 
ATOM   823  C CG2 . VAL A 1 104 ? -0.603  8.660   -3.188  1.00 7.76  ? 104  VAL A CG2 1 
ATOM   824  N N   . ASP A 1 105 ? -0.781  13.250  -1.881  1.00 6.42  ? 105  ASP A N   1 
ATOM   825  C CA  . ASP A 1 105 ? -0.514  14.681  -1.874  1.00 7.51  ? 105  ASP A CA  1 
ATOM   826  C C   . ASP A 1 105 ? 0.899   15.093  -1.343  1.00 7.12  ? 105  ASP A C   1 
ATOM   827  O O   . ASP A 1 105 ? 1.205   16.300  -1.256  1.00 8.66  ? 105  ASP A O   1 
ATOM   828  C CB  . ASP A 1 105 ? -1.575  15.419  -1.036  1.00 8.70  ? 105  ASP A CB  1 
ATOM   829  C CG  . ASP A 1 105 ? -2.970  15.387  -1.632  1.00 14.39 ? 105  ASP A CG  1 
ATOM   830  O OD1 . ASP A 1 105 ? -3.138  15.209  -2.849  1.00 15.33 ? 105  ASP A OD1 1 
ATOM   831  O OD2 . ASP A 1 105 ? -3.961  15.608  -0.905  1.00 19.67 ? 105  ASP A OD2 1 
ATOM   832  N N   . PHE A 1 106 ? 1.738   14.101  -1.032  1.00 6.82  ? 106  PHE A N   1 
ATOM   833  C CA  . PHE A 1 106 ? 3.119   14.274  -0.532  1.00 6.02  ? 106  PHE A CA  1 
ATOM   834  C C   . PHE A 1 106 ? 3.910   15.168  -1.471  1.00 5.34  ? 106  PHE A C   1 
ATOM   835  O O   . PHE A 1 106 ? 3.788   15.039  -2.702  1.00 6.46  ? 106  PHE A O   1 
ATOM   836  C CB  . PHE A 1 106 ? 3.741   12.879  -0.486  1.00 6.62  ? 106  PHE A CB  1 
ATOM   837  C CG  . PHE A 1 106 ? 5.059   12.732  0.233   1.00 6.52  ? 106  PHE A CG  1 
ATOM   838  C CD1 . PHE A 1 106 ? 5.490   13.531  1.253   1.00 8.28  ? 106  PHE A CD1 1 
ATOM   839  C CD2 . PHE A 1 106 ? 5.852   11.646  -0.115  1.00 8.27  ? 106  PHE A CD2 1 
ATOM   840  C CE1 . PHE A 1 106 ? 6.756   13.220  1.926   1.00 9.04  ? 106  PHE A CE1 1 
ATOM   841  C CE2 . PHE A 1 106 ? 7.040   11.373  0.552   1.00 8.83  ? 106  PHE A CE2 1 
ATOM   842  C CZ  . PHE A 1 106 ? 7.466   12.142  1.541   1.00 7.27  ? 106  PHE A CZ  1 
ATOM   843  N N   . ASP A 1 107 ? 4.696   16.104  -0.933  1.00 5.64  ? 107  ASP A N   1 
ATOM   844  C CA  . ASP A 1 107 ? 5.449   17.052  -1.758  1.00 4.99  ? 107  ASP A CA  1 
ATOM   845  C C   . ASP A 1 107 ? 6.807   16.533  -2.288  1.00 4.64  ? 107  ASP A C   1 
ATOM   846  O O   . ASP A 1 107 ? 7.500   17.260  -3.024  1.00 6.39  ? 107  ASP A O   1 
ATOM   847  C CB  . ASP A 1 107 ? 5.561   18.444  -1.063  1.00 4.23  ? 107  ASP A CB  1 
ATOM   848  C CG  A ASP A 1 107 ? 6.785   18.536  -0.117  0.50 2.56  ? 107  ASP A CG  1 
ATOM   849  C CG  B ASP A 1 107 ? 4.225   19.167  -1.070  0.50 7.88  ? 107  ASP A CG  1 
ATOM   850  O OD1 A ASP A 1 107 ? 7.072   17.521  0.532   0.50 2.21  ? 107  ASP A OD1 1 
ATOM   851  O OD1 B ASP A 1 107 ? 3.231   18.647  -1.621  0.50 11.34 ? 107  ASP A OD1 1 
ATOM   852  O OD2 A ASP A 1 107 ? 7.431   19.580  0.129   0.50 7.62  ? 107  ASP A OD2 1 
ATOM   853  O OD2 B ASP A 1 107 ? 4.080   20.242  -0.479  0.50 14.61 ? 107  ASP A OD2 1 
ATOM   854  N N   . LEU A 1 108 ? 7.201   15.319  -1.895  1.00 4.39  ? 108  LEU A N   1 
ATOM   855  C CA  . LEU A 1 108 ? 8.417   14.635  -2.398  1.00 4.97  ? 108  LEU A CA  1 
ATOM   856  C C   . LEU A 1 108 ? 8.061   13.409  -3.229  1.00 3.86  ? 108  LEU A C   1 
ATOM   857  O O   . LEU A 1 108 ? 6.982   12.818  -3.050  1.00 5.39  ? 108  LEU A O   1 
ATOM   858  C CB  . LEU A 1 108 ? 9.283   14.143  -1.224  1.00 3.94  ? 108  LEU A CB  1 
ATOM   859  C CG  . LEU A 1 108 ? 9.728   15.223  -0.228  1.00 5.46  ? 108  LEU A CG  1 
ATOM   860  C CD1 . LEU A 1 108 ? 10.685  14.566  0.823   1.00 6.24  ? 108  LEU A CD1 1 
ATOM   861  C CD2 . LEU A 1 108 ? 10.388  16.406  -0.932  1.00 6.79  ? 108  LEU A CD2 1 
ATOM   862  N N   . PRO A 1 109 ? 8.992   12.938  -4.067  1.00 3.50  ? 109  PRO A N   1 
ATOM   863  C CA  . PRO A 1 109 ? 8.809   11.596  -4.640  1.00 4.62  ? 109  PRO A CA  1 
ATOM   864  C C   . PRO A 1 109 ? 8.748   10.533  -3.526  1.00 5.02  ? 109  PRO A C   1 
ATOM   865  O O   . PRO A 1 109 ? 9.303   10.730  -2.451  1.00 5.34  ? 109  PRO A O   1 
ATOM   866  C CB  . PRO A 1 109 ? 10.040  11.432  -5.550  1.00 5.16  ? 109  PRO A CB  1 
ATOM   867  C CG  . PRO A 1 109 ? 10.634  12.860  -5.749  1.00 4.12  ? 109  PRO A CG  1 
ATOM   868  C CD  . PRO A 1 109 ? 10.298  13.517  -4.447  1.00 4.65  ? 109  PRO A CD  1 
ATOM   869  N N   . PHE A 1 110 ? 8.129   9.400   -3.815  1.00 4.48  ? 110  PHE A N   1 
ATOM   870  C CA  . PHE A 1 110 ? 8.106   8.270   -2.856  1.00 4.80  ? 110  PHE A CA  1 
ATOM   871  C C   . PHE A 1 110 ? 8.554   6.941   -3.451  1.00 4.70  ? 110  PHE A C   1 
ATOM   872  O O   . PHE A 1 110 ? 8.191   6.570   -4.577  1.00 5.90  ? 110  PHE A O   1 
ATOM   873  C CB  . PHE A 1 110 ? 6.734   8.107   -2.181  1.00 4.70  ? 110  PHE A CB  1 
ATOM   874  C CG  . PHE A 1 110 ? 5.546   7.862   -3.109  1.00 5.77  ? 110  PHE A CG  1 
ATOM   875  C CD1 . PHE A 1 110 ? 4.913   8.933   -3.747  1.00 5.47  ? 110  PHE A CD1 1 
ATOM   876  C CD2 . PHE A 1 110 ? 5.025   6.579   -3.277  1.00 5.76  ? 110  PHE A CD2 1 
ATOM   877  C CE1 . PHE A 1 110 ? 3.780   8.719   -4.564  1.00 6.48  ? 110  PHE A CE1 1 
ATOM   878  C CE2 . PHE A 1 110 ? 3.943   6.374   -4.102  1.00 7.82  ? 110  PHE A CE2 1 
ATOM   879  C CZ  . PHE A 1 110 ? 3.312   7.439   -4.712  1.00 6.68  ? 110  PHE A CZ  1 
ATOM   880  N N   . ASP A 1 111 ? 9.365   6.218   -2.663  1.00 5.17  ? 111  ASP A N   1 
ATOM   881  C CA  . ASP A 1 111 ? 9.842   4.866   -2.980  1.00 5.58  ? 111  ASP A CA  1 
ATOM   882  C C   . ASP A 1 111 ? 9.427   3.824   -1.963  1.00 6.40  ? 111  ASP A C   1 
ATOM   883  O O   . ASP A 1 111 ? 9.850   2.689   -2.080  1.00 6.50  ? 111  ASP A O   1 
ATOM   884  C CB  . ASP A 1 111 ? 11.346  4.821   -3.252  1.00 6.05  ? 111  ASP A CB  1 
ATOM   885  C CG  . ASP A 1 111 ? 12.198  5.232   -2.089  1.00 7.38  ? 111  ASP A CG  1 
ATOM   886  O OD1 . ASP A 1 111 ? 11.686  5.793   -1.092  1.00 8.36  ? 111  ASP A OD1 1 
ATOM   887  O OD2 . ASP A 1 111 ? 13.452  5.063   -2.161  1.00 10.80 ? 111  ASP A OD2 1 
ATOM   888  N N   . ARG A 1 112 ? 8.591   4.186   -0.992  1.00 5.37  ? 112  ARG A N   1 
ATOM   889  C CA  . ARG A 1 112 ? 8.001   3.232   -0.028  1.00 5.47  ? 112  ARG A CA  1 
ATOM   890  C C   . ARG A 1 112 ? 6.495   3.428   0.046   1.00 5.72  ? 112  ARG A C   1 
ATOM   891  O O   . ARG A 1 112 ? 6.036   4.595   0.118   1.00 5.73  ? 112  ARG A O   1 
ATOM   892  C CB  . ARG A 1 112 ? 8.614   3.403   1.379   1.00 4.62  ? 112  ARG A CB  1 
ATOM   893  C CG  . ARG A 1 112 ? 10.085  3.093   1.480   1.00 4.55  ? 112  ARG A CG  1 
ATOM   894  C CD  . ARG A 1 112 ? 10.698  3.383   2.882   1.00 6.78  ? 112  ARG A CD  1 
ATOM   895  N NE  . ARG A 1 112 ? 10.077  2.562   3.912   1.00 8.60  ? 112  ARG A NE  1 
ATOM   896  C CZ  . ARG A 1 112 ? 10.456  2.515   5.194   1.00 7.89  ? 112  ARG A CZ  1 
ATOM   897  N NH1 . ARG A 1 112 ? 11.458  3.246   5.639   1.00 8.26  ? 112  ARG A NH1 1 
ATOM   898  N NH2 . ARG A 1 112 ? 9.814   1.687   6.014   1.00 8.35  ? 112  ARG A NH2 1 
ATOM   899  N N   . ILE A 1 113 ? 5.730   2.323   0.005   1.00 6.31  ? 113  ILE A N   1 
ATOM   900  C CA  . ILE A 1 113 ? 4.290   2.297   0.205   1.00 5.98  ? 113  ILE A CA  1 
ATOM   901  C C   . ILE A 1 113 ? 3.967   1.345   1.409   1.00 5.70  ? 113  ILE A C   1 
ATOM   902  O O   . ILE A 1 113 ? 4.369   0.163   1.400   1.00 5.61  ? 113  ILE A O   1 
ATOM   903  C CB  . ILE A 1 113 ? 3.562   1.801   -1.116  1.00 5.72  ? 113  ILE A CB  1 
ATOM   904  C CG1 . ILE A 1 113 ? 3.853   2.744   -2.295  1.00 6.70  ? 113  ILE A CG1 1 
ATOM   905  C CG2 . ILE A 1 113 ? 2.066   1.706   -0.876  1.00 7.00  ? 113  ILE A CG2 1 
ATOM   906  C CD1 . ILE A 1 113 ? 3.524   2.173   -3.698  1.00 10.13 ? 113  ILE A CD1 1 
ATOM   907  N N   . ASP A 1 114 ? 3.267   1.880   2.412   1.00 5.93  ? 114  ASP A N   1 
ATOM   908  C CA  . ASP A 1 114 ? 3.057   1.199   3.706   1.00 6.39  ? 114  ASP A CA  1 
ATOM   909  C C   . ASP A 1 114 ? 1.571   0.930   3.961   1.00 6.30  ? 114  ASP A C   1 
ATOM   910  O O   . ASP A 1 114 ? 0.720   1.816   3.732   1.00 6.42  ? 114  ASP A O   1 
ATOM   911  C CB  . ASP A 1 114 ? 3.549   2.054   4.896   1.00 6.00  ? 114  ASP A CB  1 
ATOM   912  C CG  . ASP A 1 114 ? 5.007   2.503   4.810   1.00 7.00  ? 114  ASP A CG  1 
ATOM   913  O OD1 . ASP A 1 114 ? 5.802   1.981   3.993   1.00 8.04  ? 114  ASP A OD1 1 
ATOM   914  O OD2 . ASP A 1 114 ? 5.407   3.434   5.597   1.00 9.63  ? 114  ASP A OD2 1 
ATOM   915  N N   . PHE A 1 115 ? 1.278   -0.277  4.451   1.00 6.78  ? 115  PHE A N   1 
ATOM   916  C CA  . PHE A 1 115 ? -0.066  -0.657  4.947   1.00 5.59  ? 115  PHE A CA  1 
ATOM   917  C C   . PHE A 1 115 ? 0.111   -1.125  6.397   1.00 5.52  ? 115  PHE A C   1 
ATOM   918  O O   . PHE A 1 115 ? 0.748   -2.160  6.641   1.00 6.00  ? 115  PHE A O   1 
ATOM   919  C CB  . PHE A 1 115 ? -0.646  -1.798  4.095   1.00 5.79  ? 115  PHE A CB  1 
ATOM   920  C CG  . PHE A 1 115 ? -0.841  -1.469  2.622   1.00 7.30  ? 115  PHE A CG  1 
ATOM   921  C CD1 . PHE A 1 115 ? 0.210   -1.567  1.726   1.00 10.78 ? 115  PHE A CD1 1 
ATOM   922  C CD2 . PHE A 1 115 ? -2.081  -1.120  2.159   1.00 10.58 ? 115  PHE A CD2 1 
ATOM   923  C CE1 . PHE A 1 115 ? 0.011   -1.270  0.356   1.00 11.22 ? 115  PHE A CE1 1 
ATOM   924  C CE2 . PHE A 1 115 ? -2.289  -0.816  0.799   1.00 11.42 ? 115  PHE A CE2 1 
ATOM   925  C CZ  . PHE A 1 115 ? -1.236  -0.910  -0.092  1.00 10.13 ? 115  PHE A CZ  1 
ATOM   926  N N   . GLN A 1 116 ? -0.430  -0.381  7.357   1.00 5.34  ? 116  GLN A N   1 
ATOM   927  C CA  . GLN A 1 116 ? -0.110  -0.525  8.785   1.00 5.21  ? 116  GLN A CA  1 
ATOM   928  C C   . GLN A 1 116 ? -1.365  -0.866  9.659   1.00 5.36  ? 116  GLN A C   1 
ATOM   929  O O   . GLN A 1 116 ? -2.463  -0.257  9.500   1.00 5.98  ? 116  GLN A O   1 
ATOM   930  C CB  . GLN A 1 116 ? 0.525   0.766   9.337   1.00 5.79  ? 116  GLN A CB  1 
ATOM   931  C CG  . GLN A 1 116 ? 0.842   0.712   10.858  1.00 5.76  ? 116  GLN A CG  1 
ATOM   932  C CD  . GLN A 1 116 ? 1.641   1.910   11.367  1.00 6.57  ? 116  GLN A CD  1 
ATOM   933  O OE1 . GLN A 1 116 ? 1.446   3.046   10.867  1.00 6.24  ? 116  GLN A OE1 1 
ATOM   934  N NE2 . GLN A 1 116 ? 2.562   1.678   12.294  1.00 4.55  ? 116  GLN A NE2 1 
ATOM   935  N N   . ASP A 1 117 ? -1.171  -1.765  10.636  1.00 4.71  ? 117  ASP A N   1 
ATOM   936  C CA  . ASP A 1 117 ? -2.128  -2.061  11.716  1.00 4.95  ? 117  ASP A CA  1 
ATOM   937  C C   . ASP A 1 117 ? -2.160  -0.932  12.740  1.00 5.19  ? 117  ASP A C   1 
ATOM   938  O O   . ASP A 1 117 ? -1.528  -0.981  13.781  1.00 6.56  ? 117  ASP A O   1 
ATOM   939  C CB  . ASP A 1 117 ? -1.724  -3.385  12.366  1.00 4.79  ? 117  ASP A CB  1 
ATOM   940  C CG  . ASP A 1 117 ? -2.644  -3.812  13.498  1.00 6.03  ? 117  ASP A CG  1 
ATOM   941  O OD1 . ASP A 1 117 ? -3.878  -3.478  13.452  1.00 7.67  ? 117  ASP A OD1 1 
ATOM   942  O OD2 . ASP A 1 117 ? -2.236  -4.534  14.439  1.00 6.15  ? 117  ASP A OD2 1 
ATOM   943  N N   . ALA A 1 118 ? -2.932  0.097   12.445  1.00 6.54  ? 118  ALA A N   1 
ATOM   944  C CA  . ALA A 1 118 ? -2.938  1.323   13.232  1.00 6.77  ? 118  ALA A CA  1 
ATOM   945  C C   . ALA A 1 118 ? -3.339  1.157   14.704  1.00 4.89  ? 118  ALA A C   1 
ATOM   946  O O   . ALA A 1 118 ? -2.772  1.825   15.559  1.00 5.56  ? 118  ALA A O   1 
ATOM   947  C CB  . ALA A 1 118 ? -3.850  2.376   12.554  1.00 7.38  ? 118  ALA A CB  1 
ATOM   948  N N   . PRO A 1 119 ? -4.354  0.339   15.027  1.00 5.65  ? 119  PRO A N   1 
ATOM   949  C CA  . PRO A 1 119 ? -4.710  0.135   16.443  1.00 5.93  ? 119  PRO A CA  1 
ATOM   950  C C   . PRO A 1 119 ? -3.712  -0.699  17.239  1.00 5.68  ? 119  PRO A C   1 
ATOM   951  O O   . PRO A 1 119 ? -3.756  -0.627  18.475  1.00 5.37  ? 119  PRO A O   1 
ATOM   952  C CB  . PRO A 1 119 ? -6.057  -0.592  16.379  1.00 7.35  ? 119  PRO A CB  1 
ATOM   953  C CG  . PRO A 1 119 ? -6.543  -0.419  14.950  1.00 7.29  ? 119  PRO A CG  1 
ATOM   954  C CD  . PRO A 1 119 ? -5.297  -0.325  14.116  1.00 6.81  ? 119  PRO A CD  1 
ATOM   955  N N   . GLY A 1 120 ? -2.879  -1.493  16.543  1.00 5.15  ? 120  GLY A N   1 
ATOM   956  C CA  . GLY A 1 120 ? -1.879  -2.319  17.213  1.00 4.92  ? 120  GLY A CA  1 
ATOM   957  C C   . GLY A 1 120 ? -2.455  -3.512  17.976  1.00 4.99  ? 120  GLY A C   1 
ATOM   958  O O   . GLY A 1 120 ? -1.804  -4.028  18.896  1.00 5.95  ? 120  GLY A O   1 
ATOM   959  N N   . ASN A 1 121 ? -3.668  -3.938  17.633  1.00 5.93  ? 121  ASN A N   1 
ATOM   960  C CA  . ASN A 1 121 ? -4.288  -5.125  18.244  1.00 6.51  ? 121  ASN A CA  1 
ATOM   961  C C   . ASN A 1 121 ? -4.023  -6.470  17.547  1.00 6.49  ? 121  ASN A C   1 
ATOM   962  O O   . ASN A 1 121 ? -4.429  -7.534  18.067  1.00 6.91  ? 121  ASN A O   1 
ATOM   963  C CB  . ASN A 1 121 ? -5.801  -4.915  18.444  1.00 7.93  ? 121  ASN A CB  1 
ATOM   964  C CG  . ASN A 1 121 ? -6.105  -3.739  19.368  1.00 9.19  ? 121  ASN A CG  1 
ATOM   965  O OD1 . ASN A 1 121 ? -5.449  -3.556  20.393  1.00 11.79 ? 121  ASN A OD1 1 
ATOM   966  N ND2 . ASN A 1 121 ? -7.092  -2.930  18.987  1.00 10.43 ? 121  ASN A ND2 1 
ATOM   967  N N   . GLY A 1 122 ? -3.320  -6.460  16.409  1.00 5.63  ? 122  GLY A N   1 
ATOM   968  C CA  . GLY A 1 122 ? -3.037  -7.691  15.671  1.00 6.88  ? 122  GLY A CA  1 
ATOM   969  C C   . GLY A 1 122 ? -4.035  -8.098  14.596  1.00 6.81  ? 122  GLY A C   1 
ATOM   970  O O   . GLY A 1 122 ? -4.043  -9.260  14.154  1.00 8.46  ? 122  GLY A O   1 
ATOM   971  N N   . ASP A 1 123 ? -4.854  -7.154  14.144  1.00 6.84  ? 123  ASP A N   1 
ATOM   972  C CA  . ASP A 1 123 ? -5.853  -7.377  13.090  1.00 7.04  ? 123  ASP A CA  1 
ATOM   973  C C   . ASP A 1 123 ? -5.151  -7.611  11.703  1.00 6.57  ? 123  ASP A C   1 
ATOM   974  O O   . ASP A 1 123 ? -4.231  -6.869  11.330  1.00 6.99  ? 123  ASP A O   1 
ATOM   975  C CB  . ASP A 1 123 ? -6.788  -6.159  13.018  1.00 7.21  ? 123  ASP A CB  1 
ATOM   976  C CG  . ASP A 1 123 ? -7.718  -6.033  14.208  1.00 8.28  ? 123  ASP A CG  1 
ATOM   977  O OD1 . ASP A 1 123 ? -8.228  -7.047  14.718  1.00 11.91 ? 123  ASP A OD1 1 
ATOM   978  O OD2 . ASP A 1 123 ? -7.962  -4.913  14.719  1.00 13.14 ? 123  ASP A OD2 1 
ATOM   979  N N   . ARG A 1 124 ? -5.589  -8.654  10.982  1.00 7.26  ? 124  ARG A N   1 
ATOM   980  C CA  . ARG A 1 124 ? -5.010  -9.012  9.674   1.00 7.79  ? 124  ARG A CA  1 
ATOM   981  C C   . ARG A 1 124 ? -5.508  -8.127  8.539   1.00 7.09  ? 124  ARG A C   1 
ATOM   982  O O   . ARG A 1 124 ? -6.602  -7.512  8.623   1.00 6.93  ? 124  ARG A O   1 
ATOM   983  C CB  . ARG A 1 124 ? -5.270  -10.478 9.345   1.00 8.24  ? 124  ARG A CB  1 
ATOM   984  C CG  . ARG A 1 124 ? -4.536  -11.461 10.300  1.00 11.12 ? 124  ARG A CG  1 
ATOM   985  C CD  . ARG A 1 124 ? -4.827  -12.927 10.026  1.00 13.74 ? 124  ARG A CD  1 
ATOM   986  N NE  . ARG A 1 124 ? -6.249  -13.189 10.238  1.00 12.92 ? 124  ARG A NE  1 
ATOM   987  C CZ  . ARG A 1 124 ? -6.892  -14.272 9.852   1.00 15.87 ? 124  ARG A CZ  1 
ATOM   988  N NH1 . ARG A 1 124 ? -6.260  -15.239 9.208   1.00 14.81 ? 124  ARG A NH1 1 
ATOM   989  N NH2 . ARG A 1 124 ? -8.191  -14.379 10.094  1.00 16.31 ? 124  ARG A NH2 1 
ATOM   990  N N   . ILE A 1 125 ? -4.699  -8.072  7.482   1.00 5.93  ? 125  ILE A N   1 
ATOM   991  C CA  . ILE A 1 125 ? -4.945  -7.224  6.318   1.00 6.32  ? 125  ILE A CA  1 
ATOM   992  C C   . ILE A 1 125 ? -4.689  -8.052  5.038   1.00 6.74  ? 125  ILE A C   1 
ATOM   993  O O   . ILE A 1 125 ? -3.674  -8.765  4.938   1.00 5.69  ? 125  ILE A O   1 
ATOM   994  C CB  . ILE A 1 125 ? -3.990  -5.968  6.305   1.00 6.30  ? 125  ILE A CB  1 
ATOM   995  C CG1 . ILE A 1 125 ? -4.001  -5.189  7.628   1.00 7.43  ? 125  ILE A CG1 1 
ATOM   996  C CG2 . ILE A 1 125 ? -4.302  -5.052  5.066   1.00 6.69  ? 125  ILE A CG2 1 
ATOM   997  C CD1 . ILE A 1 125 ? -2.848  -4.214  7.787   1.00 8.88  ? 125  ILE A CD1 1 
ATOM   998  N N   . TRP A 1 126 ? -5.598  -7.958  4.070   1.00 5.32  ? 126  TRP A N   1 
ATOM   999  C CA  . TRP A 1 126 ? -5.511  -8.683  2.786   1.00 4.62  ? 126  TRP A CA  1 
ATOM   1000 C C   . TRP A 1 126 ? -5.508  -7.673  1.647   1.00 5.52  ? 126  TRP A C   1 
ATOM   1001 O O   . TRP A 1 126 ? -6.387  -6.822  1.615   1.00 5.91  ? 126  TRP A O   1 
ATOM   1002 C CB  . TRP A 1 126 ? -6.724  -9.582  2.591   1.00 4.62  ? 126  TRP A CB  1 
ATOM   1003 C CG  . TRP A 1 126 ? -6.881  -10.804 3.469   1.00 5.33  ? 126  TRP A CG  1 
ATOM   1004 C CD1 . TRP A 1 126 ? -6.707  -12.112 3.085   1.00 6.01  ? 126  TRP A CD1 1 
ATOM   1005 C CD2 . TRP A 1 126 ? -7.364  -10.855 4.809   1.00 4.42  ? 126  TRP A CD2 1 
ATOM   1006 N NE1 . TRP A 1 126 ? -7.016  -12.968 4.112   1.00 8.33  ? 126  TRP A NE1 1 
ATOM   1007 C CE2 . TRP A 1 126 ? -7.406  -12.226 5.195   1.00 6.80  ? 126  TRP A CE2 1 
ATOM   1008 C CE3 . TRP A 1 126 ? -7.743  -9.884  5.754   1.00 5.10  ? 126  TRP A CE3 1 
ATOM   1009 C CZ2 . TRP A 1 126 ? -7.838  -12.647 6.446   1.00 7.70  ? 126  TRP A CZ2 1 
ATOM   1010 C CZ3 . TRP A 1 126 ? -8.178  -10.303 7.016   1.00 7.89  ? 126  TRP A CZ3 1 
ATOM   1011 C CH2 . TRP A 1 126 ? -8.226  -11.685 7.353   1.00 5.98  ? 126  TRP A CH2 1 
ATOM   1012 N N   . ILE A 1 127 ? -4.508  -7.732  0.757   1.00 5.89  ? 127  ILE A N   1 
ATOM   1013 C CA  . ILE A 1 127 ? -4.360  -6.788  -0.380  1.00 6.34  ? 127  ILE A CA  1 
ATOM   1014 C C   . ILE A 1 127 ? -4.267  -7.503  -1.724  1.00 7.13  ? 127  ILE A C   1 
ATOM   1015 O O   . ILE A 1 127 ? -3.507  -8.473  -1.866  1.00 5.02  ? 127  ILE A O   1 
ATOM   1016 C CB  . ILE A 1 127 ? -3.101  -5.883  -0.234  1.00 7.60  ? 127  ILE A CB  1 
ATOM   1017 C CG1 . ILE A 1 127 ? -3.089  -5.238  1.162   1.00 9.07  ? 127  ILE A CG1 1 
ATOM   1018 C CG2 . ILE A 1 127 ? -3.079  -4.838  -1.362  1.00 8.05  ? 127  ILE A CG2 1 
ATOM   1019 C CD1 . ILE A 1 127 ? -1.799  -4.626  1.507   1.00 16.13 ? 127  ILE A CD1 1 
ATOM   1020 N N   . LYS A 1 128 ? -5.016  -6.998  -2.713  1.00 6.98  ? 128  LYS A N   1 
ATOM   1021 C CA  . LYS A 1 128 ? -4.944  -7.447  -4.113  1.00 7.15  ? 128  LYS A CA  1 
ATOM   1022 C C   . LYS A 1 128 ? -4.865  -6.227  -5.077  1.00 5.77  ? 128  LYS A C   1 
ATOM   1023 O O   . LYS A 1 128 ? -5.296  -5.118  -4.715  1.00 5.08  ? 128  LYS A O   1 
ATOM   1024 C CB  . LYS A 1 128 ? -6.186  -8.305  -4.507  1.00 7.37  ? 128  LYS A CB  1 
ATOM   1025 C CG  . LYS A 1 128 ? -6.373  -9.659  -3.813  1.00 11.49 ? 128  LYS A CG  1 
ATOM   1026 C CD  . LYS A 1 128 ? -7.530  -10.447 -4.421  1.00 14.85 ? 128  LYS A CD  1 
ATOM   1027 C CE  . LYS A 1 128 ? -7.374  -11.952 -4.147  1.00 19.15 ? 128  LYS A CE  1 
ATOM   1028 N NZ  . LYS A 1 128 ? -8.489  -12.802 -4.661  1.00 19.86 ? 128  LYS A NZ  1 
ATOM   1029 N N   . ASN A 1 129 ? -4.380  -6.435  -6.307  1.00 5.25  ? 129  ASN A N   1 
ATOM   1030 C CA  . ASN A 1 129 ? -4.633  -5.484  -7.396  1.00 5.60  ? 129  ASN A CA  1 
ATOM   1031 C C   . ASN A 1 129 ? -4.141  -4.049  -7.082  1.00 5.34  ? 129  ASN A C   1 
ATOM   1032 O O   . ASN A 1 129 ? -4.897  -3.055  -7.234  1.00 5.53  ? 129  ASN A O   1 
ATOM   1033 C CB  . ASN A 1 129 ? -6.142  -5.472  -7.747  1.00 5.07  ? 129  ASN A CB  1 
ATOM   1034 C CG  . ASN A 1 129 ? -6.622  -6.800  -8.314  1.00 6.52  ? 129  ASN A CG  1 
ATOM   1035 O OD1 . ASN A 1 129 ? -5.887  -7.470  -9.062  1.00 7.98  ? 129  ASN A OD1 1 
ATOM   1036 N ND2 . ASN A 1 129 ? -7.862  -7.174  -7.988  1.00 8.56  ? 129  ASN A ND2 1 
ATOM   1037 N N   . LEU A 1 130 ? -2.878  -3.934  -6.670  1.00 4.15  ? 130  LEU A N   1 
ATOM   1038 C CA  . LEU A 1 130 ? -2.212  -2.672  -6.353  1.00 4.33  ? 130  LEU A CA  1 
ATOM   1039 C C   . LEU A 1 130 ? -1.584  -2.003  -7.603  1.00 4.80  ? 130  LEU A C   1 
ATOM   1040 O O   . LEU A 1 130 ? -0.728  -2.605  -8.271  1.00 4.51  ? 130  LEU A O   1 
ATOM   1041 C CB  . LEU A 1 130 ? -1.128  -2.875  -5.263  1.00 4.09  ? 130  LEU A CB  1 
ATOM   1042 C CG  . LEU A 1 130 ? -0.335  -1.622  -4.894  1.00 4.63  ? 130  LEU A CG  1 
ATOM   1043 C CD1 . LEU A 1 130 ? -1.218  -0.477  -4.295  1.00 6.27  ? 130  LEU A CD1 1 
ATOM   1044 C CD2 . LEU A 1 130 ? 0.802   -1.941  -3.939  1.00 7.04  ? 130  LEU A CD2 1 
ATOM   1045 N N   . VAL A 1 131 ? -2.064  -0.790  -7.927  1.00 4.99  ? 131  VAL A N   1 
ATOM   1046 C CA  . VAL A 1 131 ? -1.655  -0.030  -9.121  1.00 6.10  ? 131  VAL A CA  1 
ATOM   1047 C C   . VAL A 1 131 ? -1.445  1.444   -8.797  1.00 6.29  ? 131  VAL A C   1 
ATOM   1048 O O   . VAL A 1 131 ? -2.251  2.041   -8.064  1.00 8.37  ? 131  VAL A O   1 
ATOM   1049 C CB  . VAL A 1 131 ? -2.748  -0.101  -10.202 1.00 6.01  ? 131  VAL A CB  1 
ATOM   1050 C CG1 . VAL A 1 131 ? -2.336  0.619   -11.512 1.00 6.46  ? 131  VAL A CG1 1 
ATOM   1051 C CG2 . VAL A 1 131 ? -3.174  -1.553  -10.494 1.00 5.12  ? 131  VAL A CG2 1 
ATOM   1052 N N   . HIS A 1 132 ? -0.367  2.038   -9.309  1.00 4.90  ? 132  HIS A N   1 
ATOM   1053 C CA  . HIS A 1 132 ? -0.148  3.498   -9.229  1.00 5.24  ? 132  HIS A CA  1 
ATOM   1054 C C   . HIS A 1 132 ? -0.507  4.162   -10.542 1.00 4.68  ? 132  HIS A C   1 
ATOM   1055 O O   . HIS A 1 132 ? -0.210  3.641   -11.609 1.00 5.74  ? 132  HIS A O   1 
ATOM   1056 C CB  . HIS A 1 132 ? 1.306   3.857   -8.865  1.00 5.68  ? 132  HIS A CB  1 
ATOM   1057 C CG  . HIS A 1 132 ? 1.575   5.340   -8.865  1.00 5.92  ? 132  HIS A CG  1 
ATOM   1058 N ND1 . HIS A 1 132 ? 2.131   5.997   -9.950  1.00 5.22  ? 132  HIS A ND1 1 
ATOM   1059 C CD2 . HIS A 1 132 ? 1.370   6.281   -7.908  1.00 5.76  ? 132  HIS A CD2 1 
ATOM   1060 C CE1 . HIS A 1 132 ? 2.243   7.282   -9.653  1.00 6.26  ? 132  HIS A CE1 1 
ATOM   1061 N NE2 . HIS A 1 132 ? 1.790   7.487   -8.425  1.00 6.46  ? 132  HIS A NE2 1 
ATOM   1062 N N   . SER A 1 133 ? -1.186  5.306   -10.491 1.00 4.24  ? 133  SER A N   1 
ATOM   1063 C CA  . SER A 1 133 ? -1.377  6.187   -11.648 1.00 4.35  ? 133  SER A CA  1 
ATOM   1064 C C   . SER A 1 133 ? -0.669  7.529   -11.428 1.00 4.17  ? 133  SER A C   1 
ATOM   1065 O O   . SER A 1 133 ? -0.708  8.083   -10.344 1.00 4.98  ? 133  SER A O   1 
ATOM   1066 C CB  . SER A 1 133 ? -2.863  6.444   -11.872 1.00 4.45  ? 133  SER A CB  1 
ATOM   1067 O OG  . SER A 1 133 ? -3.050  7.450   -12.859 1.00 4.10  ? 133  SER A OG  1 
ATOM   1068 N N   . THR A 1 134 ? -0.063  8.083   -12.473 1.00 4.57  ? 134  THR A N   1 
ATOM   1069 C CA  . THR A 1 134 ? 0.454   9.470   -12.445 1.00 5.17  ? 134  THR A CA  1 
ATOM   1070 C C   . THR A 1 134 ? -0.620  10.541  -12.357 1.00 4.75  ? 134  THR A C   1 
ATOM   1071 O O   . THR A 1 134 ? -0.325  11.699  -11.995 1.00 6.14  ? 134  THR A O   1 
ATOM   1072 C CB  . THR A 1 134 ? 1.344   9.762   -13.668 1.00 4.59  ? 134  THR A CB  1 
ATOM   1073 O OG1 . THR A 1 134 ? 0.601   9.524   -14.882 1.00 5.10  ? 134  THR A OG1 1 
ATOM   1074 C CG2 . THR A 1 134 ? 2.553   8.809   -13.703 1.00 7.11  ? 134  THR A CG2 1 
ATOM   1075 N N   . GLY A 1 135 ? -1.863  10.174  -12.666 1.00 4.94  ? 135  GLY A N   1 
ATOM   1076 C CA  . GLY A 1 135 ? -3.001  11.099  -12.637 1.00 4.27  ? 135  GLY A CA  1 
ATOM   1077 C C   . GLY A 1 135 ? -3.805  11.030  -11.346 1.00 4.59  ? 135  GLY A C   1 
ATOM   1078 O O   . GLY A 1 135 ? -3.498  10.239  -10.457 1.00 4.25  ? 135  GLY A O   1 
ATOM   1079 N N   . SER A 1 136 ? -4.845  11.889  -11.253 1.00 4.92  ? 136  SER A N   1 
ATOM   1080 C CA  . SER A 1 136 ? -5.681  11.972  -10.065 1.00 5.31  ? 136  SER A CA  1 
ATOM   1081 C C   . SER A 1 136 ? -6.621  10.771  -9.901  1.00 6.13  ? 136  SER A C   1 
ATOM   1082 O O   . SER A 1 136 ? -6.942  10.058  -10.864 1.00 4.54  ? 136  SER A O   1 
ATOM   1083 C CB  . SER A 1 136 ? -6.538  13.252  -10.080 1.00 6.11  ? 136  SER A CB  1 
ATOM   1084 O OG  . SER A 1 136 ? -7.556  13.127  -11.055 1.00 8.10  ? 136  SER A OG  1 
ATOM   1085 N N   . ALA A 1 137 ? -7.119  10.608  -8.678  1.00 5.53  ? 137  ALA A N   1 
ATOM   1086 C CA  . ALA A 1 137 ? -8.050  9.556   -8.340  1.00 6.37  ? 137  ALA A CA  1 
ATOM   1087 C C   . ALA A 1 137 ? -9.354  9.693   -9.119  1.00 6.99  ? 137  ALA A C   1 
ATOM   1088 O O   . ALA A 1 137 ? -9.934  8.708   -9.490  1.00 7.37  ? 137  ALA A O   1 
ATOM   1089 C CB  . ALA A 1 137 ? -8.339  9.570   -6.821  1.00 6.87  ? 137  ALA A CB  1 
ATOM   1090 N N   . ASP A 1 138 ? -9.793  10.936  -9.338  1.00 6.75  ? 138  ASP A N   1 
ATOM   1091 C CA  . ASP A 1 138 ? -11.053 11.199  -10.042 1.00 8.64  ? 138  ASP A CA  1 
ATOM   1092 C C   . ASP A 1 138 ? -10.975 10.902  -11.539 1.00 7.86  ? 138  ASP A C   1 
ATOM   1093 O O   . ASP A 1 138 ? -12.015 10.651  -12.161 1.00 8.74  ? 138  ASP A O   1 
ATOM   1094 C CB  . ASP A 1 138 ? -11.477 12.647  -9.839  1.00 9.72  ? 138  ASP A CB  1 
ATOM   1095 C CG  . ASP A 1 138 ? -12.361 12.803  -8.656  1.00 15.88 ? 138  ASP A CG  1 
ATOM   1096 O OD1 . ASP A 1 138 ? -12.110 12.138  -7.637  1.00 23.41 ? 138  ASP A OD1 1 
ATOM   1097 O OD2 . ASP A 1 138 ? -13.352 13.558  -8.661  1.00 25.43 ? 138  ASP A OD2 1 
ATOM   1098 N N   . ASP A 1 139 ? -9.755  10.909  -12.093 1.00 6.77  ? 139  ASP A N   1 
ATOM   1099 C CA  . ASP A 1 139 ? -9.503  10.585  -13.508 1.00 6.48  ? 139  ASP A CA  1 
ATOM   1100 C C   . ASP A 1 139 ? -9.040  9.134   -13.739 1.00 5.39  ? 139  ASP A C   1 
ATOM   1101 O O   . ASP A 1 139 ? -8.777  8.748   -14.890 1.00 6.80  ? 139  ASP A O   1 
ATOM   1102 C CB  . ASP A 1 139 ? -8.450  11.539  -14.087 1.00 5.87  ? 139  ASP A CB  1 
ATOM   1103 C CG  . ASP A 1 139 ? -8.928  12.991  -14.160 1.00 9.56  ? 139  ASP A CG  1 
ATOM   1104 O OD1 . ASP A 1 139 ? -10.156 13.248  -14.206 1.00 10.57 ? 139  ASP A OD1 1 
ATOM   1105 O OD2 . ASP A 1 139 ? -8.100  13.937  -14.199 1.00 13.57 ? 139  ASP A OD2 1 
ATOM   1106 N N   . PHE A 1 140 ? -8.924  8.333   -12.682 1.00 6.03  ? 140  PHE A N   1 
ATOM   1107 C CA  . PHE A 1 140 ? -8.378  6.969   -12.771 1.00 5.61  ? 140  PHE A CA  1 
ATOM   1108 C C   . PHE A 1 140 ? -9.341  6.026   -13.506 1.00 5.88  ? 140  PHE A C   1 
ATOM   1109 O O   . PHE A 1 140 ? -10.488 5.873   -13.113 1.00 5.59  ? 140  PHE A O   1 
ATOM   1110 C CB  . PHE A 1 140 ? -8.106  6.465   -11.343 1.00 5.68  ? 140  PHE A CB  1 
ATOM   1111 C CG  . PHE A 1 140 ? -7.249  5.199   -11.254 1.00 5.64  ? 140  PHE A CG  1 
ATOM   1112 C CD1 . PHE A 1 140 ? -7.782  3.959   -11.595 1.00 6.44  ? 140  PHE A CD1 1 
ATOM   1113 C CD2 . PHE A 1 140 ? -5.948  5.243   -10.776 1.00 5.89  ? 140  PHE A CD2 1 
ATOM   1114 C CE1 . PHE A 1 140 ? -7.017  2.810   -11.453 1.00 5.10  ? 140  PHE A CE1 1 
ATOM   1115 C CE2 . PHE A 1 140 ? -5.187  4.054   -10.643 1.00 4.60  ? 140  PHE A CE2 1 
ATOM   1116 C CZ  . PHE A 1 140 ? -5.749  2.864   -11.013 1.00 5.31  ? 140  PHE A CZ  1 
ATOM   1117 N N   . VAL A 1 141 ? -8.889  5.438   -14.610 1.00 5.55  ? 141  VAL A N   1 
ATOM   1118 C CA  . VAL A 1 141 ? -9.680  4.460   -15.359 1.00 7.34  ? 141  VAL A CA  1 
ATOM   1119 C C   . VAL A 1 141 ? -8.934  3.131   -15.293 1.00 9.05  ? 141  VAL A C   1 
ATOM   1120 O O   . VAL A 1 141 ? -7.828  3.010   -15.804 1.00 9.43  ? 141  VAL A O   1 
ATOM   1121 C CB  . VAL A 1 141 ? -9.894  4.911   -16.816 1.00 5.58  ? 141  VAL A CB  1 
ATOM   1122 C CG1 . VAL A 1 141 ? -10.691 3.854   -17.636 1.00 7.41  ? 141  VAL A CG1 1 
ATOM   1123 C CG2 . VAL A 1 141 ? -10.636 6.249   -16.884 1.00 6.80  ? 141  VAL A CG2 1 
ATOM   1124 N N   . ASP A 1 142 ? -9.557  2.124   -14.686 1.00 12.81 ? 142  ASP A N   1 
ATOM   1125 C CA  . ASP A 1 142 ? -8.839  0.874   -14.361 1.00 15.00 ? 142  ASP A CA  1 
ATOM   1126 C C   . ASP A 1 142 ? -7.938  0.271   -15.460 1.00 15.61 ? 142  ASP A C   1 
ATOM   1127 O O   . ASP A 1 142 ? -8.263  0.299   -16.692 1.00 17.28 ? 142  ASP A O   1 
ATOM   1128 C CB  . ASP A 1 142 ? -9.820  -0.204  -13.849 1.00 16.42 ? 142  ASP A CB  1 
ATOM   1129 C CG  . ASP A 1 142 ? -9.478  -0.685  -12.459 1.00 15.98 ? 142  ASP A CG  1 
ATOM   1130 O OD1 . ASP A 1 142 ? -8.302  -0.692  -12.173 1.00 14.36 ? 142  ASP A OD1 1 
ATOM   1131 O OD2 . ASP A 1 142 ? -10.290 -1.032  -11.580 1.00 18.98 ? 142  ASP A OD2 1 
HETATM 1132 C C1  . BMA B 2 .   ? -3.976  5.713   21.088  1.00 28.69 ? 1    BMA B C1  1 
HETATM 1133 C C2  . BMA B 2 .   ? -2.496  5.986   21.310  1.00 27.38 ? 1    BMA B C2  1 
HETATM 1134 C C3  . BMA B 2 .   ? -1.861  6.174   19.932  1.00 25.69 ? 1    BMA B C3  1 
HETATM 1135 C C4  . BMA B 2 .   ? -2.178  4.984   18.999  1.00 23.15 ? 1    BMA B C4  1 
HETATM 1136 C C5  . BMA B 2 .   ? -3.650  4.581   19.048  1.00 26.45 ? 1    BMA B C5  1 
HETATM 1137 C C6  . BMA B 2 .   ? -3.881  3.242   18.357  1.00 27.15 ? 1    BMA B C6  1 
HETATM 1138 O O1  . BMA B 2 .   ? -4.643  5.590   22.316  1.00 31.52 ? 1    BMA B O1  1 
HETATM 1139 O O2  . BMA B 2 .   ? -1.910  4.887   21.987  1.00 29.91 ? 1    BMA B O2  1 
HETATM 1140 O O3  . BMA B 2 .   ? -0.467  6.375   20.050  1.00 27.24 ? 1    BMA B O3  1 
HETATM 1141 O O4  . BMA B 2 .   ? -1.925  5.329   17.639  1.00 17.00 ? 1    BMA B O4  1 
HETATM 1142 O O5  . BMA B 2 .   ? -4.140  4.496   20.369  1.00 27.12 ? 1    BMA B O5  1 
HETATM 1143 O O6  . BMA B 2 .   ? -5.281  2.932   18.400  1.00 30.89 ? 1    BMA B O6  1 
HETATM 1144 C C1  . BMA B 2 .   ? -0.837  4.593   17.038  1.00 12.84 ? 2    BMA B C1  1 
HETATM 1145 C C2  . BMA B 2 .   ? -0.820  4.812   15.522  1.00 12.53 ? 2    BMA B C2  1 
HETATM 1146 C C3  . BMA B 2 .   ? 0.344   4.067   14.870  1.00 10.57 ? 2    BMA B C3  1 
HETATM 1147 C C4  . BMA B 2 .   ? 1.643   4.423   15.576  1.00 10.59 ? 2    BMA B C4  1 
HETATM 1148 C C5  . BMA B 2 .   ? 1.457   4.127   17.062  1.00 12.09 ? 2    BMA B C5  1 
HETATM 1149 C C6  . BMA B 2 .   ? 2.736   4.326   17.861  1.00 15.99 ? 2    BMA B C6  1 
HETATM 1150 O O2  . BMA B 2 .   ? -0.761  6.192   15.224  1.00 14.41 ? 2    BMA B O2  1 
HETATM 1151 O O3  . BMA B 2 .   ? 0.430   4.335   13.492  1.00 13.17 ? 2    BMA B O3  1 
HETATM 1152 O O4  . BMA B 2 .   ? 2.724   3.581   15.182  1.00 10.68 ? 2    BMA B O4  1 
HETATM 1153 O O5  . BMA B 2 .   ? 0.417   4.944   17.564  1.00 12.57 ? 2    BMA B O5  1 
HETATM 1154 O O6  . BMA B 2 .   ? 3.116   5.671   17.775  1.00 18.04 ? 2    BMA B O6  1 
HETATM 1155 C C1  . BMA B 2 .   ? 3.852   4.203   14.547  1.00 10.76 ? 3    BMA B C1  1 
HETATM 1156 C C2  . BMA B 2 .   ? 5.091   3.338   14.749  1.00 9.98  ? 3    BMA B C2  1 
HETATM 1157 C C3  . BMA B 2 .   ? 6.284   4.009   14.068  1.00 10.02 ? 3    BMA B C3  1 
HETATM 1158 C C4  . BMA B 2 .   ? 5.941   4.176   12.571  1.00 10.23 ? 3    BMA B C4  1 
HETATM 1159 C C5  . BMA B 2 .   ? 4.645   4.988   12.469  1.00 9.06  ? 3    BMA B C5  1 
HETATM 1160 C C6  . BMA B 2 .   ? 4.166   5.252   11.056  1.00 8.76  ? 3    BMA B C6  1 
HETATM 1161 O O2  . BMA B 2 .   ? 4.850   2.035   14.222  1.00 10.30 ? 3    BMA B O2  1 
HETATM 1162 O O3  . BMA B 2 .   ? 7.468   3.245   14.233  1.00 11.20 ? 3    BMA B O3  1 
HETATM 1163 O O4  . BMA B 2 .   ? 6.960   4.882   11.858  1.00 8.41  ? 3    BMA B O4  1 
HETATM 1164 O O5  . BMA B 2 .   ? 3.571   4.356   13.175  1.00 10.45 ? 3    BMA B O5  1 
HETATM 1165 O O6  . BMA B 2 .   ? 4.034   4.043   10.315  1.00 11.98 ? 3    BMA B O6  1 
HETATM 1166 C C1  . BMA B 2 .   ? 7.722   4.072   10.974  1.00 8.44  ? 4    BMA B C1  1 
HETATM 1167 C C2  . BMA B 2 .   ? 8.549   4.871   9.984   1.00 7.73  ? 4    BMA B C2  1 
HETATM 1168 C C3  . BMA B 2 .   ? 9.348   3.913   9.082   1.00 8.36  ? 4    BMA B C3  1 
HETATM 1169 C C4  . BMA B 2 .   ? 10.150  2.905   9.913   1.00 7.81  ? 4    BMA B C4  1 
HETATM 1170 C C5  . BMA B 2 .   ? 9.206   2.204   10.902  1.00 9.82  ? 4    BMA B C5  1 
HETATM 1171 C C6  . BMA B 2 .   ? 9.891   1.205   11.824  1.00 10.84 ? 4    BMA B C6  1 
HETATM 1172 O O2  . BMA B 2 .   ? 9.387   5.768   10.719  1.00 9.89  ? 4    BMA B O2  1 
HETATM 1173 O O3  . BMA B 2 .   ? 10.227  4.647   8.222   1.00 9.97  ? 4    BMA B O3  1 
HETATM 1174 O O4  . BMA B 2 .   ? 10.645  1.913   9.034   1.00 10.26 ? 4    BMA B O4  1 
HETATM 1175 O O5  . BMA B 2 .   ? 8.564   3.176   11.723  1.00 9.66  ? 4    BMA B O5  1 
HETATM 1176 O O6  . BMA B 2 .   ? 10.883  1.835   12.617  1.00 12.93 ? 4    BMA B O6  1 
HETATM 1177 C C1  . BMA B 2 .   ? 12.027  1.549   9.161   1.00 10.00 ? 5    BMA B C1  1 
HETATM 1178 C C2  . BMA B 2 .   ? 12.190  0.094   8.721   1.00 12.12 ? 5    BMA B C2  1 
HETATM 1179 C C3  . BMA B 2 .   ? 13.687  -0.242  8.736   1.00 12.27 ? 5    BMA B C3  1 
HETATM 1180 C C4  . BMA B 2 .   ? 14.492  0.739   7.900   1.00 14.51 ? 5    BMA B C4  1 
HETATM 1181 C C5  . BMA B 2 .   ? 14.223  2.145   8.422   1.00 13.81 ? 5    BMA B C5  1 
HETATM 1182 C C6  . BMA B 2 .   ? 14.948  3.204   7.588   1.00 16.27 ? 5    BMA B C6  1 
HETATM 1183 O O2  . BMA B 2 .   ? 11.678  -0.022  7.421   1.00 13.01 ? 5    BMA B O2  1 
HETATM 1184 O O3  . BMA B 2 .   ? 13.795  -1.569  8.222   1.00 16.41 ? 5    BMA B O3  1 
HETATM 1185 O O4  . BMA B 2 .   ? 15.905  0.517   7.992   1.00 18.47 ? 5    BMA B O4  1 
HETATM 1186 O O5  . BMA B 2 .   ? 12.817  2.442   8.397   1.00 12.09 ? 5    BMA B O5  1 
HETATM 1187 O O6  . BMA B 2 .   ? 15.017  4.413   8.297   1.00 17.13 ? 5    BMA B O6  1 
HETATM 1188 C C1  . BMA B 2 .   ? 16.481  0.020   6.777   1.00 21.50 ? 6    BMA B C1  1 
HETATM 1189 C C2  . BMA B 2 .   ? 17.984  0.285   6.869   1.00 24.57 ? 6    BMA B C2  1 
HETATM 1190 C C3  . BMA B 2 .   ? 18.686  -0.245  5.636   1.00 27.59 ? 6    BMA B C3  1 
HETATM 1191 C C4  . BMA B 2 .   ? 18.301  -1.702  5.429   1.00 27.21 ? 6    BMA B C4  1 
HETATM 1192 C C5  . BMA B 2 .   ? 16.770  -1.884  5.444   1.00 26.72 ? 6    BMA B C5  1 
HETATM 1193 C C6  . BMA B 2 .   ? 16.291  -3.333  5.358   1.00 26.32 ? 6    BMA B C6  1 
HETATM 1194 O O2  . BMA B 2 .   ? 18.493  -0.346  8.024   1.00 25.65 ? 6    BMA B O2  1 
HETATM 1195 O O3  . BMA B 2 .   ? 20.096  -0.082  5.787   1.00 31.08 ? 6    BMA B O3  1 
HETATM 1196 O O4  . BMA B 2 .   ? 18.854  -2.062  4.185   1.00 28.15 ? 6    BMA B O4  1 
HETATM 1197 O O5  . BMA B 2 .   ? 16.211  -1.340  6.629   1.00 20.29 ? 6    BMA B O5  1 
HETATM 1198 O O6  . BMA B 2 .   ? 16.672  -4.172  6.436   1.00 30.23 ? 6    BMA B O6  1 
HETATM 1199 O O   . HOH C 3 .   ? 8.625   -0.094  15.373  1.00 36.03 ? 2001 HOH A O   1 
HETATM 1200 O O   . HOH C 3 .   ? 14.649  1.315   12.526  0.50 25.58 ? 2002 HOH A O   1 
HETATM 1201 O O   . HOH C 3 .   ? 12.001  -2.056  11.930  1.00 28.23 ? 2003 HOH A O   1 
HETATM 1202 O O   . HOH C 3 .   ? -0.603  17.462  -23.707 1.00 30.20 ? 2004 HOH A O   1 
HETATM 1203 O O   . HOH C 3 .   ? -3.587  14.620  -16.672 1.00 35.16 ? 2005 HOH A O   1 
HETATM 1204 O O   . HOH C 3 .   ? -3.506  18.797  -23.901 1.00 34.99 ? 2006 HOH A O   1 
HETATM 1205 O O   . HOH C 3 .   ? 0.391   13.785  -26.695 1.00 30.73 ? 2007 HOH A O   1 
HETATM 1206 O O   . HOH C 3 .   ? -5.469  10.706  -15.141 1.00 21.00 ? 2008 HOH A O   1 
HETATM 1207 O O   . HOH C 3 .   ? 6.215   7.701   -15.096 1.00 22.54 ? 2009 HOH A O   1 
HETATM 1208 O O   . HOH C 3 .   ? -4.318  4.165   -20.167 1.00 30.41 ? 2010 HOH A O   1 
HETATM 1209 O O   . HOH C 3 .   ? -0.010  3.018   -18.672 1.00 14.37 ? 2011 HOH A O   1 
HETATM 1210 O O   . HOH C 3 .   ? -1.817  4.663   -20.002 0.50 27.06 ? 2012 HOH A O   1 
HETATM 1211 O O   . HOH C 3 .   ? 8.031   0.426   -13.296 1.00 35.29 ? 2013 HOH A O   1 
HETATM 1212 O O   . HOH C 3 .   ? 5.196   6.483   -12.693 1.00 14.79 ? 2014 HOH A O   1 
HETATM 1213 O O   . HOH C 3 .   ? 5.229   8.281   -17.605 1.00 22.41 ? 2015 HOH A O   1 
HETATM 1214 O O   . HOH C 3 .   ? 2.494   5.858   -20.317 1.00 15.15 ? 2016 HOH A O   1 
HETATM 1215 O O   . HOH C 3 .   ? 13.779  -4.558  -11.476 1.00 30.44 ? 2017 HOH A O   1 
HETATM 1216 O O   . HOH C 3 .   ? 2.651   0.314   -16.804 0.50 12.02 ? 2018 HOH A O   1 
HETATM 1217 O O   . HOH C 3 .   ? 1.524   -0.626  -16.645 0.50 14.71 ? 2019 HOH A O   1 
HETATM 1218 O O   . HOH C 3 .   ? 14.952  -2.835  -10.023 0.50 24.55 ? 2020 HOH A O   1 
HETATM 1219 O O   . HOH C 3 .   ? 10.419  -1.307  -10.540 1.00 28.77 ? 2021 HOH A O   1 
HETATM 1220 O O   . HOH C 3 .   ? 2.677   5.112   -12.561 1.00 10.54 ? 2022 HOH A O   1 
HETATM 1221 O O   . HOH C 3 .   ? 4.920   1.953   -15.604 1.00 17.94 ? 2023 HOH A O   1 
HETATM 1222 O O   . HOH C 3 .   ? 6.883   3.223   -13.051 1.00 28.36 ? 2024 HOH A O   1 
HETATM 1223 O O   . HOH C 3 .   ? 11.507  -10.417 2.473   0.50 15.99 ? 2025 HOH A O   1 
HETATM 1224 O O   . HOH C 3 .   ? 5.824   -2.733  -10.836 1.00 15.28 ? 2026 HOH A O   1 
HETATM 1225 O O   . HOH C 3 .   ? 3.609   -18.827 4.419   1.00 38.39 ? 2027 HOH A O   1 
HETATM 1226 O O   . HOH C 3 .   ? -0.079  -19.666 4.833   1.00 34.30 ? 2028 HOH A O   1 
HETATM 1227 O O   . HOH C 3 .   ? -2.030  -20.889 3.331   1.00 29.85 ? 2029 HOH A O   1 
HETATM 1228 O O   . HOH C 3 .   ? -6.435  -10.227 -8.545  1.00 37.00 ? 2030 HOH A O   1 
HETATM 1229 O O   . HOH C 3 .   ? -1.334  -16.204 -3.725  1.00 13.59 ? 2031 HOH A O   1 
HETATM 1230 O O   . HOH C 3 .   ? 6.490   -16.346 -1.489  1.00 19.05 ? 2032 HOH A O   1 
HETATM 1231 O O   . HOH C 3 .   ? 3.870   -18.736 -2.601  1.00 11.04 ? 2033 HOH A O   1 
HETATM 1232 O O   . HOH C 3 .   ? 7.738   -2.068  17.935  1.00 25.77 ? 2034 HOH A O   1 
HETATM 1233 O O   . HOH C 3 .   ? 7.917   -3.429  15.406  1.00 26.53 ? 2035 HOH A O   1 
HETATM 1234 O O   . HOH C 3 .   ? 10.469  -10.664 -6.702  1.00 25.32 ? 2036 HOH A O   1 
HETATM 1235 O O   . HOH C 3 .   ? 9.321   -13.162 -2.751  1.00 24.79 ? 2037 HOH A O   1 
HETATM 1236 O O   . HOH C 3 .   ? 14.049  -7.145  -13.668 1.00 30.88 ? 2038 HOH A O   1 
HETATM 1237 O O   . HOH C 3 .   ? 17.570  -5.282  -11.746 1.00 43.15 ? 2039 HOH A O   1 
HETATM 1238 O O   . HOH C 3 .   ? 12.702  -1.264  -8.740  1.00 17.77 ? 2040 HOH A O   1 
HETATM 1239 O O   . HOH C 3 .   ? 13.658  -8.190  -7.372  1.00 32.88 ? 2041 HOH A O   1 
HETATM 1240 O O   . HOH C 3 .   ? 7.280   -0.559  -10.208 1.00 24.11 ? 2042 HOH A O   1 
HETATM 1241 O O   . HOH C 3 .   ? 11.745  -8.790  -5.216  1.00 26.04 ? 2043 HOH A O   1 
HETATM 1242 O O   . HOH C 3 .   ? 3.548   15.050  -9.542  1.00 36.71 ? 2044 HOH A O   1 
HETATM 1243 O O   . HOH C 3 .   ? 3.880   12.784  -13.507 0.50 20.02 ? 2045 HOH A O   1 
HETATM 1244 O O   . HOH C 3 .   ? 16.075  -5.139  2.297   1.00 29.72 ? 2046 HOH A O   1 
HETATM 1245 O O   . HOH C 3 .   ? 16.511  -2.678  -0.049  1.00 27.42 ? 2047 HOH A O   1 
HETATM 1246 O O   . HOH C 3 .   ? 16.820  -6.670  -4.059  0.50 22.41 ? 2048 HOH A O   1 
HETATM 1247 O O   . HOH C 3 .   ? 12.771  -8.205  0.962   1.00 20.85 ? 2049 HOH A O   1 
HETATM 1248 O O   . HOH C 3 .   ? 7.146   -8.836  7.018   1.00 31.50 ? 2050 HOH A O   1 
HETATM 1249 O O   . HOH C 3 .   ? 11.679  -6.559  6.831   0.50 21.89 ? 2051 HOH A O   1 
HETATM 1250 O O   . HOH C 3 .   ? 8.789   -10.343 2.923   0.50 17.04 ? 2052 HOH A O   1 
HETATM 1251 O O   . HOH C 3 .   ? -12.198 -14.133 -0.776  0.50 28.30 ? 2053 HOH A O   1 
HETATM 1252 O O   . HOH C 3 .   ? -13.278 -8.295  10.481  1.00 19.60 ? 2054 HOH A O   1 
HETATM 1253 O O   . HOH C 3 .   ? -12.504 0.352   14.196  1.00 37.88 ? 2055 HOH A O   1 
HETATM 1254 O O   . HOH C 3 .   ? -9.555  0.816   16.590  1.00 33.06 ? 2056 HOH A O   1 
HETATM 1255 O O   . HOH C 3 .   ? 10.163  -6.447  13.470  0.50 15.53 ? 2057 HOH A O   1 
HETATM 1256 O O   . HOH C 3 .   ? 8.057   -7.533  9.622   1.00 27.16 ? 2058 HOH A O   1 
HETATM 1257 O O   . HOH C 3 .   ? 18.022  4.259   3.182   1.00 42.10 ? 2059 HOH A O   1 
HETATM 1258 O O   . HOH C 3 .   ? 6.553   -14.318 2.628   1.00 21.74 ? 2060 HOH A O   1 
HETATM 1259 O O   . HOH C 3 .   ? 5.079   -16.712 5.516   1.00 16.49 ? 2061 HOH A O   1 
HETATM 1260 O O   . HOH C 3 .   ? 5.967   7.825   14.567  1.00 26.16 ? 2062 HOH A O   1 
HETATM 1261 O O   . HOH C 3 .   ? -1.339  -17.472 3.826   1.00 20.21 ? 2063 HOH A O   1 
HETATM 1262 O O   . HOH C 3 .   ? 3.079   8.326   13.881  1.00 35.08 ? 2064 HOH A O   1 
HETATM 1263 O O   . HOH C 3 .   ? 7.159   -12.245 0.893   1.00 16.95 ? 2065 HOH A O   1 
HETATM 1264 O O   . HOH C 3 .   ? 2.298   -17.954 1.767   1.00 14.33 ? 2066 HOH A O   1 
HETATM 1265 O O   . HOH C 3 .   ? -4.846  10.951  7.245   1.00 33.30 ? 2067 HOH A O   1 
HETATM 1266 O O   . HOH C 3 .   ? -8.646  -22.879 -2.273  1.00 18.99 ? 2068 HOH A O   1 
HETATM 1267 O O   . HOH C 3 .   ? -16.314 -1.802  12.120  1.00 30.77 ? 2069 HOH A O   1 
HETATM 1268 O O   . HOH C 3 .   ? -8.269  -16.760 -6.318  1.00 32.03 ? 2070 HOH A O   1 
HETATM 1269 O O   . HOH C 3 .   ? -19.959 -7.150  5.670   1.00 35.55 ? 2071 HOH A O   1 
HETATM 1270 O O   . HOH C 3 .   ? 0.446   -13.598 6.928   0.50 14.02 ? 2072 HOH A O   1 
HETATM 1271 O O   . HOH C 3 .   ? -1.790  -14.684 14.532  1.00 34.40 ? 2073 HOH A O   1 
HETATM 1272 O O   . HOH C 3 .   ? -2.147  -11.460 15.119  1.00 32.78 ? 2074 HOH A O   1 
HETATM 1273 O O   . HOH C 3 .   ? 7.137   -10.336 21.475  0.50 22.81 ? 2075 HOH A O   1 
HETATM 1274 O O   . HOH C 3 .   ? -5.888  -5.954  22.477  1.00 28.38 ? 2076 HOH A O   1 
HETATM 1275 O O   . HOH C 3 .   ? -1.005  -10.893 22.278  1.00 33.17 ? 2077 HOH A O   1 
HETATM 1276 O O   . HOH C 3 .   ? 4.140   -7.389  21.206  1.00 31.76 ? 2078 HOH A O   1 
HETATM 1277 O O   . HOH C 3 .   ? -4.235  -9.693  24.381  1.00 21.33 ? 2079 HOH A O   1 
HETATM 1278 O O   . HOH C 3 .   ? 5.624   -1.140  19.593  1.00 27.89 ? 2080 HOH A O   1 
HETATM 1279 O O   . HOH C 3 .   ? 9.632   -6.236  15.387  0.50 26.00 ? 2081 HOH A O   1 
HETATM 1280 O O   . HOH C 3 .   ? 10.884  -8.778  19.162  0.50 26.68 ? 2082 HOH A O   1 
HETATM 1281 O O   . HOH C 3 .   ? -13.662 2.752   -10.909 1.00 36.23 ? 2083 HOH A O   1 
HETATM 1282 O O   . HOH C 3 .   ? 16.872  3.659   -2.521  1.00 34.60 ? 2084 HOH A O   1 
HETATM 1283 O O   . HOH C 3 .   ? 9.104   4.533   -14.429 1.00 42.86 ? 2085 HOH A O   1 
HETATM 1284 O O   . HOH C 3 .   ? 9.853   6.359   -12.703 1.00 33.80 ? 2086 HOH A O   1 
HETATM 1285 O O   . HOH C 3 .   ? 7.375   5.736   -11.790 1.00 27.47 ? 2087 HOH A O   1 
HETATM 1286 O O   . HOH C 3 .   ? 16.242  -0.931  -1.975  1.00 27.18 ? 2088 HOH A O   1 
HETATM 1287 O O   . HOH C 3 .   ? 15.676  -5.088  -7.489  1.00 25.62 ? 2089 HOH A O   1 
HETATM 1288 O O   . HOH C 3 .   ? 18.965  -0.601  -11.630 0.50 29.18 ? 2090 HOH A O   1 
HETATM 1289 O O   . HOH C 3 .   ? 16.131  -3.120  -9.183  0.50 32.06 ? 2091 HOH A O   1 
HETATM 1290 O O   . HOH C 3 .   ? 16.944  4.933   -7.141  1.00 32.47 ? 2092 HOH A O   1 
HETATM 1291 O O   . HOH C 3 .   ? 14.338  4.071   -4.952  1.00 20.52 ? 2093 HOH A O   1 
HETATM 1292 O O   . HOH C 3 .   ? 11.887  8.508   -2.962  1.00 28.25 ? 2094 HOH A O   1 
HETATM 1293 O O   . HOH C 3 .   ? 14.466  8.093   -7.236  1.00 38.26 ? 2095 HOH A O   1 
HETATM 1294 O O   . HOH C 3 .   ? 11.887  7.226   -11.238 1.00 31.78 ? 2096 HOH A O   1 
HETATM 1295 O O   . HOH C 3 .   ? 8.162   9.477   -11.199 1.00 20.38 ? 2097 HOH A O   1 
HETATM 1296 O O   . HOH C 3 .   ? 11.448  10.708  -8.844  0.50 15.82 ? 2098 HOH A O   1 
HETATM 1297 O O   . HOH C 3 .   ? 2.229   12.543  -11.118 1.00 17.16 ? 2099 HOH A O   1 
HETATM 1298 O O   . HOH C 3 .   ? 5.364   8.826   -11.015 1.00 13.64 ? 2100 HOH A O   1 
HETATM 1299 O O   . HOH C 3 .   ? 4.615   11.257  -12.390 0.50 16.93 ? 2101 HOH A O   1 
HETATM 1300 O O   . HOH C 3 .   ? -0.389  14.673  -8.966  1.00 24.20 ? 2102 HOH A O   1 
HETATM 1301 O O   . HOH C 3 .   ? -10.979 -4.965  -8.360  1.00 21.12 ? 2103 HOH A O   1 
HETATM 1302 O O   . HOH C 3 .   ? -13.568 -6.586  -4.978  1.00 33.97 ? 2104 HOH A O   1 
HETATM 1303 O O   . HOH C 3 .   ? -13.183 -12.680 0.550   0.50 22.53 ? 2105 HOH A O   1 
HETATM 1304 O O   . HOH C 3 .   ? -6.647  -11.877 13.763  1.00 32.53 ? 2106 HOH A O   1 
HETATM 1305 O O   . HOH C 3 .   ? -12.785 -8.006  13.107  1.00 18.53 ? 2107 HOH A O   1 
HETATM 1306 O O   . HOH C 3 .   ? -12.665 -3.974  14.033  1.00 27.21 ? 2108 HOH A O   1 
HETATM 1307 O O   . HOH C 3 .   ? -11.446 -12.487 9.197   1.00 30.21 ? 2109 HOH A O   1 
HETATM 1308 O O   . HOH C 3 .   ? -5.607  -3.103  11.335  1.00 17.07 ? 2110 HOH A O   1 
HETATM 1309 O O   . HOH C 3 .   ? -9.985  -1.045  14.522  1.00 19.32 ? 2111 HOH A O   1 
HETATM 1310 O O   . HOH C 3 .   ? -10.356 6.956   11.578  1.00 34.10 ? 2112 HOH A O   1 
HETATM 1311 O O   . HOH C 3 .   ? 14.161  10.585  -3.807  1.00 30.17 ? 2113 HOH A O   1 
HETATM 1312 O O   . HOH C 3 .   ? 15.879  5.562   4.682   1.00 20.86 ? 2114 HOH A O   1 
HETATM 1313 O O   . HOH C 3 .   ? 13.125  5.581   4.926   1.00 18.21 ? 2115 HOH A O   1 
HETATM 1314 O O   . HOH C 3 .   ? 18.130  12.868  4.965   1.00 32.06 ? 2116 HOH A O   1 
HETATM 1315 O O   . HOH C 3 .   ? 18.438  8.490   4.179   1.00 34.98 ? 2117 HOH A O   1 
HETATM 1316 O O   . HOH C 3 .   ? 10.547  8.100   6.863   1.00 18.37 ? 2118 HOH A O   1 
HETATM 1317 O O   . HOH C 3 .   ? 12.680  5.700   9.015   1.00 15.36 ? 2119 HOH A O   1 
HETATM 1318 O O   . HOH C 3 .   ? 13.727  16.147  6.187   1.00 23.35 ? 2120 HOH A O   1 
HETATM 1319 O O   . HOH C 3 .   ? 6.421   12.556  10.028  1.00 10.23 ? 2121 HOH A O   1 
HETATM 1320 O O   . HOH C 3 .   ? 9.340   10.192  10.965  1.00 22.97 ? 2122 HOH A O   1 
HETATM 1321 O O   . HOH C 3 .   ? 6.358   11.330  13.983  1.00 33.04 ? 2123 HOH A O   1 
HETATM 1322 O O   . HOH C 3 .   ? 4.176   12.933  8.308   1.00 8.89  ? 2124 HOH A O   1 
HETATM 1323 O O   . HOH C 3 .   ? 1.825   7.982   11.560  1.00 11.70 ? 2125 HOH A O   1 
HETATM 1324 O O   . HOH C 3 .   ? 3.736   11.346  11.786  1.00 12.52 ? 2126 HOH A O   1 
HETATM 1325 O O   . HOH C 3 .   ? -3.518  12.670  2.925   1.00 25.57 ? 2127 HOH A O   1 
HETATM 1326 O O   . HOH C 3 .   ? -8.026  9.381   6.813   0.50 14.35 ? 2128 HOH A O   1 
HETATM 1327 O O   . HOH C 3 .   ? -4.657  5.780   11.736  1.00 29.25 ? 2129 HOH A O   1 
HETATM 1328 O O   . HOH C 3 .   ? -11.272 6.498   5.159   1.00 31.90 ? 2130 HOH A O   1 
HETATM 1329 O O   . HOH C 3 .   ? -11.060 5.266   9.278   1.00 30.52 ? 2131 HOH A O   1 
HETATM 1330 O O   . HOH C 3 .   ? -14.097 2.382   12.080  1.00 48.96 ? 2132 HOH A O   1 
HETATM 1331 O O   . HOH C 3 .   ? -12.846 4.079   5.433   1.00 22.49 ? 2133 HOH A O   1 
HETATM 1332 O O   . HOH C 3 .   ? -15.941 -0.459  5.824   1.00 38.40 ? 2134 HOH A O   1 
HETATM 1333 O O   . HOH C 3 .   ? -16.476 -0.109  9.089   1.00 29.13 ? 2135 HOH A O   1 
HETATM 1334 O O   . HOH C 3 .   ? -17.355 -3.124  3.424   1.00 37.31 ? 2136 HOH A O   1 
HETATM 1335 O O   . HOH C 3 .   ? -12.838 -10.386 8.414   1.00 26.43 ? 2137 HOH A O   1 
HETATM 1336 O O   . HOH C 3 .   ? -17.892 -5.371  6.586   1.00 26.96 ? 2138 HOH A O   1 
HETATM 1337 O O   . HOH C 3 .   ? -19.597 -9.909  5.488   1.00 24.00 ? 2139 HOH A O   1 
HETATM 1338 O O   . HOH C 3 .   ? -22.632 -8.314  1.576   1.00 27.91 ? 2140 HOH A O   1 
HETATM 1339 O O   . HOH C 3 .   ? -14.804 -10.670 -0.373  1.00 24.03 ? 2141 HOH A O   1 
HETATM 1340 O O   . HOH C 3 .   ? -8.602  -13.742 0.026   1.00 28.46 ? 2142 HOH A O   1 
HETATM 1341 O O   . HOH C 3 .   ? -15.500 -1.848  -4.067  1.00 20.18 ? 2143 HOH A O   1 
HETATM 1342 O O   . HOH C 3 .   ? -13.885 3.226   -2.000  0.50 19.15 ? 2144 HOH A O   1 
HETATM 1343 O O   . HOH C 3 .   ? -13.827 0.662   4.770   1.00 29.04 ? 2145 HOH A O   1 
HETATM 1344 O O   . HOH C 3 .   ? -11.566 -2.611  3.171   1.00 13.58 ? 2146 HOH A O   1 
HETATM 1345 O O   . HOH C 3 .   ? -11.703 5.254   -2.819  1.00 21.42 ? 2147 HOH A O   1 
HETATM 1346 O O   . HOH C 3 .   ? -3.382  13.130  -7.075  1.00 17.51 ? 2148 HOH A O   1 
HETATM 1347 O O   . HOH C 3 .   ? -8.235  10.547  -2.090  0.50 15.99 ? 2149 HOH A O   1 
HETATM 1348 O O   . HOH C 3 .   ? -6.508  10.730  -0.098  0.50 27.75 ? 2150 HOH A O   1 
HETATM 1349 O O   . HOH C 3 .   ? -9.115  13.239  -7.409  1.00 16.19 ? 2151 HOH A O   1 
HETATM 1350 O O   . HOH C 3 .   ? -2.567  12.166  0.139   1.00 13.75 ? 2152 HOH A O   1 
HETATM 1351 O O   . HOH C 3 .   ? -5.658  13.483  0.435   1.00 38.55 ? 2153 HOH A O   1 
HETATM 1352 O O   . HOH C 3 .   ? -3.296  17.181  1.579   1.00 32.97 ? 2154 HOH A O   1 
HETATM 1353 O O   . HOH C 3 .   ? -2.179  15.113  -5.416  1.00 31.41 ? 2155 HOH A O   1 
HETATM 1354 O O   . HOH C 3 .   ? -5.855  15.728  -3.809  1.00 35.58 ? 2156 HOH A O   1 
HETATM 1355 O O   . HOH C 3 .   ? 1.736   15.145  -4.729  1.00 21.24 ? 2157 HOH A O   1 
HETATM 1356 O O   . HOH C 3 .   ? 9.802   18.404  -3.998  1.00 22.55 ? 2158 HOH A O   1 
HETATM 1357 O O   . HOH C 3 .   ? 4.526   12.612  -4.174  1.00 9.19  ? 2159 HOH A O   1 
HETATM 1358 O O   . HOH C 3 .   ? 14.270  8.040   -2.021  1.00 21.82 ? 2160 HOH A O   1 
HETATM 1359 O O   . HOH C 3 .   ? -5.339  -4.291  15.307  1.00 18.34 ? 2161 HOH A O   1 
HETATM 1360 O O   . HOH C 3 .   ? 0.317   -4.558  15.318  1.00 10.03 ? 2162 HOH A O   1 
HETATM 1361 O O   . HOH C 3 .   ? -2.710  -1.069  21.007  1.00 25.24 ? 2163 HOH A O   1 
HETATM 1362 O O   . HOH C 3 .   ? -6.087  -7.920  20.294  1.00 22.69 ? 2164 HOH A O   1 
HETATM 1363 O O   . HOH C 3 .   ? -8.032  -4.481  21.798  1.00 32.46 ? 2165 HOH A O   1 
HETATM 1364 O O   . HOH C 3 .   ? -3.122  -4.044  22.359  1.00 41.23 ? 2166 HOH A O   1 
HETATM 1365 O O   . HOH C 3 .   ? -8.522  -1.845  21.715  1.00 36.69 ? 2167 HOH A O   1 
HETATM 1366 O O   . HOH C 3 .   ? -8.923  -3.292  16.741  1.00 36.48 ? 2168 HOH A O   1 
HETATM 1367 O O   . HOH C 3 .   ? -9.401  -9.792  14.697  1.00 24.77 ? 2169 HOH A O   1 
HETATM 1368 O O   . HOH C 3 .   ? -8.692  -7.240  17.463  1.00 30.23 ? 2170 HOH A O   1 
HETATM 1369 O O   . HOH C 3 .   ? -6.843  -4.900  9.722   1.00 10.93 ? 2171 HOH A O   1 
HETATM 1370 O O   . HOH C 3 .   ? -3.002  -17.836 9.287   1.00 53.07 ? 2172 HOH A O   1 
HETATM 1371 O O   . HOH C 3 .   ? -4.580  -16.861 6.292   1.00 32.64 ? 2173 HOH A O   1 
HETATM 1372 O O   . HOH C 3 .   ? -7.211  -16.104 3.850   1.00 30.94 ? 2174 HOH A O   1 
HETATM 1373 O O   . HOH C 3 .   ? -9.173  -10.022 -8.146  1.00 44.45 ? 2175 HOH A O   1 
HETATM 1374 O O   . HOH C 3 .   ? -5.505  8.758   -13.008 1.00 13.02 ? 2176 HOH A O   1 
HETATM 1375 O O   . HOH C 3 .   ? -0.673  11.820  -15.572 1.00 20.49 ? 2177 HOH A O   1 
HETATM 1376 O O   . HOH C 3 .   ? -2.726  14.122  -9.698  1.00 30.44 ? 2178 HOH A O   1 
HETATM 1377 O O   . HOH C 3 .   ? -12.346 7.520   -7.648  0.50 19.87 ? 2179 HOH A O   1 
HETATM 1378 O O   . HOH C 3 .   ? -7.413  9.412   -17.242 1.00 17.94 ? 2180 HOH A O   1 
HETATM 1379 O O   . HOH C 3 .   ? -5.375  13.264  -13.826 1.00 16.56 ? 2181 HOH A O   1 
HETATM 1380 O O   . HOH C 3 .   ? -8.819  16.185  -15.240 1.00 34.36 ? 2182 HOH A O   1 
HETATM 1381 O O   . HOH C 3 .   ? -12.050 13.778  -15.956 1.00 27.95 ? 2183 HOH A O   1 
HETATM 1382 O O   . HOH C 3 .   ? -12.594 3.598   -13.094 1.00 34.56 ? 2184 HOH A O   1 
HETATM 1383 O O   . HOH C 3 .   ? -6.833  3.478   -18.468 1.00 24.97 ? 2185 HOH A O   1 
HETATM 1384 O O   . HOH C 3 .   ? -10.461 -3.803  -13.657 1.00 36.06 ? 2186 HOH A O   1 
HETATM 1385 O O   . HOH C 3 .   ? -12.868 0.270   -10.125 1.00 35.06 ? 2187 HOH A O   1 
HETATM 1386 O O   . HOH C 3 .   ? -6.964  -4.459  -12.410 1.00 39.60 ? 2188 HOH A O   1 
HETATM 1387 O O   . HOH C 3 .   ? -5.670  0.728   19.879  1.00 30.42 ? 2189 HOH A O   1 
HETATM 1388 O O   . HOH C 3 .   ? -3.137  8.568   14.471  1.00 15.76 ? 2190 HOH A O   1 
HETATM 1389 O O   . HOH C 3 .   ? 6.032   0.229   15.998  1.00 14.66 ? 2191 HOH A O   1 
HETATM 1390 O O   . HOH C 3 .   ? 8.130   7.434   12.933  1.00 21.25 ? 2192 HOH A O   1 
HETATM 1391 O O   . HOH C 3 .   ? 5.694   4.696   8.233   1.00 21.03 ? 2193 HOH A O   1 
HETATM 1392 O O   . HOH C 3 .   ? 8.331   3.149   16.765  1.00 31.79 ? 2194 HOH A O   1 
HETATM 1393 O O   . HOH C 3 .   ? 10.842  4.829   13.154  1.00 23.68 ? 2195 HOH A O   1 
HETATM 1394 O O   . HOH C 3 .   ? 10.129  8.002   9.556   1.00 19.62 ? 2196 HOH A O   1 
HETATM 1395 O O   . HOH C 3 .   ? 13.508  0.154   12.511  0.50 22.80 ? 2197 HOH A O   1 
HETATM 1396 O O   . HOH C 3 .   ? 12.105  -3.418  9.535   1.00 23.96 ? 2198 HOH A O   1 
HETATM 1397 O O   . HOH C 3 .   ? 16.934  6.359   7.206   1.00 32.56 ? 2199 HOH A O   1 
HETATM 1398 O O   . HOH C 3 .   ? 17.686  0.994   10.497  1.00 40.01 ? 2200 HOH A O   1 
# 
